data_4U2K
#
_entry.id   4U2K
#
_cell.length_a   91.280
_cell.length_b   91.280
_cell.length_c   137.227
_cell.angle_alpha   90.000
_cell.angle_beta   90.000
_cell.angle_gamma   120.000
#
_symmetry.space_group_name_H-M   'P 31'
#
loop_
_entity.id
_entity.type
_entity.pdbx_description
1 polymer 'Uridine phosphorylase'
2 non-polymer 1,2-ETHANEDIOL
3 non-polymer 1-[(2R)-2,3-diaminopropyl]-5-fluoropyrimidine-2,4(1H,3H)-dione
4 non-polymer GLYCEROL
5 non-polymer DI(HYDROXYETHYL)ETHER
6 non-polymer 1-[(2S)-2,3-diaminopropyl]-5-fluoropyrimidine-2,4(1H,3H)-dione
7 non-polymer 2-AMINO-2-HYDROXYMETHYL-PROPANE-1,3-DIOL
8 water water
#
_entity_poly.entity_id   1
_entity_poly.type   'polypeptide(L)'
_entity_poly.pdbx_seq_one_letter_code
;MTKTVFHLGVTEADLNGATLAIIPGDPARVQKIAELMDNPVFLASHREYTVYRAELDGQSVVVCSTGIGGPSTSIAVEEL
AQLGVRTFLRVGTTGAIQPHVNVGDMIVTTGSVRLDGASLHFAPMEFPAVPDFDVATAMKAAAQESGATVHMGVTASSDT
FYPGQERYDTFTGRVVRRFQGSMKEWQDMGVLNFEMESATLLTMCASSGLKAGCVAGVIINRTQKEIPDHATLKETEARS
IKVVVEAARKMLK
;
_entity_poly.pdbx_strand_id   A,B,C,D,E,F
#
# COMPACT_ATOMS: atom_id res chain seq x y z
N LYS A 3 -10.12 -29.76 -23.77
CA LYS A 3 -11.19 -29.83 -22.78
C LYS A 3 -12.23 -28.76 -22.96
N THR A 4 -13.32 -28.90 -22.21
CA THR A 4 -14.42 -27.96 -22.32
C THR A 4 -14.58 -27.06 -21.10
N VAL A 5 -14.95 -25.82 -21.41
CA VAL A 5 -15.19 -24.71 -20.50
C VAL A 5 -15.95 -25.13 -19.23
N PHE A 6 -15.42 -24.76 -18.05
CA PHE A 6 -15.87 -25.31 -16.78
C PHE A 6 -17.18 -24.75 -16.20
N HIS A 7 -17.34 -23.43 -16.19
CA HIS A 7 -18.58 -22.85 -15.70
C HIS A 7 -19.64 -22.63 -16.79
N LEU A 8 -19.22 -22.29 -18.01
CA LEU A 8 -20.20 -21.86 -19.03
C LEU A 8 -21.09 -22.98 -19.59
N GLY A 9 -20.56 -24.19 -19.67
CA GLY A 9 -21.34 -25.32 -20.16
C GLY A 9 -21.63 -25.28 -21.65
N VAL A 10 -20.80 -24.56 -22.40
CA VAL A 10 -20.90 -24.58 -23.84
C VAL A 10 -19.58 -25.02 -24.47
N THR A 11 -19.65 -25.46 -25.72
CA THR A 11 -18.45 -25.86 -26.43
C THR A 11 -18.13 -24.81 -27.47
N GLU A 12 -16.90 -24.85 -28.00
CA GLU A 12 -16.48 -23.90 -29.02
C GLU A 12 -17.31 -24.12 -30.29
N ALA A 13 -17.61 -25.39 -30.57
CA ALA A 13 -18.50 -25.74 -31.68
C ALA A 13 -19.85 -25.04 -31.56
N ASP A 14 -20.41 -25.01 -30.36
CA ASP A 14 -21.68 -24.32 -30.10
C ASP A 14 -21.70 -22.87 -30.52
N LEU A 15 -20.52 -22.31 -30.80
CA LEU A 15 -20.41 -20.87 -31.03
C LEU A 15 -20.39 -20.57 -32.51
N ASN A 16 -20.14 -21.61 -33.29
CA ASN A 16 -20.19 -21.52 -34.74
C ASN A 16 -19.28 -20.43 -35.30
N GLY A 17 -18.11 -20.31 -34.69
CA GLY A 17 -17.12 -19.35 -35.12
C GLY A 17 -17.27 -17.95 -34.53
N ALA A 18 -18.17 -17.76 -33.57
CA ALA A 18 -18.35 -16.41 -33.00
C ALA A 18 -17.04 -15.86 -32.44
N THR A 19 -16.66 -14.64 -32.81
CA THR A 19 -15.46 -14.01 -32.25
C THR A 19 -15.77 -12.78 -31.40
N LEU A 20 -17.05 -12.44 -31.33
CA LEU A 20 -17.52 -11.30 -30.55
C LEU A 20 -18.64 -11.74 -29.62
N ALA A 21 -18.58 -11.28 -28.37
CA ALA A 21 -19.67 -11.54 -27.44
C ALA A 21 -20.27 -10.25 -26.89
N ILE A 22 -21.58 -10.25 -26.68
CA ILE A 22 -22.28 -9.17 -25.99
C ILE A 22 -22.55 -9.68 -24.59
N ILE A 23 -22.06 -8.98 -23.58
CA ILE A 23 -22.08 -9.54 -22.23
C ILE A 23 -22.91 -8.69 -21.23
N PRO A 24 -24.21 -9.00 -21.10
CA PRO A 24 -25.06 -8.32 -20.13
C PRO A 24 -24.84 -8.92 -18.75
N GLY A 25 -25.26 -8.22 -17.70
CA GLY A 25 -25.14 -8.75 -16.35
C GLY A 25 -26.28 -9.70 -16.02
N ASP A 26 -27.49 -9.33 -16.42
CA ASP A 26 -28.70 -10.05 -16.01
C ASP A 26 -29.01 -11.15 -17.01
N PRO A 27 -29.08 -12.40 -16.55
CA PRO A 27 -29.32 -13.54 -17.45
C PRO A 27 -30.66 -13.40 -18.17
N ALA A 28 -31.55 -12.56 -17.65
CA ALA A 28 -32.87 -12.35 -18.24
C ALA A 28 -32.80 -11.52 -19.53
N ARG A 29 -31.71 -10.81 -19.74
CA ARG A 29 -31.61 -9.95 -20.93
C ARG A 29 -30.93 -10.65 -22.11
N VAL A 30 -30.37 -11.82 -21.88
CA VAL A 30 -29.64 -12.53 -22.93
C VAL A 30 -30.54 -12.81 -24.14
N GLN A 31 -31.71 -13.41 -23.89
CA GLN A 31 -32.64 -13.77 -24.95
C GLN A 31 -33.13 -12.59 -25.76
N LYS A 32 -33.30 -11.45 -25.11
CA LYS A 32 -33.83 -10.28 -25.81
C LYS A 32 -32.76 -9.56 -26.62
N ILE A 33 -31.51 -9.62 -26.17
CA ILE A 33 -30.42 -9.10 -26.97
C ILE A 33 -30.31 -9.98 -28.19
N ALA A 34 -30.35 -11.29 -27.97
CA ALA A 34 -30.21 -12.25 -29.07
C ALA A 34 -31.36 -12.08 -30.07
N GLU A 35 -32.53 -11.67 -29.58
CA GLU A 35 -33.71 -11.53 -30.43
C GLU A 35 -33.55 -10.41 -31.47
N LEU A 36 -32.79 -9.38 -31.15
CA LEU A 36 -32.53 -8.29 -32.11
C LEU A 36 -31.65 -8.76 -33.24
N MET A 37 -31.04 -9.93 -33.07
CA MET A 37 -30.18 -10.45 -34.11
C MET A 37 -30.81 -11.65 -34.80
N ASP A 38 -30.23 -12.01 -35.93
CA ASP A 38 -30.76 -13.06 -36.77
C ASP A 38 -30.52 -14.41 -36.16
N ASN A 39 -31.44 -15.32 -36.42
CA ASN A 39 -31.37 -16.72 -35.97
C ASN A 39 -30.98 -16.96 -34.51
N PRO A 40 -31.72 -16.37 -33.56
CA PRO A 40 -31.45 -16.60 -32.14
C PRO A 40 -31.55 -18.07 -31.79
N VAL A 41 -30.67 -18.53 -30.89
CA VAL A 41 -30.65 -19.91 -30.44
C VAL A 41 -30.20 -19.97 -28.97
N PHE A 42 -30.98 -20.65 -28.12
CA PHE A 42 -30.59 -20.90 -26.75
C PHE A 42 -29.47 -21.92 -26.75
N LEU A 43 -28.44 -21.69 -25.94
CA LEU A 43 -27.32 -22.62 -25.89
C LEU A 43 -27.28 -23.37 -24.57
N ALA A 44 -27.11 -22.63 -23.48
CA ALA A 44 -27.07 -23.22 -22.15
C ALA A 44 -27.39 -22.23 -21.05
N SER A 45 -27.75 -22.76 -19.90
CA SER A 45 -27.97 -21.95 -18.71
C SER A 45 -27.41 -22.71 -17.50
N HIS A 46 -26.28 -22.26 -16.98
CA HIS A 46 -25.73 -22.81 -15.76
C HIS A 46 -25.46 -21.64 -14.84
N ARG A 47 -26.06 -21.63 -13.65
CA ARG A 47 -25.91 -20.53 -12.70
C ARG A 47 -26.34 -19.19 -13.31
N GLU A 48 -25.53 -18.16 -13.06
CA GLU A 48 -25.79 -16.82 -13.59
C GLU A 48 -25.41 -16.71 -15.06
N TYR A 49 -25.01 -17.83 -15.64
CA TYR A 49 -24.51 -17.85 -17.01
C TYR A 49 -25.53 -18.44 -17.99
N THR A 50 -26.32 -17.55 -18.60
CA THR A 50 -27.20 -17.93 -19.71
C THR A 50 -26.54 -17.48 -21.03
N VAL A 51 -26.28 -18.46 -21.91
CA VAL A 51 -25.60 -18.26 -23.19
C VAL A 51 -26.52 -18.48 -24.40
N TYR A 52 -26.46 -17.55 -25.37
CA TYR A 52 -27.19 -17.70 -26.64
C TYR A 52 -26.24 -17.47 -27.80
N ARG A 53 -26.61 -18.00 -28.96
CA ARG A 53 -25.89 -17.64 -30.17
C ARG A 53 -26.88 -16.92 -31.05
N ALA A 54 -26.38 -16.11 -31.98
CA ALA A 54 -27.22 -15.48 -32.99
C ALA A 54 -26.30 -15.05 -34.11
N GLU A 55 -26.84 -14.41 -35.13
CA GLU A 55 -26.03 -13.95 -36.23
C GLU A 55 -26.24 -12.47 -36.49
N LEU A 56 -25.16 -11.83 -36.89
CA LEU A 56 -25.18 -10.43 -37.28
C LEU A 56 -24.50 -10.28 -38.64
N ASP A 57 -25.30 -10.11 -39.69
CA ASP A 57 -24.78 -9.98 -41.06
C ASP A 57 -23.89 -11.13 -41.53
N GLY A 58 -24.29 -12.36 -41.21
CA GLY A 58 -23.60 -13.54 -41.68
C GLY A 58 -22.67 -14.16 -40.66
N GLN A 59 -22.35 -13.41 -39.62
CA GLN A 59 -21.38 -13.87 -38.64
C GLN A 59 -21.98 -14.19 -37.27
N SER A 60 -21.49 -15.26 -36.68
CA SER A 60 -21.95 -15.70 -35.36
C SER A 60 -21.53 -14.73 -34.26
N VAL A 61 -22.47 -14.49 -33.35
CA VAL A 61 -22.27 -13.65 -32.16
C VAL A 61 -22.73 -14.48 -30.98
N VAL A 62 -22.09 -14.32 -29.82
CA VAL A 62 -22.63 -14.95 -28.60
C VAL A 62 -23.18 -13.88 -27.69
N VAL A 63 -24.24 -14.20 -26.95
CA VAL A 63 -24.67 -13.33 -25.87
C VAL A 63 -24.53 -14.17 -24.61
N CYS A 64 -23.75 -13.68 -23.66
CA CYS A 64 -23.49 -14.41 -22.43
C CYS A 64 -23.61 -13.48 -21.24
N SER A 65 -24.49 -13.83 -20.32
CA SER A 65 -24.65 -13.06 -19.10
C SER A 65 -23.42 -13.30 -18.22
N THR A 66 -23.13 -12.34 -17.36
CA THR A 66 -21.90 -12.33 -16.58
C THR A 66 -22.22 -12.57 -15.12
N GLY A 67 -23.40 -12.12 -14.70
CA GLY A 67 -23.77 -12.13 -13.29
C GLY A 67 -23.27 -10.87 -12.64
N ILE A 68 -23.40 -10.77 -11.33
CA ILE A 68 -23.01 -9.55 -10.64
C ILE A 68 -21.59 -9.62 -10.11
N GLY A 69 -20.82 -8.56 -10.34
CA GLY A 69 -19.49 -8.42 -9.76
C GLY A 69 -18.37 -8.91 -10.64
N GLY A 70 -17.16 -8.42 -10.38
CA GLY A 70 -15.96 -8.84 -11.09
C GLY A 70 -15.60 -10.33 -11.16
N PRO A 71 -15.67 -11.05 -10.02
CA PRO A 71 -15.35 -12.48 -10.08
C PRO A 71 -16.21 -13.29 -11.05
N SER A 72 -17.51 -13.04 -11.07
CA SER A 72 -18.40 -13.76 -11.99
C SER A 72 -18.04 -13.40 -13.43
N THR A 73 -17.84 -12.11 -13.65
CA THR A 73 -17.49 -11.59 -14.97
C THR A 73 -16.14 -12.09 -15.44
N SER A 74 -15.18 -12.24 -14.53
CA SER A 74 -13.83 -12.64 -14.91
C SER A 74 -13.88 -14.07 -15.43
N ILE A 75 -14.66 -14.89 -14.75
CA ILE A 75 -14.93 -16.26 -15.18
C ILE A 75 -15.55 -16.37 -16.59
N ALA A 76 -16.62 -15.64 -16.86
CA ALA A 76 -17.28 -15.73 -18.17
C ALA A 76 -16.36 -15.32 -19.29
N VAL A 77 -15.64 -14.22 -19.06
CA VAL A 77 -14.81 -13.64 -20.09
C VAL A 77 -13.68 -14.58 -20.41
N GLU A 78 -13.07 -15.10 -19.35
CA GLU A 78 -11.98 -16.05 -19.52
C GLU A 78 -12.40 -17.27 -20.33
N GLU A 79 -13.59 -17.79 -20.03
CA GLU A 79 -14.00 -19.01 -20.66
C GLU A 79 -14.48 -18.80 -22.10
N LEU A 80 -15.16 -17.68 -22.34
CA LEU A 80 -15.48 -17.25 -23.69
C LEU A 80 -14.19 -17.06 -24.51
N ALA A 81 -13.18 -16.46 -23.87
CA ALA A 81 -11.87 -16.30 -24.48
C ALA A 81 -11.25 -17.66 -24.88
N GLN A 82 -11.31 -18.63 -23.97
CA GLN A 82 -10.91 -20.00 -24.27
C GLN A 82 -11.64 -20.56 -25.47
N LEU A 83 -12.90 -20.13 -25.65
CA LEU A 83 -13.76 -20.66 -26.71
C LEU A 83 -13.57 -19.89 -28.02
N GLY A 84 -12.66 -18.93 -28.03
CA GLY A 84 -12.36 -18.20 -29.25
C GLY A 84 -12.87 -16.77 -29.33
N VAL A 85 -13.50 -16.26 -28.27
CA VAL A 85 -13.95 -14.86 -28.26
C VAL A 85 -12.79 -13.90 -28.00
N ARG A 86 -12.81 -12.79 -28.73
CA ARG A 86 -11.75 -11.80 -28.65
C ARG A 86 -12.31 -10.41 -28.31
N THR A 87 -13.60 -10.23 -28.56
CA THR A 87 -14.21 -8.92 -28.42
C THR A 87 -15.44 -9.00 -27.53
N PHE A 88 -15.51 -8.08 -26.56
CA PHE A 88 -16.55 -8.07 -25.53
C PHE A 88 -17.25 -6.70 -25.37
N LEU A 89 -18.54 -6.64 -25.64
CA LEU A 89 -19.27 -5.38 -25.51
C LEU A 89 -20.17 -5.52 -24.32
N ARG A 90 -19.84 -4.82 -23.24
CA ARG A 90 -20.67 -4.78 -22.04
C ARG A 90 -21.85 -3.83 -22.27
N VAL A 91 -23.06 -4.28 -21.95
CA VAL A 91 -24.23 -3.41 -22.03
C VAL A 91 -25.05 -3.50 -20.75
N GLY A 92 -25.79 -2.44 -20.41
CA GLY A 92 -26.62 -2.47 -19.21
C GLY A 92 -27.39 -1.20 -18.88
N THR A 93 -27.79 -1.08 -17.63
CA THR A 93 -28.44 0.16 -17.16
C THR A 93 -27.68 0.72 -15.94
N THR A 94 -27.73 2.03 -15.76
CA THR A 94 -26.94 2.64 -14.69
C THR A 94 -27.60 3.86 -14.04
N GLY A 95 -27.09 4.22 -12.86
CA GLY A 95 -27.49 5.44 -12.19
C GLY A 95 -26.35 6.44 -12.17
N ALA A 96 -26.58 7.59 -12.79
CA ALA A 96 -25.55 8.63 -12.86
C ALA A 96 -25.34 9.30 -11.51
N ILE A 97 -24.22 10.00 -11.37
CA ILE A 97 -23.94 10.76 -10.16
C ILE A 97 -23.53 12.17 -10.52
N GLN A 98 -23.67 12.51 -11.80
CA GLN A 98 -23.51 13.88 -12.23
C GLN A 98 -24.88 14.41 -12.62
N PRO A 99 -25.37 15.43 -11.89
CA PRO A 99 -26.65 16.11 -12.13
C PRO A 99 -26.88 16.54 -13.60
N HIS A 100 -25.81 16.74 -14.35
CA HIS A 100 -25.93 17.12 -15.77
C HIS A 100 -26.14 15.94 -16.70
N VAL A 101 -26.09 14.73 -16.15
CA VAL A 101 -26.37 13.54 -16.94
C VAL A 101 -27.82 13.13 -16.73
N ASN A 102 -28.63 13.23 -17.78
CA ASN A 102 -30.07 12.96 -17.69
C ASN A 102 -30.48 11.53 -17.96
N VAL A 103 -31.63 11.15 -17.41
CA VAL A 103 -32.24 9.84 -17.65
C VAL A 103 -32.51 9.58 -19.13
N GLY A 104 -32.11 8.41 -19.63
CA GLY A 104 -32.29 8.11 -21.03
C GLY A 104 -31.06 8.42 -21.88
N ASP A 105 -30.08 9.10 -21.28
CA ASP A 105 -28.81 9.29 -21.95
C ASP A 105 -28.03 7.97 -21.95
N MET A 106 -27.01 7.89 -22.80
CA MET A 106 -26.13 6.72 -22.86
C MET A 106 -24.76 7.15 -22.36
N ILE A 107 -24.12 6.33 -21.53
CA ILE A 107 -22.74 6.60 -21.11
C ILE A 107 -21.82 5.56 -21.74
N VAL A 108 -20.72 6.01 -22.34
CA VAL A 108 -19.68 5.08 -22.79
C VAL A 108 -18.43 5.28 -21.92
N THR A 109 -18.02 4.23 -21.23
CA THR A 109 -16.89 4.30 -20.31
C THR A 109 -15.54 4.41 -21.06
N THR A 110 -14.77 5.43 -20.71
CA THR A 110 -13.48 5.67 -21.35
C THR A 110 -12.39 5.17 -20.43
N GLY A 111 -12.81 4.80 -19.22
CA GLY A 111 -11.95 4.32 -18.16
C GLY A 111 -12.70 4.12 -16.86
N SER A 112 -12.26 3.13 -16.09
CA SER A 112 -12.85 2.89 -14.77
C SER A 112 -11.95 3.13 -13.54
N VAL A 113 -12.55 3.66 -12.49
CA VAL A 113 -11.92 3.66 -11.18
C VAL A 113 -11.97 2.23 -10.65
N ARG A 114 -10.83 1.71 -10.22
CA ARG A 114 -10.78 0.32 -9.83
C ARG A 114 -11.07 0.18 -8.34
N LEU A 115 -12.36 0.22 -8.00
CA LEU A 115 -12.84 -0.02 -6.63
C LEU A 115 -13.13 -1.51 -6.44
N ASP A 116 -12.39 -2.34 -7.19
CA ASP A 116 -12.61 -3.78 -7.22
C ASP A 116 -11.36 -4.57 -6.82
N GLY A 117 -11.56 -5.86 -6.56
CA GLY A 117 -10.44 -6.73 -6.28
C GLY A 117 -9.93 -7.53 -7.46
N ALA A 118 -10.84 -7.95 -8.34
CA ALA A 118 -10.50 -8.88 -9.43
C ALA A 118 -9.53 -8.32 -10.49
N SER A 119 -9.61 -7.02 -10.74
CA SER A 119 -8.69 -6.36 -11.67
C SER A 119 -7.23 -6.61 -11.25
N LEU A 120 -6.98 -6.57 -9.94
CA LEU A 120 -5.63 -6.75 -9.40
C LEU A 120 -5.10 -8.16 -9.67
N HIS A 121 -5.99 -9.08 -10.04
CA HIS A 121 -5.55 -10.41 -10.44
C HIS A 121 -5.07 -10.43 -11.90
N PHE A 122 -5.21 -9.30 -12.61
CA PHE A 122 -4.68 -9.24 -13.97
C PHE A 122 -3.58 -8.21 -14.18
N ALA A 123 -3.60 -7.16 -13.39
CA ALA A 123 -2.59 -6.13 -13.55
C ALA A 123 -2.56 -5.31 -12.29
N PRO A 124 -1.36 -4.82 -11.90
CA PRO A 124 -1.17 -3.97 -10.73
C PRO A 124 -2.07 -2.73 -10.79
N MET A 125 -2.23 -2.04 -9.67
CA MET A 125 -3.20 -0.95 -9.63
C MET A 125 -2.87 0.16 -10.63
N GLU A 126 -1.58 0.40 -10.83
CA GLU A 126 -1.11 1.42 -11.76
C GLU A 126 -1.65 1.29 -13.19
N PHE A 127 -2.04 0.08 -13.59
CA PHE A 127 -2.52 -0.15 -14.95
C PHE A 127 -3.95 0.40 -15.08
N PRO A 128 -4.25 1.09 -16.19
CA PRO A 128 -5.55 1.75 -16.43
C PRO A 128 -6.65 0.79 -16.86
N ALA A 129 -7.83 0.82 -16.21
CA ALA A 129 -8.99 0.05 -16.69
C ALA A 129 -9.67 0.81 -17.80
N VAL A 130 -9.29 0.45 -19.02
CA VAL A 130 -9.59 1.28 -20.18
CA VAL A 130 -9.58 1.28 -20.19
C VAL A 130 -10.08 0.44 -21.36
N PRO A 131 -11.12 0.91 -22.04
CA PRO A 131 -11.67 0.15 -23.17
C PRO A 131 -10.72 0.11 -24.36
N ASP A 132 -10.97 -0.83 -25.25
CA ASP A 132 -10.43 -0.77 -26.60
C ASP A 132 -10.97 0.48 -27.30
N PHE A 133 -10.09 1.20 -27.97
CA PHE A 133 -10.47 2.39 -28.70
C PHE A 133 -11.53 2.12 -29.78
N ASP A 134 -11.35 1.07 -30.58
CA ASP A 134 -12.34 0.71 -31.61
C ASP A 134 -13.72 0.46 -31.03
N VAL A 135 -13.80 -0.34 -29.96
CA VAL A 135 -15.09 -0.65 -29.35
C VAL A 135 -15.76 0.62 -28.78
N ALA A 136 -14.98 1.49 -28.17
CA ALA A 136 -15.56 2.68 -27.56
C ALA A 136 -16.04 3.65 -28.65
N THR A 137 -15.33 3.67 -29.76
CA THR A 137 -15.71 4.48 -30.93
C THR A 137 -16.97 3.93 -31.60
N ALA A 138 -17.08 2.62 -31.72
CA ALA A 138 -18.26 2.03 -32.32
C ALA A 138 -19.45 2.25 -31.40
N MET A 139 -19.17 2.24 -30.11
CA MET A 139 -20.21 2.37 -29.10
C MET A 139 -20.67 3.82 -29.03
N LYS A 140 -19.73 4.73 -29.25
CA LYS A 140 -20.08 6.13 -29.28
C LYS A 140 -21.01 6.34 -30.48
N ALA A 141 -20.58 5.86 -31.64
CA ALA A 141 -21.32 6.08 -32.89
C ALA A 141 -22.69 5.44 -32.85
N ALA A 142 -22.78 4.23 -32.33
CA ALA A 142 -24.09 3.57 -32.23
C ALA A 142 -24.98 4.33 -31.25
N ALA A 143 -24.39 4.85 -30.18
CA ALA A 143 -25.21 5.61 -29.24
C ALA A 143 -25.67 6.91 -29.87
N GLN A 144 -24.75 7.60 -30.53
CA GLN A 144 -25.08 8.87 -31.17
C GLN A 144 -26.16 8.68 -32.21
N GLU A 145 -26.04 7.63 -33.02
CA GLU A 145 -27.00 7.37 -34.08
C GLU A 145 -28.40 6.99 -33.57
N SER A 146 -28.49 6.65 -32.29
CA SER A 146 -29.76 6.25 -31.69
C SER A 146 -30.67 7.44 -31.40
N GLY A 147 -30.05 8.60 -31.16
CA GLY A 147 -30.80 9.79 -30.79
C GLY A 147 -30.58 10.23 -29.36
N ALA A 148 -29.95 9.36 -28.57
CA ALA A 148 -29.70 9.68 -27.17
C ALA A 148 -28.49 10.62 -27.02
N THR A 149 -28.52 11.46 -26.01
CA THR A 149 -27.33 12.25 -25.62
C THR A 149 -26.28 11.30 -25.10
N VAL A 150 -25.03 11.49 -25.53
CA VAL A 150 -23.97 10.52 -25.27
C VAL A 150 -22.84 11.13 -24.43
N HIS A 151 -22.53 10.52 -23.30
CA HIS A 151 -21.40 10.96 -22.48
C HIS A 151 -20.21 9.98 -22.53
N MET A 152 -19.04 10.48 -22.96
CA MET A 152 -17.79 9.73 -22.83
C MET A 152 -17.07 10.13 -21.53
N GLY A 153 -16.94 9.20 -20.60
CA GLY A 153 -16.19 9.49 -19.40
C GLY A 153 -15.96 8.28 -18.49
N VAL A 154 -15.48 8.61 -17.30
CA VAL A 154 -15.01 7.68 -16.29
C VAL A 154 -16.10 7.10 -15.45
N THR A 155 -16.02 5.79 -15.24
CA THR A 155 -17.00 5.06 -14.45
C THR A 155 -16.34 4.48 -13.20
N ALA A 156 -16.97 4.66 -12.03
CA ALA A 156 -16.44 4.09 -10.79
C ALA A 156 -16.96 2.66 -10.62
N SER A 157 -16.06 1.71 -10.44
CA SER A 157 -16.44 0.31 -10.53
C SER A 157 -16.24 -0.37 -9.19
N SER A 158 -17.33 -0.75 -8.54
CA SER A 158 -17.25 -1.10 -7.11
C SER A 158 -17.53 -2.55 -6.83
N ASP A 159 -16.78 -3.13 -5.89
CA ASP A 159 -16.97 -4.53 -5.51
C ASP A 159 -18.19 -4.69 -4.61
N THR A 160 -18.75 -3.58 -4.18
CA THR A 160 -19.99 -3.66 -3.41
C THR A 160 -20.98 -2.70 -3.98
N PHE A 161 -22.26 -3.02 -3.76
CA PHE A 161 -23.38 -2.15 -4.11
C PHE A 161 -23.65 -1.16 -2.97
N TYR A 162 -23.33 -1.53 -1.74
CA TYR A 162 -23.67 -0.70 -0.59
C TYR A 162 -22.53 0.23 -0.14
N PRO A 163 -21.62 -0.21 0.77
CA PRO A 163 -20.67 0.81 1.28
C PRO A 163 -19.75 1.43 0.23
N GLY A 164 -19.21 0.63 -0.70
CA GLY A 164 -18.33 1.16 -1.70
C GLY A 164 -18.96 2.11 -2.70
N GLN A 165 -20.29 2.23 -2.70
CA GLN A 165 -20.95 3.32 -3.42
C GLN A 165 -21.47 4.35 -2.41
N GLU A 166 -20.93 4.28 -1.19
CA GLU A 166 -21.33 5.10 -0.03
C GLU A 166 -22.83 5.16 0.26
N ARG A 167 -23.48 3.99 0.30
CA ARG A 167 -24.85 3.92 0.77
C ARG A 167 -24.86 3.77 2.29
N TYR A 168 -25.66 4.60 2.97
CA TYR A 168 -25.75 4.51 4.43
C TYR A 168 -27.06 3.86 4.86
N ASP A 169 -27.96 3.64 3.92
CA ASP A 169 -29.28 3.09 4.23
C ASP A 169 -29.16 1.57 4.33
N THR A 170 -28.43 1.11 5.33
CA THR A 170 -27.96 -0.25 5.34
C THR A 170 -28.24 -0.85 6.68
N PHE A 171 -27.93 -2.14 6.82
CA PHE A 171 -28.08 -2.79 8.13
C PHE A 171 -27.26 -2.11 9.24
N THR A 172 -25.98 -1.82 8.99
CA THR A 172 -25.14 -1.14 10.01
C THR A 172 -25.23 0.39 10.01
N GLY A 173 -25.54 0.98 8.87
CA GLY A 173 -25.64 2.43 8.78
C GLY A 173 -24.26 3.02 8.69
N ARG A 174 -23.30 2.15 8.44
CA ARG A 174 -21.91 2.47 8.63
C ARG A 174 -21.12 2.23 7.36
N VAL A 175 -20.19 3.12 7.09
CA VAL A 175 -19.30 3.01 5.93
C VAL A 175 -17.86 3.14 6.39
N VAL A 176 -17.04 2.24 5.87
CA VAL A 176 -15.65 2.12 6.26
C VAL A 176 -14.89 3.35 5.78
N ARG A 177 -13.83 3.69 6.51
CA ARG A 177 -13.09 4.93 6.31
C ARG A 177 -12.75 5.29 4.88
N ARG A 178 -12.20 4.33 4.13
CA ARG A 178 -11.82 4.52 2.75
C ARG A 178 -12.94 5.13 1.91
N PHE A 179 -14.18 4.79 2.23
CA PHE A 179 -15.30 5.14 1.39
C PHE A 179 -16.20 6.20 2.04
N GLN A 180 -15.80 6.77 3.18
CA GLN A 180 -16.54 7.91 3.76
C GLN A 180 -16.19 9.15 2.97
N GLY A 181 -17.20 9.85 2.49
CA GLY A 181 -16.99 11.01 1.63
C GLY A 181 -16.56 10.69 0.20
N SER A 182 -16.63 9.43 -0.20
CA SER A 182 -16.08 9.03 -1.51
C SER A 182 -16.98 9.45 -2.69
N MET A 183 -18.30 9.34 -2.55
CA MET A 183 -19.19 9.78 -3.63
C MET A 183 -18.91 11.22 -4.08
N LYS A 184 -18.85 12.16 -3.13
CA LYS A 184 -18.56 13.56 -3.45
C LYS A 184 -17.22 13.67 -4.16
N GLU A 185 -16.24 12.90 -3.70
CA GLU A 185 -14.93 12.90 -4.30
C GLU A 185 -14.96 12.46 -5.77
N TRP A 186 -15.62 11.34 -6.04
CA TRP A 186 -15.82 10.95 -7.42
C TRP A 186 -16.60 12.02 -8.19
N GLN A 187 -17.66 12.55 -7.58
CA GLN A 187 -18.44 13.63 -8.18
C GLN A 187 -17.57 14.79 -8.63
N ASP A 188 -16.75 15.27 -7.72
CA ASP A 188 -15.79 16.35 -8.01
C ASP A 188 -14.78 15.98 -9.10
N MET A 189 -14.32 14.74 -9.12
CA MET A 189 -13.31 14.34 -10.09
C MET A 189 -13.85 14.13 -11.50
N GLY A 190 -15.18 14.20 -11.64
CA GLY A 190 -15.83 14.11 -12.93
C GLY A 190 -16.43 12.76 -13.24
N VAL A 191 -16.39 11.86 -12.27
CA VAL A 191 -16.78 10.47 -12.52
C VAL A 191 -18.25 10.44 -12.93
N LEU A 192 -18.58 9.66 -13.95
CA LEU A 192 -19.92 9.79 -14.52
C LEU A 192 -20.98 8.97 -13.79
N ASN A 193 -20.61 7.76 -13.38
CA ASN A 193 -21.59 6.85 -12.80
C ASN A 193 -20.92 5.75 -11.97
N PHE A 194 -21.73 4.93 -11.35
CA PHE A 194 -21.26 3.79 -10.57
C PHE A 194 -21.75 2.51 -11.23
N GLU A 195 -20.91 1.48 -11.26
CA GLU A 195 -21.45 0.16 -11.52
C GLU A 195 -20.51 -0.82 -10.87
N MET A 196 -20.61 -2.09 -11.23
CA MET A 196 -19.88 -3.05 -10.43
C MET A 196 -19.02 -4.06 -11.22
N GLU A 197 -18.92 -3.93 -12.55
CA GLU A 197 -18.17 -4.96 -13.30
C GLU A 197 -17.07 -4.43 -14.23
N SER A 198 -17.12 -3.15 -14.56
CA SER A 198 -16.30 -2.61 -15.66
C SER A 198 -14.80 -2.60 -15.38
N ALA A 199 -14.41 -2.35 -14.14
CA ALA A 199 -12.99 -2.32 -13.80
C ALA A 199 -12.36 -3.68 -14.08
N THR A 200 -13.08 -4.73 -13.74
CA THR A 200 -12.59 -6.09 -13.89
C THR A 200 -12.51 -6.44 -15.37
N LEU A 201 -13.63 -6.25 -16.07
CA LEU A 201 -13.69 -6.43 -17.51
C LEU A 201 -12.63 -5.64 -18.26
N LEU A 202 -12.58 -4.33 -18.05
CA LEU A 202 -11.64 -3.52 -18.85
C LEU A 202 -10.17 -3.89 -18.60
N THR A 203 -9.81 -4.05 -17.33
CA THR A 203 -8.41 -4.35 -16.97
C THR A 203 -7.95 -5.75 -17.44
N MET A 204 -8.77 -6.77 -17.23
CA MET A 204 -8.39 -8.09 -17.68
C MET A 204 -8.33 -8.15 -19.21
N CYS A 205 -9.26 -7.48 -19.90
CA CYS A 205 -9.18 -7.46 -21.34
C CYS A 205 -7.98 -6.64 -21.81
N ALA A 206 -7.87 -5.41 -21.33
CA ALA A 206 -6.78 -4.53 -21.74
C ALA A 206 -5.40 -5.13 -21.46
N SER A 207 -5.32 -6.11 -20.57
CA SER A 207 -4.03 -6.71 -20.22
C SER A 207 -3.81 -8.14 -20.75
N SER A 208 -4.71 -8.61 -21.62
CA SER A 208 -4.68 -9.99 -22.13
C SER A 208 -4.99 -10.11 -23.63
N GLY A 209 -4.74 -9.05 -24.39
CA GLY A 209 -5.03 -9.05 -25.82
C GLY A 209 -6.46 -9.32 -26.27
N LEU A 210 -7.42 -8.69 -25.58
CA LEU A 210 -8.84 -8.80 -25.91
C LEU A 210 -9.40 -7.40 -26.08
N LYS A 211 -10.35 -7.24 -27.00
CA LYS A 211 -11.01 -5.93 -27.15
C LYS A 211 -12.29 -5.90 -26.34
N ALA A 212 -12.62 -4.73 -25.77
CA ALA A 212 -13.74 -4.61 -24.84
C ALA A 212 -14.21 -3.19 -24.60
N GLY A 213 -15.48 -3.04 -24.27
CA GLY A 213 -15.99 -1.70 -23.96
C GLY A 213 -17.27 -1.79 -23.19
N CYS A 214 -17.74 -0.66 -22.67
CA CYS A 214 -18.93 -0.65 -21.81
C CYS A 214 -19.89 0.46 -22.18
N VAL A 215 -21.15 0.12 -22.48
CA VAL A 215 -22.15 1.16 -22.72
C VAL A 215 -23.36 0.92 -21.83
N ALA A 216 -23.94 2.00 -21.32
CA ALA A 216 -25.00 1.86 -20.35
C ALA A 216 -26.02 2.98 -20.45
N GLY A 217 -27.29 2.63 -20.28
CA GLY A 217 -28.35 3.63 -20.29
C GLY A 217 -28.60 4.23 -18.92
N VAL A 218 -28.69 5.54 -18.84
CA VAL A 218 -29.01 6.18 -17.56
C VAL A 218 -30.49 6.11 -17.25
N ILE A 219 -30.85 5.30 -16.25
CA ILE A 219 -32.25 5.21 -15.84
C ILE A 219 -32.62 6.06 -14.62
N ILE A 220 -31.61 6.55 -13.89
CA ILE A 220 -31.86 7.32 -12.68
C ILE A 220 -30.64 8.17 -12.31
N ASN A 221 -30.87 9.25 -11.57
CA ASN A 221 -29.77 10.06 -11.07
C ASN A 221 -29.77 10.18 -9.54
N ARG A 222 -28.71 9.66 -8.92
CA ARG A 222 -28.58 9.69 -7.45
CA ARG A 222 -28.54 9.70 -7.46
C ARG A 222 -28.82 11.07 -6.85
N THR A 223 -28.35 12.11 -7.53
CA THR A 223 -28.51 13.48 -7.04
C THR A 223 -29.95 14.00 -7.15
N GLN A 224 -30.84 13.20 -7.73
CA GLN A 224 -32.24 13.61 -7.91
C GLN A 224 -33.23 12.55 -7.43
N ALA A 231 -41.81 2.22 -17.95
CA ALA A 231 -41.69 3.35 -18.87
C ALA A 231 -40.24 3.62 -19.23
N THR A 232 -39.64 4.64 -18.62
CA THR A 232 -38.23 4.97 -18.84
C THR A 232 -37.34 3.77 -18.56
N LEU A 233 -37.65 3.03 -17.49
CA LEU A 233 -36.92 1.80 -17.20
C LEU A 233 -37.02 0.83 -18.38
N LYS A 234 -38.24 0.69 -18.91
CA LYS A 234 -38.47 -0.18 -20.05
C LYS A 234 -37.82 0.41 -21.30
N GLU A 235 -38.01 1.71 -21.49
CA GLU A 235 -37.53 2.44 -22.67
C GLU A 235 -36.00 2.50 -22.77
N THR A 236 -35.35 2.90 -21.69
CA THR A 236 -33.90 3.06 -21.68
C THR A 236 -33.22 1.71 -21.88
N GLU A 237 -33.81 0.67 -21.31
CA GLU A 237 -33.34 -0.70 -21.52
C GLU A 237 -33.29 -1.08 -22.99
N ALA A 238 -34.37 -0.81 -23.71
CA ALA A 238 -34.48 -1.18 -25.12
C ALA A 238 -33.46 -0.42 -25.96
N ARG A 239 -33.42 0.89 -25.76
CA ARG A 239 -32.47 1.76 -26.45
C ARG A 239 -31.05 1.27 -26.23
N SER A 240 -30.76 0.88 -24.99
CA SER A 240 -29.44 0.41 -24.59
C SER A 240 -28.98 -0.85 -25.35
N ILE A 241 -29.88 -1.82 -25.52
CA ILE A 241 -29.50 -3.06 -26.20
C ILE A 241 -29.51 -2.90 -27.74
N LYS A 242 -30.40 -2.07 -28.27
CA LYS A 242 -30.30 -1.72 -29.68
C LYS A 242 -28.99 -1.01 -29.97
N VAL A 243 -28.58 -0.16 -29.02
CA VAL A 243 -27.31 0.52 -29.18
C VAL A 243 -26.15 -0.48 -29.27
N VAL A 244 -26.10 -1.46 -28.37
CA VAL A 244 -24.96 -2.39 -28.32
C VAL A 244 -24.90 -3.33 -29.54
N VAL A 245 -26.06 -3.71 -30.07
CA VAL A 245 -26.13 -4.59 -31.21
C VAL A 245 -25.67 -3.83 -32.46
N GLU A 246 -26.03 -2.56 -32.54
CA GLU A 246 -25.49 -1.72 -33.60
C GLU A 246 -23.99 -1.53 -33.43
N ALA A 247 -23.54 -1.45 -32.17
CA ALA A 247 -22.10 -1.34 -31.91
C ALA A 247 -21.43 -2.64 -32.36
N ALA A 248 -22.08 -3.75 -32.04
CA ALA A 248 -21.56 -5.07 -32.39
C ALA A 248 -21.46 -5.21 -33.90
N ARG A 249 -22.43 -4.64 -34.60
CA ARG A 249 -22.44 -4.65 -36.07
C ARG A 249 -21.26 -3.86 -36.63
N LYS A 250 -21.10 -2.61 -36.17
CA LYS A 250 -19.94 -1.80 -36.56
C LYS A 250 -18.60 -2.52 -36.33
N MET A 251 -18.48 -3.22 -35.21
CA MET A 251 -17.25 -3.95 -34.88
C MET A 251 -16.98 -5.13 -35.82
N LEU A 252 -18.02 -5.64 -36.48
CA LEU A 252 -17.85 -6.83 -37.33
C LEU A 252 -17.71 -6.50 -38.81
N LYS A 253 -17.95 -5.25 -39.18
CA LYS A 253 -17.77 -4.80 -40.57
C LYS A 253 -17.06 -3.45 -40.70
N THR B 2 -43.06 -2.97 5.65
CA THR B 2 -43.46 -1.96 4.67
C THR B 2 -42.33 -1.66 3.70
N LYS B 3 -41.49 -2.66 3.45
CA LYS B 3 -40.22 -2.47 2.73
C LYS B 3 -39.72 -3.73 2.05
N THR B 4 -39.46 -3.65 0.74
CA THR B 4 -38.89 -4.75 -0.04
C THR B 4 -37.43 -4.47 -0.38
N VAL B 5 -36.54 -5.43 -0.14
CA VAL B 5 -35.13 -5.19 -0.41
C VAL B 5 -34.86 -5.11 -1.91
N PHE B 6 -33.87 -4.31 -2.30
CA PHE B 6 -33.68 -3.92 -3.69
C PHE B 6 -33.42 -5.10 -4.66
N HIS B 7 -32.39 -5.90 -4.38
CA HIS B 7 -32.06 -7.01 -5.27
C HIS B 7 -32.86 -8.28 -4.98
N LEU B 8 -32.86 -8.72 -3.72
CA LEU B 8 -33.49 -9.99 -3.40
C LEU B 8 -35.02 -9.97 -3.63
N GLY B 9 -35.63 -8.79 -3.52
CA GLY B 9 -37.06 -8.66 -3.72
C GLY B 9 -37.93 -9.40 -2.73
N VAL B 10 -37.60 -9.29 -1.44
CA VAL B 10 -38.38 -9.94 -0.40
C VAL B 10 -38.61 -8.96 0.76
N THR B 11 -39.50 -9.31 1.69
CA THR B 11 -39.77 -8.50 2.87
C THR B 11 -39.44 -9.30 4.13
N GLU B 12 -39.39 -8.65 5.29
CA GLU B 12 -39.15 -9.38 6.55
C GLU B 12 -40.26 -10.37 6.90
N ALA B 13 -41.50 -10.00 6.55
CA ALA B 13 -42.67 -10.87 6.75
C ALA B 13 -42.48 -12.19 6.03
N ASP B 14 -42.01 -12.12 4.78
CA ASP B 14 -41.76 -13.30 3.99
C ASP B 14 -40.84 -14.27 4.72
N LEU B 15 -39.94 -13.74 5.53
CA LEU B 15 -38.97 -14.56 6.26
C LEU B 15 -39.55 -15.28 7.47
N ASN B 16 -40.76 -14.85 7.88
CA ASN B 16 -41.48 -15.47 8.99
C ASN B 16 -40.66 -15.56 10.27
N GLY B 17 -39.88 -14.51 10.53
CA GLY B 17 -39.04 -14.46 11.72
C GLY B 17 -37.68 -15.11 11.56
N ALA B 18 -37.35 -15.56 10.36
CA ALA B 18 -36.05 -16.22 10.14
C ALA B 18 -34.86 -15.33 10.47
N THR B 19 -34.09 -15.75 11.47
CA THR B 19 -32.81 -15.14 11.78
C THR B 19 -31.60 -15.94 11.24
N LEU B 20 -31.84 -17.08 10.59
CA LEU B 20 -30.70 -17.85 10.04
C LEU B 20 -30.88 -18.15 8.57
N ALA B 21 -29.80 -17.96 7.80
CA ALA B 21 -29.77 -18.28 6.39
C ALA B 21 -28.65 -19.25 6.05
N ILE B 22 -28.94 -20.22 5.20
CA ILE B 22 -27.91 -21.01 4.54
C ILE B 22 -27.71 -20.42 3.14
N ILE B 23 -26.44 -20.23 2.77
CA ILE B 23 -26.14 -19.45 1.57
C ILE B 23 -25.10 -20.12 0.67
N PRO B 24 -25.58 -20.99 -0.23
CA PRO B 24 -24.70 -21.66 -1.21
C PRO B 24 -24.49 -20.73 -2.37
N GLY B 25 -23.64 -21.12 -3.33
CA GLY B 25 -23.45 -20.36 -4.53
C GLY B 25 -24.63 -20.52 -5.48
N ASP B 26 -24.83 -21.75 -5.93
CA ASP B 26 -25.78 -22.12 -6.97
C ASP B 26 -27.24 -22.15 -6.49
N PRO B 27 -28.12 -21.41 -7.18
CA PRO B 27 -29.56 -21.46 -6.88
C PRO B 27 -30.14 -22.87 -7.04
N ALA B 28 -29.50 -23.71 -7.83
CA ALA B 28 -29.97 -25.07 -8.02
C ALA B 28 -29.71 -25.91 -6.77
N ARG B 29 -28.83 -25.41 -5.91
CA ARG B 29 -28.54 -26.08 -4.66
C ARG B 29 -29.53 -25.66 -3.58
N VAL B 30 -30.06 -24.46 -3.73
CA VAL B 30 -31.07 -23.92 -2.81
C VAL B 30 -32.26 -24.87 -2.68
N GLN B 31 -32.90 -25.16 -3.82
CA GLN B 31 -33.93 -26.19 -3.87
C GLN B 31 -33.41 -27.56 -3.38
N LYS B 32 -32.12 -27.84 -3.55
CA LYS B 32 -31.56 -29.08 -3.01
C LYS B 32 -31.49 -29.02 -1.50
N ILE B 33 -30.90 -27.94 -0.98
CA ILE B 33 -30.78 -27.70 0.46
C ILE B 33 -32.14 -27.62 1.13
N ALA B 34 -33.09 -26.93 0.51
CA ALA B 34 -34.38 -26.73 1.17
C ALA B 34 -35.24 -27.99 1.08
N GLU B 35 -34.84 -28.93 0.23
CA GLU B 35 -35.48 -30.24 0.14
C GLU B 35 -35.13 -31.12 1.34
N LEU B 36 -34.10 -30.74 2.08
CA LEU B 36 -33.71 -31.45 3.29
C LEU B 36 -34.47 -30.91 4.46
N MET B 37 -35.28 -29.89 4.18
CA MET B 37 -36.06 -29.19 5.20
C MET B 37 -37.55 -29.23 4.89
N ASP B 38 -38.38 -28.60 5.73
CA ASP B 38 -39.83 -28.72 5.62
C ASP B 38 -40.49 -27.54 4.89
N ASN B 39 -41.67 -27.78 4.32
CA ASN B 39 -42.52 -26.73 3.72
C ASN B 39 -41.78 -25.65 2.94
N PRO B 40 -40.95 -26.05 1.95
CA PRO B 40 -40.20 -25.02 1.23
C PRO B 40 -41.14 -24.03 0.54
N VAL B 41 -40.74 -22.76 0.55
CA VAL B 41 -41.56 -21.71 -0.01
C VAL B 41 -40.74 -20.82 -0.96
N PHE B 42 -41.13 -20.81 -2.23
CA PHE B 42 -40.50 -19.89 -3.17
C PHE B 42 -40.84 -18.46 -2.77
N LEU B 43 -39.81 -17.67 -2.43
CA LEU B 43 -40.03 -16.30 -2.04
C LEU B 43 -39.81 -15.38 -3.21
N ALA B 44 -38.74 -15.63 -3.95
CA ALA B 44 -38.37 -14.81 -5.08
C ALA B 44 -37.24 -15.45 -5.86
N SER B 45 -36.97 -14.86 -7.02
CA SER B 45 -35.78 -15.14 -7.81
C SER B 45 -35.63 -13.95 -8.73
N HIS B 46 -34.54 -13.22 -8.55
CA HIS B 46 -34.15 -12.14 -9.44
C HIS B 46 -32.67 -12.34 -9.75
N ARG B 47 -32.32 -12.30 -11.02
CA ARG B 47 -30.95 -12.60 -11.44
C ARG B 47 -30.49 -13.90 -10.79
N GLU B 48 -29.36 -13.85 -10.08
CA GLU B 48 -28.78 -15.07 -9.50
C GLU B 48 -29.16 -15.29 -8.05
N TYR B 49 -30.18 -14.58 -7.58
CA TYR B 49 -30.61 -14.67 -6.19
C TYR B 49 -31.95 -15.40 -6.10
N THR B 50 -31.91 -16.69 -5.77
CA THR B 50 -33.12 -17.48 -5.55
C THR B 50 -33.33 -17.64 -4.06
N VAL B 51 -34.46 -17.14 -3.58
CA VAL B 51 -34.68 -17.01 -2.14
C VAL B 51 -35.81 -17.91 -1.69
N TYR B 52 -35.51 -18.80 -0.75
CA TYR B 52 -36.48 -19.80 -0.36
C TYR B 52 -36.67 -19.72 1.13
N ARG B 53 -37.91 -19.87 1.56
CA ARG B 53 -38.16 -20.03 2.96
C ARG B 53 -38.40 -21.51 3.12
N ALA B 54 -37.86 -22.08 4.18
CA ALA B 54 -38.19 -23.44 4.53
C ALA B 54 -38.30 -23.50 6.05
N GLU B 55 -38.94 -24.56 6.54
CA GLU B 55 -39.01 -24.84 7.98
CA GLU B 55 -38.97 -24.81 7.98
C GLU B 55 -38.02 -25.94 8.31
N LEU B 56 -37.21 -25.72 9.34
CA LEU B 56 -36.25 -26.71 9.75
C LEU B 56 -36.44 -26.95 11.23
N ASP B 57 -36.89 -28.16 11.59
CA ASP B 57 -37.12 -28.49 12.99
C ASP B 57 -38.08 -27.48 13.61
N GLY B 58 -39.10 -27.09 12.85
CA GLY B 58 -40.15 -26.22 13.35
C GLY B 58 -39.87 -24.74 13.20
N GLN B 59 -38.61 -24.39 12.96
CA GLN B 59 -38.18 -22.99 12.87
C GLN B 59 -38.04 -22.48 11.45
N SER B 60 -38.33 -21.21 11.29
CA SER B 60 -38.24 -20.57 10.00
C SER B 60 -36.78 -20.30 9.65
N VAL B 61 -36.41 -20.63 8.43
CA VAL B 61 -35.03 -20.53 7.99
C VAL B 61 -34.97 -20.07 6.53
N VAL B 62 -33.99 -19.24 6.22
CA VAL B 62 -33.79 -18.81 4.84
C VAL B 62 -32.75 -19.68 4.11
N VAL B 63 -33.00 -19.96 2.84
CA VAL B 63 -31.96 -20.43 1.93
C VAL B 63 -31.93 -19.47 0.74
N CYS B 64 -30.73 -18.97 0.44
CA CYS B 64 -30.56 -17.91 -0.55
C CYS B 64 -29.25 -18.13 -1.30
N SER B 65 -29.33 -18.14 -2.62
CA SER B 65 -28.13 -18.27 -3.43
C SER B 65 -27.44 -16.91 -3.45
N THR B 66 -26.14 -16.90 -3.65
CA THR B 66 -25.37 -15.66 -3.68
C THR B 66 -24.66 -15.42 -4.99
N GLY B 67 -24.75 -16.36 -5.92
CA GLY B 67 -23.97 -16.27 -7.14
C GLY B 67 -22.48 -16.41 -6.87
N ILE B 68 -21.66 -15.99 -7.81
CA ILE B 68 -20.21 -16.17 -7.64
C ILE B 68 -19.50 -14.88 -7.26
N GLY B 69 -18.75 -14.91 -6.17
CA GLY B 69 -17.93 -13.76 -5.82
C GLY B 69 -18.46 -12.95 -4.66
N GLY B 70 -17.54 -12.34 -3.92
CA GLY B 70 -17.91 -11.43 -2.86
C GLY B 70 -18.89 -10.31 -3.17
N PRO B 71 -18.77 -9.66 -4.35
CA PRO B 71 -19.73 -8.60 -4.69
C PRO B 71 -21.20 -9.04 -4.63
N SER B 72 -21.50 -10.12 -5.34
CA SER B 72 -22.83 -10.71 -5.37
CA SER B 72 -22.85 -10.65 -5.36
C SER B 72 -23.24 -11.19 -3.99
N THR B 73 -22.27 -11.76 -3.27
CA THR B 73 -22.50 -12.32 -1.95
C THR B 73 -22.82 -11.24 -0.90
N SER B 74 -22.06 -10.15 -0.93
CA SER B 74 -22.26 -9.04 0.01
C SER B 74 -23.63 -8.37 -0.12
N ILE B 75 -24.22 -8.44 -1.30
CA ILE B 75 -25.54 -7.86 -1.50
C ILE B 75 -26.56 -8.77 -0.82
N ALA B 76 -26.47 -10.06 -1.10
CA ALA B 76 -27.34 -11.05 -0.47
C ALA B 76 -27.31 -10.93 1.05
N VAL B 77 -26.11 -10.83 1.61
CA VAL B 77 -25.96 -10.80 3.06
C VAL B 77 -26.50 -9.47 3.61
N GLU B 78 -26.19 -8.37 2.92
CA GLU B 78 -26.64 -7.08 3.41
C GLU B 78 -28.15 -7.07 3.49
N GLU B 79 -28.80 -7.48 2.40
CA GLU B 79 -30.25 -7.40 2.31
C GLU B 79 -30.96 -8.40 3.21
N LEU B 80 -30.35 -9.56 3.42
CA LEU B 80 -30.92 -10.49 4.38
C LEU B 80 -30.78 -9.93 5.78
N ALA B 81 -29.64 -9.29 6.04
CA ALA B 81 -29.37 -8.71 7.35
C ALA B 81 -30.37 -7.59 7.68
N GLN B 82 -30.78 -6.82 6.67
CA GLN B 82 -31.81 -5.77 6.87
C GLN B 82 -33.15 -6.37 7.25
N LEU B 83 -33.31 -7.64 6.92
CA LEU B 83 -34.57 -8.36 7.14
C LEU B 83 -34.51 -9.25 8.37
N GLY B 84 -33.47 -9.05 9.17
CA GLY B 84 -33.42 -9.69 10.46
C GLY B 84 -32.54 -10.91 10.49
N VAL B 85 -31.96 -11.28 9.35
CA VAL B 85 -31.08 -12.45 9.34
C VAL B 85 -29.76 -12.10 10.03
N ARG B 86 -29.38 -12.91 11.01
CA ARG B 86 -28.22 -12.61 11.82
C ARG B 86 -27.12 -13.68 11.72
N THR B 87 -27.47 -14.86 11.20
CA THR B 87 -26.48 -15.94 11.09
C THR B 87 -26.43 -16.54 9.70
N PHE B 88 -25.21 -16.66 9.15
CA PHE B 88 -25.02 -17.08 7.76
C PHE B 88 -24.10 -18.28 7.65
N LEU B 89 -24.52 -19.29 6.90
CA LEU B 89 -23.81 -20.55 6.80
C LEU B 89 -23.43 -20.81 5.35
N ARG B 90 -22.18 -20.58 5.04
CA ARG B 90 -21.73 -20.83 3.68
C ARG B 90 -21.54 -22.32 3.51
N VAL B 91 -22.13 -22.89 2.46
CA VAL B 91 -21.80 -24.24 2.02
C VAL B 91 -21.37 -24.19 0.57
N GLY B 92 -20.44 -25.05 0.18
CA GLY B 92 -19.98 -25.07 -1.20
C GLY B 92 -19.07 -26.25 -1.53
N THR B 93 -18.47 -26.20 -2.72
CA THR B 93 -17.41 -27.13 -3.09
C THR B 93 -16.10 -26.38 -3.05
N THR B 94 -15.01 -27.11 -2.87
CA THR B 94 -13.71 -26.45 -2.85
C THR B 94 -12.61 -27.38 -3.40
N GLY B 95 -11.44 -26.80 -3.62
CA GLY B 95 -10.29 -27.56 -4.07
C GLY B 95 -9.11 -27.42 -3.12
N ALA B 96 -8.71 -28.53 -2.53
CA ALA B 96 -7.64 -28.51 -1.55
C ALA B 96 -6.28 -28.33 -2.22
N ILE B 97 -5.30 -27.86 -1.47
CA ILE B 97 -3.94 -27.73 -1.97
C ILE B 97 -2.95 -28.44 -1.04
N GLN B 98 -3.44 -29.27 -0.13
CA GLN B 98 -2.55 -30.04 0.74
C GLN B 98 -2.68 -31.51 0.40
N PRO B 99 -1.55 -32.20 0.20
CA PRO B 99 -1.63 -33.59 -0.27
C PRO B 99 -2.42 -34.50 0.69
N HIS B 100 -2.26 -34.32 1.99
CA HIS B 100 -2.95 -35.18 2.94
C HIS B 100 -4.47 -34.99 2.95
N VAL B 101 -4.98 -33.95 2.27
CA VAL B 101 -6.42 -33.73 2.22
C VAL B 101 -7.02 -34.39 0.99
N ASN B 102 -7.98 -35.29 1.21
CA ASN B 102 -8.53 -36.08 0.12
C ASN B 102 -9.89 -35.61 -0.38
N VAL B 103 -10.14 -35.83 -1.67
CA VAL B 103 -11.45 -35.63 -2.28
C VAL B 103 -12.48 -36.29 -1.39
N GLY B 104 -13.53 -35.56 -1.02
CA GLY B 104 -14.53 -36.11 -0.13
C GLY B 104 -14.42 -35.66 1.32
N ASP B 105 -13.31 -35.04 1.67
CA ASP B 105 -13.16 -34.48 3.02
C ASP B 105 -13.97 -33.19 3.13
N MET B 106 -14.19 -32.74 4.37
CA MET B 106 -14.87 -31.47 4.67
C MET B 106 -13.86 -30.46 5.25
N ILE B 107 -13.87 -29.24 4.72
CA ILE B 107 -13.05 -28.20 5.29
C ILE B 107 -13.94 -27.17 6.01
N VAL B 108 -13.71 -26.98 7.30
CA VAL B 108 -14.32 -25.83 7.97
C VAL B 108 -13.28 -24.73 8.05
N THR B 109 -13.59 -23.57 7.46
CA THR B 109 -12.72 -22.39 7.49
C THR B 109 -12.66 -21.70 8.85
N THR B 110 -11.47 -21.65 9.44
CA THR B 110 -11.22 -20.91 10.68
C THR B 110 -10.61 -19.55 10.38
N GLY B 111 -10.28 -19.32 9.12
CA GLY B 111 -9.72 -18.06 8.70
C GLY B 111 -9.53 -18.03 7.20
N SER B 112 -9.71 -16.86 6.59
CA SER B 112 -9.47 -16.71 5.17
C SER B 112 -8.36 -15.72 4.82
N VAL B 113 -7.44 -16.14 3.94
CA VAL B 113 -6.54 -15.21 3.29
C VAL B 113 -7.38 -14.33 2.38
N ARG B 114 -7.34 -13.01 2.59
CA ARG B 114 -8.20 -12.09 1.87
C ARG B 114 -7.65 -11.76 0.49
N LEU B 115 -7.93 -12.61 -0.49
CA LEU B 115 -7.45 -12.36 -1.84
C LEU B 115 -8.61 -11.80 -2.66
N ASP B 116 -9.47 -11.04 -1.97
CA ASP B 116 -10.67 -10.48 -2.59
C ASP B 116 -10.61 -8.96 -2.55
N GLY B 117 -11.67 -8.34 -3.06
CA GLY B 117 -11.78 -6.90 -2.99
C GLY B 117 -12.84 -6.43 -2.01
N ALA B 118 -13.91 -7.20 -1.87
CA ALA B 118 -15.10 -6.75 -1.14
C ALA B 118 -14.95 -6.68 0.37
N SER B 119 -14.18 -7.61 0.93
CA SER B 119 -13.78 -7.55 2.34
C SER B 119 -13.32 -6.16 2.71
N LEU B 120 -12.46 -5.58 1.86
CA LEU B 120 -11.92 -4.23 2.07
C LEU B 120 -12.97 -3.11 2.14
N HIS B 121 -14.16 -3.38 1.58
CA HIS B 121 -15.26 -2.44 1.65
C HIS B 121 -15.94 -2.53 3.02
N PHE B 122 -15.54 -3.52 3.83
CA PHE B 122 -16.11 -3.62 5.17
C PHE B 122 -15.14 -3.39 6.33
N ALA B 123 -13.88 -3.73 6.12
CA ALA B 123 -12.83 -3.51 7.11
C ALA B 123 -11.48 -3.43 6.40
N PRO B 124 -10.51 -2.69 6.97
CA PRO B 124 -9.17 -2.68 6.38
C PRO B 124 -8.55 -4.07 6.30
N MET B 125 -7.45 -4.20 5.58
CA MET B 125 -6.83 -5.50 5.34
C MET B 125 -6.39 -6.15 6.65
N GLU B 126 -6.09 -5.31 7.66
CA GLU B 126 -5.49 -5.80 8.89
C GLU B 126 -6.51 -6.63 9.68
N PHE B 127 -7.79 -6.36 9.46
CA PHE B 127 -8.89 -7.01 10.18
C PHE B 127 -9.00 -8.47 9.71
N PRO B 128 -9.15 -9.38 10.66
CA PRO B 128 -9.14 -10.80 10.33
C PRO B 128 -10.44 -11.27 9.72
N ALA B 129 -10.36 -12.01 8.62
CA ALA B 129 -11.53 -12.68 8.02
C ALA B 129 -11.75 -14.06 8.65
N VAL B 130 -12.45 -14.05 9.79
CA VAL B 130 -12.65 -15.21 10.66
C VAL B 130 -14.12 -15.44 10.91
N PRO B 131 -14.49 -16.71 11.10
CA PRO B 131 -15.89 -17.09 11.35
C PRO B 131 -16.29 -16.87 12.81
N ASP B 132 -17.58 -16.79 13.04
CA ASP B 132 -18.10 -16.85 14.39
C ASP B 132 -17.78 -18.21 15.00
N PHE B 133 -17.45 -18.24 16.29
CA PHE B 133 -16.93 -19.48 16.92
C PHE B 133 -17.98 -20.56 17.05
N ASP B 134 -19.19 -20.16 17.41
CA ASP B 134 -20.30 -21.09 17.55
C ASP B 134 -20.56 -21.79 16.21
N VAL B 135 -20.55 -21.00 15.13
CA VAL B 135 -20.82 -21.55 13.80
C VAL B 135 -19.72 -22.53 13.36
N ALA B 136 -18.46 -22.19 13.61
CA ALA B 136 -17.33 -23.02 13.21
C ALA B 136 -17.40 -24.35 13.96
N THR B 137 -17.61 -24.24 15.27
CA THR B 137 -17.82 -25.37 16.16
C THR B 137 -19.00 -26.24 15.73
N ALA B 138 -20.14 -25.59 15.44
CA ALA B 138 -21.34 -26.32 15.02
C ALA B 138 -21.10 -27.03 13.69
N MET B 139 -20.33 -26.40 12.84
CA MET B 139 -20.01 -26.97 11.54
C MET B 139 -19.04 -28.15 11.67
N LYS B 140 -18.01 -27.99 12.49
CA LYS B 140 -17.08 -29.07 12.75
C LYS B 140 -17.85 -30.27 13.28
N ALA B 141 -18.85 -30.00 14.12
CA ALA B 141 -19.61 -31.06 14.76
C ALA B 141 -20.49 -31.76 13.75
N ALA B 142 -21.09 -31.01 12.85
CA ALA B 142 -21.98 -31.59 11.85
C ALA B 142 -21.15 -32.38 10.85
N ALA B 143 -19.90 -31.97 10.66
CA ALA B 143 -19.02 -32.58 9.68
C ALA B 143 -18.55 -33.95 10.14
N GLN B 144 -18.12 -34.06 11.40
CA GLN B 144 -17.66 -35.32 11.95
C GLN B 144 -18.79 -36.36 12.13
N GLU B 145 -19.95 -35.89 12.53
CA GLU B 145 -21.13 -36.74 12.68
C GLU B 145 -21.59 -37.42 11.37
N SER B 146 -21.27 -36.83 10.21
CA SER B 146 -21.63 -37.46 8.95
C SER B 146 -20.68 -38.61 8.59
N GLY B 147 -19.63 -38.78 9.39
CA GLY B 147 -18.67 -39.84 9.16
C GLY B 147 -17.43 -39.40 8.38
N ALA B 148 -17.54 -38.30 7.65
CA ALA B 148 -16.44 -37.87 6.79
C ALA B 148 -15.26 -37.31 7.58
N THR B 149 -14.09 -37.27 6.94
CA THR B 149 -12.86 -36.75 7.55
C THR B 149 -12.85 -35.24 7.45
N VAL B 150 -12.49 -34.59 8.54
CA VAL B 150 -12.74 -33.15 8.67
C VAL B 150 -11.49 -32.36 9.00
N HIS B 151 -11.26 -31.27 8.27
CA HIS B 151 -10.12 -30.41 8.56
C HIS B 151 -10.54 -28.99 8.98
N MET B 152 -9.94 -28.49 10.06
CA MET B 152 -10.09 -27.10 10.47
C MET B 152 -8.88 -26.34 9.98
N GLY B 153 -9.09 -25.22 9.31
CA GLY B 153 -7.93 -24.45 8.91
C GLY B 153 -8.19 -23.32 7.95
N VAL B 154 -7.08 -22.74 7.49
CA VAL B 154 -7.06 -21.53 6.72
C VAL B 154 -7.45 -21.75 5.26
N THR B 155 -8.36 -20.91 4.77
CA THR B 155 -8.77 -20.98 3.38
C THR B 155 -8.25 -19.77 2.57
N ALA B 156 -7.68 -20.00 1.40
CA ALA B 156 -7.31 -18.90 0.49
C ALA B 156 -8.53 -18.49 -0.35
N SER B 157 -8.95 -17.24 -0.22
CA SER B 157 -10.21 -16.79 -0.78
C SER B 157 -10.01 -15.74 -1.88
N SER B 158 -10.34 -16.12 -3.12
CA SER B 158 -9.83 -15.43 -4.31
C SER B 158 -10.97 -14.80 -5.10
N ASP B 159 -10.80 -13.55 -5.52
CA ASP B 159 -11.70 -12.92 -6.48
C ASP B 159 -11.61 -13.53 -7.90
N THR B 160 -10.67 -14.43 -8.13
CA THR B 160 -10.65 -15.08 -9.46
C THR B 160 -10.57 -16.60 -9.37
N PHE B 161 -11.18 -17.28 -10.34
CA PHE B 161 -11.10 -18.72 -10.41
C PHE B 161 -9.76 -19.11 -11.00
N TYR B 162 -9.23 -18.24 -11.86
CA TYR B 162 -8.04 -18.61 -12.61
C TYR B 162 -6.74 -17.99 -12.08
N PRO B 163 -6.36 -16.76 -12.47
CA PRO B 163 -5.00 -16.37 -12.04
C PRO B 163 -4.74 -16.23 -10.54
N GLY B 164 -5.77 -15.94 -9.74
CA GLY B 164 -5.59 -15.77 -8.30
C GLY B 164 -5.52 -17.07 -7.53
N GLN B 165 -5.88 -18.16 -8.19
CA GLN B 165 -5.60 -19.52 -7.68
C GLN B 165 -4.43 -20.12 -8.44
N GLU B 166 -3.62 -19.25 -9.04
CA GLU B 166 -2.45 -19.63 -9.85
C GLU B 166 -2.67 -20.78 -10.82
N ARG B 167 -3.74 -20.69 -11.61
CA ARG B 167 -3.92 -21.58 -12.75
C ARG B 167 -3.27 -20.97 -13.95
N TYR B 168 -2.52 -21.78 -14.69
CA TYR B 168 -1.88 -21.31 -15.89
C TYR B 168 -2.56 -21.88 -17.13
N ASP B 169 -3.52 -22.78 -16.92
CA ASP B 169 -4.20 -23.43 -18.04
C ASP B 169 -5.33 -22.57 -18.53
N THR B 170 -4.98 -21.46 -19.14
CA THR B 170 -5.97 -20.44 -19.48
C THR B 170 -5.66 -19.84 -20.83
N PHE B 171 -6.53 -18.95 -21.30
CA PHE B 171 -6.36 -18.29 -22.59
C PHE B 171 -4.99 -17.67 -22.83
N THR B 172 -4.45 -17.00 -21.82
CA THR B 172 -3.19 -16.28 -22.00
C THR B 172 -2.04 -17.07 -21.43
N GLY B 173 -2.31 -17.84 -20.38
CA GLY B 173 -1.29 -18.56 -19.67
C GLY B 173 -0.43 -17.67 -18.80
N ARG B 174 -0.88 -16.43 -18.60
CA ARG B 174 -0.13 -15.45 -17.83
C ARG B 174 -0.69 -15.34 -16.41
N VAL B 175 0.20 -15.20 -15.44
CA VAL B 175 -0.22 -14.92 -14.07
C VAL B 175 0.56 -13.73 -13.57
N VAL B 176 -0.18 -12.73 -13.10
CA VAL B 176 0.36 -11.47 -12.65
C VAL B 176 1.30 -11.73 -11.48
N ARG B 177 2.33 -10.89 -11.35
CA ARG B 177 3.44 -11.08 -10.42
C ARG B 177 2.95 -11.47 -9.03
N ARG B 178 1.96 -10.74 -8.56
CA ARG B 178 1.44 -10.94 -7.24
C ARG B 178 1.05 -12.40 -6.98
N PHE B 179 0.52 -13.08 -7.98
CA PHE B 179 0.07 -14.46 -7.78
C PHE B 179 1.05 -15.49 -8.37
N GLN B 180 2.15 -15.02 -8.96
CA GLN B 180 3.24 -15.90 -9.35
C GLN B 180 3.91 -16.49 -8.11
N GLY B 181 4.00 -17.82 -8.07
CA GLY B 181 4.60 -18.50 -6.94
C GLY B 181 3.70 -18.63 -5.72
N SER B 182 2.48 -18.11 -5.83
CA SER B 182 1.57 -17.96 -4.70
C SER B 182 0.99 -19.25 -4.13
N MET B 183 0.73 -20.25 -4.97
CA MET B 183 0.15 -21.48 -4.46
C MET B 183 1.13 -22.15 -3.50
N LYS B 184 2.40 -22.16 -3.91
CA LYS B 184 3.48 -22.78 -3.14
C LYS B 184 3.65 -22.04 -1.82
N GLU B 185 3.46 -20.72 -1.88
CA GLU B 185 3.51 -19.88 -0.67
C GLU B 185 2.41 -20.28 0.31
N TRP B 186 1.17 -20.33 -0.16
CA TRP B 186 0.06 -20.70 0.72
C TRP B 186 0.16 -22.17 1.18
N GLN B 187 0.64 -23.05 0.30
CA GLN B 187 0.86 -24.44 0.71
C GLN B 187 1.84 -24.51 1.87
N ASP B 188 2.94 -23.77 1.76
CA ASP B 188 3.94 -23.68 2.84
C ASP B 188 3.39 -23.06 4.12
N MET B 189 2.46 -22.11 3.99
CA MET B 189 1.84 -21.50 5.17
C MET B 189 0.69 -22.34 5.72
N GLY B 190 0.53 -23.55 5.21
CA GLY B 190 -0.48 -24.43 5.78
C GLY B 190 -1.89 -24.20 5.26
N VAL B 191 -2.03 -23.35 4.25
CA VAL B 191 -3.35 -23.00 3.73
C VAL B 191 -4.02 -24.24 3.15
N LEU B 192 -5.31 -24.42 3.43
CA LEU B 192 -5.92 -25.69 3.12
C LEU B 192 -6.48 -25.76 1.72
N ASN B 193 -7.15 -24.69 1.31
CA ASN B 193 -7.94 -24.77 0.11
C ASN B 193 -8.17 -23.43 -0.55
N PHE B 194 -8.61 -23.46 -1.80
CA PHE B 194 -8.95 -22.26 -2.52
C PHE B 194 -10.46 -22.15 -2.66
N GLU B 195 -11.00 -20.96 -2.45
CA GLU B 195 -12.36 -20.68 -2.88
C GLU B 195 -12.60 -19.18 -3.08
N MET B 196 -13.85 -18.78 -3.30
CA MET B 196 -14.05 -17.43 -3.83
C MET B 196 -14.99 -16.51 -3.08
N GLU B 197 -15.49 -16.93 -1.92
CA GLU B 197 -16.46 -16.11 -1.20
C GLU B 197 -16.15 -15.89 0.27
N SER B 198 -15.34 -16.74 0.88
CA SER B 198 -15.22 -16.70 2.35
C SER B 198 -14.66 -15.42 2.94
N ALA B 199 -13.67 -14.80 2.28
CA ALA B 199 -13.06 -13.60 2.83
C ALA B 199 -14.08 -12.47 2.96
N THR B 200 -14.86 -12.26 1.90
CA THR B 200 -15.89 -11.23 1.88
C THR B 200 -16.94 -11.51 2.93
N LEU B 201 -17.53 -12.69 2.86
CA LEU B 201 -18.51 -13.12 3.85
C LEU B 201 -18.01 -12.94 5.30
N LEU B 202 -16.87 -13.54 5.60
CA LEU B 202 -16.37 -13.56 6.98
C LEU B 202 -16.03 -12.17 7.48
N THR B 203 -15.36 -11.37 6.65
CA THR B 203 -14.96 -10.03 7.05
C THR B 203 -16.18 -9.13 7.25
N MET B 204 -17.11 -9.16 6.29
CA MET B 204 -18.32 -8.36 6.37
CA MET B 204 -18.31 -8.34 6.39
C MET B 204 -19.13 -8.71 7.62
N CYS B 205 -19.24 -10.01 7.91
CA CYS B 205 -20.02 -10.44 9.05
C CYS B 205 -19.33 -10.13 10.37
N ALA B 206 -18.07 -10.51 10.52
CA ALA B 206 -17.38 -10.31 11.80
C ALA B 206 -17.27 -8.82 12.18
N SER B 207 -17.29 -7.96 11.16
CA SER B 207 -17.17 -6.51 11.36
C SER B 207 -18.53 -5.78 11.45
N SER B 208 -19.64 -6.53 11.38
CA SER B 208 -20.98 -5.95 11.34
C SER B 208 -21.94 -6.56 12.35
N GLY B 209 -21.40 -7.38 13.25
CA GLY B 209 -22.22 -7.98 14.30
C GLY B 209 -23.17 -9.00 13.74
N LEU B 210 -22.67 -9.79 12.80
CA LEU B 210 -23.38 -10.91 12.21
C LEU B 210 -22.47 -12.11 12.37
N LYS B 211 -23.06 -13.29 12.51
CA LYS B 211 -22.29 -14.52 12.73
C LYS B 211 -22.24 -15.31 11.45
N ALA B 212 -21.07 -15.85 11.09
CA ALA B 212 -20.97 -16.64 9.89
C ALA B 212 -19.87 -17.71 9.90
N GLY B 213 -19.96 -18.65 8.97
CA GLY B 213 -18.93 -19.67 8.88
C GLY B 213 -18.99 -20.32 7.53
N CYS B 214 -17.96 -21.11 7.19
CA CYS B 214 -17.91 -21.74 5.87
CA CYS B 214 -17.92 -21.75 5.88
C CYS B 214 -17.47 -23.20 5.97
N VAL B 215 -18.26 -24.08 5.37
CA VAL B 215 -17.90 -25.48 5.24
C VAL B 215 -18.02 -25.88 3.77
N ALA B 216 -17.05 -26.65 3.28
CA ALA B 216 -17.00 -27.02 1.88
C ALA B 216 -16.53 -28.45 1.69
N GLY B 217 -16.96 -29.09 0.61
CA GLY B 217 -16.62 -30.48 0.34
C GLY B 217 -15.52 -30.57 -0.69
N VAL B 218 -14.44 -31.27 -0.37
CA VAL B 218 -13.34 -31.36 -1.33
C VAL B 218 -13.73 -32.16 -2.59
N ILE B 219 -13.68 -31.50 -3.75
CA ILE B 219 -13.98 -32.12 -5.06
C ILE B 219 -12.74 -32.25 -5.97
N ILE B 220 -11.61 -31.71 -5.53
CA ILE B 220 -10.37 -31.78 -6.28
C ILE B 220 -9.19 -31.42 -5.39
N ASN B 221 -8.04 -32.02 -5.69
CA ASN B 221 -6.79 -31.75 -5.01
C ASN B 221 -5.73 -31.55 -6.09
N ARG B 222 -5.25 -30.31 -6.22
CA ARG B 222 -4.36 -29.97 -7.33
C ARG B 222 -3.00 -30.64 -7.18
N THR B 223 -2.74 -31.20 -5.99
CA THR B 223 -1.45 -31.81 -5.68
C THR B 223 -1.57 -33.33 -5.73
N GLN B 224 -2.63 -33.80 -6.38
CA GLN B 224 -2.88 -35.24 -6.48
C GLN B 224 -3.23 -35.61 -7.92
N THR B 232 -17.36 -34.64 -10.25
CA THR B 232 -17.50 -34.55 -8.79
C THR B 232 -18.20 -35.77 -8.23
N LEU B 233 -17.66 -36.32 -7.14
CA LEU B 233 -18.36 -37.35 -6.39
C LEU B 233 -19.66 -36.76 -5.89
N LYS B 234 -20.77 -37.30 -6.38
CA LYS B 234 -22.10 -36.82 -5.99
C LYS B 234 -22.32 -37.09 -4.51
N GLU B 235 -21.64 -38.10 -3.99
CA GLU B 235 -21.72 -38.45 -2.58
C GLU B 235 -21.22 -37.32 -1.67
N THR B 236 -20.21 -36.60 -2.13
CA THR B 236 -19.55 -35.61 -1.30
C THR B 236 -20.26 -34.26 -1.42
N GLU B 237 -21.00 -34.11 -2.53
CA GLU B 237 -21.87 -32.97 -2.74
C GLU B 237 -23.10 -33.01 -1.82
N ALA B 238 -23.58 -34.24 -1.59
CA ALA B 238 -24.77 -34.48 -0.78
C ALA B 238 -24.39 -34.42 0.69
N ARG B 239 -23.23 -34.98 1.00
CA ARG B 239 -22.61 -34.87 2.30
C ARG B 239 -22.55 -33.40 2.76
N SER B 240 -22.22 -32.51 1.82
CA SER B 240 -21.94 -31.11 2.12
C SER B 240 -23.16 -30.34 2.62
N ILE B 241 -24.28 -30.48 1.93
CA ILE B 241 -25.49 -29.78 2.33
C ILE B 241 -26.20 -30.43 3.52
N LYS B 242 -25.98 -31.72 3.73
CA LYS B 242 -26.51 -32.40 4.92
C LYS B 242 -25.79 -31.89 6.16
N VAL B 243 -24.47 -31.74 6.08
CA VAL B 243 -23.69 -31.19 7.18
C VAL B 243 -24.11 -29.74 7.48
N VAL B 244 -24.36 -28.94 6.44
CA VAL B 244 -24.65 -27.53 6.66
C VAL B 244 -26.06 -27.37 7.21
N VAL B 245 -26.95 -28.28 6.84
CA VAL B 245 -28.31 -28.24 7.33
C VAL B 245 -28.25 -28.69 8.78
N GLU B 246 -27.46 -29.72 9.04
CA GLU B 246 -27.23 -30.18 10.40
C GLU B 246 -26.46 -29.15 11.23
N ALA B 247 -25.55 -28.40 10.61
CA ALA B 247 -24.84 -27.36 11.34
C ALA B 247 -25.85 -26.31 11.78
N ALA B 248 -26.77 -25.98 10.88
CA ALA B 248 -27.80 -24.98 11.15
C ALA B 248 -28.67 -25.42 12.31
N ARG B 249 -29.03 -26.70 12.33
CA ARG B 249 -29.85 -27.23 13.41
C ARG B 249 -29.16 -27.06 14.77
N LYS B 250 -27.87 -27.33 14.84
CA LYS B 250 -27.14 -27.18 16.11
C LYS B 250 -27.01 -25.74 16.54
N MET B 251 -27.17 -24.83 15.59
CA MET B 251 -27.11 -23.40 15.84
C MET B 251 -28.47 -22.91 16.33
N LEU B 252 -29.53 -23.63 15.98
CA LEU B 252 -30.87 -23.29 16.43
C LEU B 252 -31.19 -23.96 17.76
N LYS B 253 -30.25 -24.79 18.22
CA LYS B 253 -30.40 -25.69 19.39
C LYS B 253 -31.24 -26.92 19.05
N LYS C 3 25.99 -24.33 23.41
CA LYS C 3 25.44 -23.95 22.11
C LYS C 3 23.95 -23.64 22.22
N THR C 4 23.53 -23.18 23.40
CA THR C 4 22.13 -22.84 23.63
C THR C 4 21.62 -21.83 22.61
N VAL C 5 20.30 -21.72 22.48
CA VAL C 5 19.72 -20.77 21.54
C VAL C 5 20.21 -19.37 21.92
N PHE C 6 20.26 -18.48 20.92
CA PHE C 6 20.95 -17.20 21.07
C PHE C 6 20.40 -16.39 22.24
N HIS C 7 19.09 -16.14 22.23
CA HIS C 7 18.45 -15.29 23.24
C HIS C 7 18.02 -16.03 24.51
N LEU C 8 17.29 -17.13 24.34
CA LEU C 8 16.61 -17.80 25.46
C LEU C 8 17.52 -18.41 26.51
N GLY C 9 18.70 -18.83 26.10
CA GLY C 9 19.66 -19.39 27.03
C GLY C 9 19.32 -20.78 27.56
N VAL C 10 18.64 -21.58 26.73
CA VAL C 10 18.31 -22.96 27.13
C VAL C 10 18.61 -23.93 25.99
N THR C 11 18.66 -25.21 26.32
CA THR C 11 18.89 -26.24 25.33
C THR C 11 17.64 -27.09 25.26
N GLU C 12 17.61 -28.00 24.30
CA GLU C 12 16.46 -28.89 24.17
C GLU C 12 16.40 -29.88 25.33
N ALA C 13 17.55 -30.20 25.91
CA ALA C 13 17.60 -31.14 27.01
C ALA C 13 17.05 -30.56 28.30
N ASP C 14 17.05 -29.24 28.42
CA ASP C 14 16.46 -28.57 29.58
C ASP C 14 14.94 -28.58 29.54
N LEU C 15 14.37 -28.79 28.36
CA LEU C 15 12.93 -28.77 28.20
C LEU C 15 12.35 -30.13 28.52
N ASN C 16 13.23 -31.13 28.53
CA ASN C 16 12.88 -32.50 28.87
C ASN C 16 11.77 -33.08 28.01
N GLY C 17 11.81 -32.78 26.72
CA GLY C 17 10.83 -33.31 25.79
C GLY C 17 9.50 -32.56 25.75
N ALA C 18 9.46 -31.32 26.25
CA ALA C 18 8.21 -30.55 26.21
C ALA C 18 7.87 -30.07 24.79
N THR C 19 6.63 -30.29 24.36
CA THR C 19 6.19 -29.76 23.07
C THR C 19 5.10 -28.71 23.21
N LEU C 20 4.80 -28.30 24.44
CA LEU C 20 3.82 -27.24 24.69
C LEU C 20 4.41 -26.15 25.56
N ALA C 21 4.09 -24.89 25.21
CA ALA C 21 4.56 -23.74 26.00
C ALA C 21 3.44 -22.76 26.40
N ILE C 22 3.49 -22.33 27.65
CA ILE C 22 2.67 -21.21 28.09
C ILE C 22 3.57 -19.99 28.04
N ILE C 23 3.13 -18.96 27.30
CA ILE C 23 3.98 -17.80 27.10
C ILE C 23 3.30 -16.49 27.57
N PRO C 24 3.40 -16.18 28.87
CA PRO C 24 2.92 -14.91 29.41
C PRO C 24 3.90 -13.80 29.01
N GLY C 25 3.44 -12.54 29.06
CA GLY C 25 4.29 -11.43 28.66
C GLY C 25 5.25 -11.03 29.76
N ASP C 26 4.75 -11.02 30.98
CA ASP C 26 5.50 -10.56 32.14
C ASP C 26 6.32 -11.70 32.70
N PRO C 27 7.64 -11.48 32.84
CA PRO C 27 8.54 -12.49 33.41
C PRO C 27 8.21 -12.81 34.87
N ALA C 28 7.60 -11.86 35.59
CA ALA C 28 7.25 -12.07 36.99
C ALA C 28 6.17 -13.15 37.17
N ARG C 29 5.51 -13.51 36.08
CA ARG C 29 4.39 -14.45 36.13
C ARG C 29 4.79 -15.89 35.85
N VAL C 30 5.99 -16.09 35.31
CA VAL C 30 6.41 -17.42 34.86
C VAL C 30 6.45 -18.40 36.03
N GLN C 31 7.16 -18.05 37.09
CA GLN C 31 7.20 -18.88 38.29
C GLN C 31 5.79 -19.21 38.83
N LYS C 32 4.90 -18.22 38.86
CA LYS C 32 3.55 -18.43 39.37
C LYS C 32 2.82 -19.47 38.55
N ILE C 33 2.95 -19.37 37.23
CA ILE C 33 2.33 -20.31 36.32
C ILE C 33 2.93 -21.70 36.54
N ALA C 34 4.26 -21.76 36.66
CA ALA C 34 4.92 -23.04 36.83
C ALA C 34 4.43 -23.67 38.13
N GLU C 35 4.36 -22.88 39.19
CA GLU C 35 3.99 -23.38 40.51
C GLU C 35 2.52 -23.79 40.66
N LEU C 36 1.76 -23.67 39.58
CA LEU C 36 0.46 -24.31 39.53
C LEU C 36 0.61 -25.72 38.96
N MET C 37 1.76 -26.02 38.37
CA MET C 37 1.96 -27.35 37.82
C MET C 37 2.83 -28.20 38.75
N ASP C 38 3.30 -29.34 38.26
CA ASP C 38 4.06 -30.28 39.06
C ASP C 38 5.53 -30.23 38.72
N ASN C 39 6.37 -30.41 39.75
CA ASN C 39 7.84 -30.29 39.67
C ASN C 39 8.44 -29.08 38.91
N PRO C 40 7.98 -27.86 39.22
CA PRO C 40 8.54 -26.68 38.57
C PRO C 40 10.03 -26.48 38.86
N VAL C 41 10.83 -26.22 37.82
CA VAL C 41 12.25 -25.92 38.00
C VAL C 41 12.61 -24.64 37.25
N PHE C 42 13.39 -23.77 37.86
CA PHE C 42 13.98 -22.64 37.14
C PHE C 42 15.00 -23.16 36.12
N LEU C 43 14.85 -22.73 34.86
CA LEU C 43 15.79 -23.08 33.82
C LEU C 43 16.76 -21.93 33.58
N ALA C 44 16.22 -20.78 33.16
CA ALA C 44 17.07 -19.65 32.83
C ALA C 44 16.34 -18.32 32.90
N SER C 45 17.12 -17.25 32.93
CA SER C 45 16.59 -15.90 32.84
C SER C 45 17.58 -14.97 32.16
N HIS C 46 17.36 -14.71 30.87
CA HIS C 46 18.10 -13.70 30.11
C HIS C 46 17.13 -12.61 29.64
N ARG C 47 17.48 -11.35 29.90
CA ARG C 47 16.66 -10.22 29.46
C ARG C 47 15.25 -10.29 30.03
N GLU C 48 14.27 -10.27 29.13
CA GLU C 48 12.86 -10.35 29.52
C GLU C 48 12.35 -11.79 29.39
N TYR C 49 13.26 -12.68 29.01
CA TYR C 49 12.97 -14.09 28.84
C TYR C 49 13.26 -14.86 30.11
N THR C 50 12.23 -15.16 30.89
CA THR C 50 12.40 -16.02 32.05
C THR C 50 11.76 -17.35 31.72
N VAL C 51 12.52 -18.42 31.93
CA VAL C 51 12.07 -19.72 31.48
C VAL C 51 12.00 -20.70 32.65
N TYR C 52 10.92 -21.46 32.70
CA TYR C 52 10.73 -22.49 33.71
C TYR C 52 10.29 -23.78 33.03
N ARG C 53 10.41 -24.89 33.76
CA ARG C 53 9.92 -26.18 33.28
C ARG C 53 8.99 -26.69 34.36
N ALA C 54 7.98 -27.47 33.99
CA ALA C 54 7.10 -28.12 34.96
C ALA C 54 6.55 -29.38 34.31
N GLU C 55 5.71 -30.11 35.04
CA GLU C 55 5.04 -31.27 34.45
C GLU C 55 3.54 -31.17 34.66
N LEU C 56 2.80 -31.59 33.65
CA LEU C 56 1.36 -31.57 33.69
C LEU C 56 0.85 -32.97 33.32
N ASP C 57 0.32 -33.68 34.30
CA ASP C 57 -0.25 -35.00 34.08
C ASP C 57 0.75 -35.94 33.41
N GLY C 58 1.99 -35.87 33.87
CA GLY C 58 3.03 -36.74 33.36
C GLY C 58 3.66 -36.30 32.06
N GLN C 59 3.54 -35.01 31.74
CA GLN C 59 4.20 -34.47 30.55
C GLN C 59 4.93 -33.16 30.83
N SER C 60 6.15 -33.05 30.33
CA SER C 60 6.96 -31.85 30.52
C SER C 60 6.31 -30.65 29.83
N VAL C 61 6.16 -29.56 30.56
CA VAL C 61 5.64 -28.30 30.04
C VAL C 61 6.70 -27.20 30.26
N VAL C 62 6.78 -26.23 29.34
CA VAL C 62 7.67 -25.08 29.51
C VAL C 62 6.86 -23.79 29.67
N VAL C 63 7.32 -22.90 30.55
CA VAL C 63 6.73 -21.59 30.68
C VAL C 63 7.80 -20.56 30.35
N CYS C 64 7.56 -19.74 29.34
CA CYS C 64 8.54 -18.75 28.90
C CYS C 64 7.91 -17.37 28.67
N SER C 65 8.44 -16.35 29.33
CA SER C 65 7.95 -15.00 29.11
C SER C 65 8.43 -14.47 27.77
N THR C 66 7.74 -13.46 27.26
CA THR C 66 7.93 -13.00 25.88
C THR C 66 8.36 -11.54 25.78
N GLY C 67 8.17 -10.80 26.86
CA GLY C 67 8.37 -9.36 26.81
C GLY C 67 7.28 -8.67 26.02
N ILE C 68 7.25 -7.35 26.09
CA ILE C 68 6.19 -6.58 25.46
C ILE C 68 6.40 -6.48 23.95
N GLY C 69 5.37 -6.80 23.16
CA GLY C 69 5.39 -6.56 21.72
C GLY C 69 5.74 -7.74 20.84
N GLY C 70 5.34 -7.64 19.57
CA GLY C 70 5.61 -8.68 18.58
C GLY C 70 7.05 -9.11 18.34
N PRO C 71 7.99 -8.14 18.18
CA PRO C 71 9.40 -8.50 18.02
C PRO C 71 9.91 -9.42 19.12
N SER C 72 9.85 -8.99 20.37
CA SER C 72 10.24 -9.82 21.51
C SER C 72 9.54 -11.19 21.54
N THR C 73 8.27 -11.25 21.10
CA THR C 73 7.48 -12.49 21.12
C THR C 73 7.93 -13.45 20.03
N SER C 74 8.24 -12.91 18.85
CA SER C 74 8.65 -13.71 17.70
C SER C 74 9.93 -14.49 17.94
N ILE C 75 10.83 -13.86 18.69
CA ILE C 75 12.10 -14.47 19.05
C ILE C 75 11.91 -15.63 20.02
N ALA C 76 11.10 -15.41 21.05
CA ALA C 76 10.80 -16.47 22.02
C ALA C 76 10.13 -17.64 21.32
N VAL C 77 9.20 -17.34 20.43
CA VAL C 77 8.42 -18.38 19.78
C VAL C 77 9.31 -19.15 18.83
N GLU C 78 10.12 -18.44 18.04
CA GLU C 78 10.99 -19.09 17.08
C GLU C 78 11.94 -20.04 17.78
N GLU C 79 12.58 -19.54 18.81
CA GLU C 79 13.62 -20.29 19.49
C GLU C 79 13.02 -21.43 20.28
N LEU C 80 11.85 -21.21 20.88
CA LEU C 80 11.13 -22.32 21.52
C LEU C 80 10.79 -23.46 20.56
N ALA C 81 10.47 -23.10 19.31
CA ALA C 81 10.14 -24.07 18.28
C ALA C 81 11.35 -24.88 17.85
N GLN C 82 12.50 -24.21 17.83
CA GLN C 82 13.75 -24.87 17.47
C GLN C 82 14.09 -25.93 18.49
N LEU C 83 13.63 -25.75 19.71
CA LEU C 83 13.90 -26.72 20.77
C LEU C 83 12.76 -27.74 20.86
N GLY C 84 11.83 -27.69 19.90
CA GLY C 84 10.76 -28.68 19.81
C GLY C 84 9.33 -28.30 20.22
N VAL C 85 9.12 -27.08 20.71
CA VAL C 85 7.76 -26.67 21.11
C VAL C 85 6.90 -26.47 19.87
N ARG C 86 5.72 -27.08 19.88
CA ARG C 86 4.82 -27.01 18.73
C ARG C 86 3.52 -26.33 19.12
N THR C 87 3.30 -26.11 20.41
CA THR C 87 2.05 -25.51 20.91
C THR C 87 2.28 -24.35 21.86
N PHE C 88 1.62 -23.21 21.61
CA PHE C 88 1.90 -22.00 22.36
C PHE C 88 0.60 -21.43 22.90
N LEU C 89 0.53 -21.23 24.20
CA LEU C 89 -0.67 -20.74 24.84
C LEU C 89 -0.40 -19.42 25.55
N ARG C 90 -1.01 -18.36 25.05
CA ARG C 90 -0.76 -17.03 25.58
C ARG C 90 -1.75 -16.71 26.68
N VAL C 91 -1.24 -16.29 27.84
CA VAL C 91 -2.12 -15.88 28.91
C VAL C 91 -1.71 -14.49 29.33
N GLY C 92 -2.67 -13.71 29.83
CA GLY C 92 -2.38 -12.36 30.29
C GLY C 92 -3.64 -11.74 30.86
N THR C 93 -3.56 -10.46 31.22
CA THR C 93 -4.77 -9.67 31.56
C THR C 93 -4.95 -8.55 30.55
N THR C 94 -6.18 -8.09 30.35
CA THR C 94 -6.40 -7.08 29.33
C THR C 94 -7.49 -6.05 29.66
N GLY C 95 -7.54 -5.02 28.82
CA GLY C 95 -8.56 -4.00 28.88
C GLY C 95 -9.49 -4.09 27.70
N ALA C 96 -10.73 -4.46 27.97
CA ALA C 96 -11.76 -4.56 26.94
C ALA C 96 -12.32 -3.19 26.53
N ILE C 97 -12.61 -3.06 25.25
CA ILE C 97 -13.17 -1.82 24.72
C ILE C 97 -14.66 -1.92 24.40
N GLN C 98 -15.31 -3.01 24.82
CA GLN C 98 -16.78 -3.13 24.66
C GLN C 98 -17.52 -2.96 26.01
N PRO C 99 -18.62 -2.18 26.02
CA PRO C 99 -19.42 -1.97 27.22
C PRO C 99 -19.94 -3.26 27.88
N HIS C 100 -20.48 -4.15 27.08
CA HIS C 100 -21.10 -5.37 27.59
C HIS C 100 -20.08 -6.38 28.14
N VAL C 101 -18.79 -6.08 28.01
CA VAL C 101 -17.75 -6.95 28.56
C VAL C 101 -17.30 -6.46 29.94
N ASN C 102 -17.43 -7.34 30.94
CA ASN C 102 -17.21 -6.94 32.33
C ASN C 102 -15.89 -7.40 32.92
N VAL C 103 -15.42 -6.67 33.92
CA VAL C 103 -14.20 -7.03 34.62
C VAL C 103 -14.37 -8.44 35.20
N GLY C 104 -13.28 -9.20 35.20
CA GLY C 104 -13.33 -10.60 35.60
C GLY C 104 -13.72 -11.57 34.49
N ASP C 105 -14.26 -11.07 33.38
CA ASP C 105 -14.58 -11.93 32.25
C ASP C 105 -13.30 -12.44 31.59
N MET C 106 -13.44 -13.47 30.77
CA MET C 106 -12.32 -13.97 30.00
C MET C 106 -12.55 -13.65 28.52
N ILE C 107 -11.56 -13.05 27.87
CA ILE C 107 -11.57 -12.97 26.41
C ILE C 107 -10.72 -14.08 25.79
N VAL C 108 -11.30 -14.85 24.88
CA VAL C 108 -10.52 -15.85 24.11
C VAL C 108 -10.48 -15.41 22.64
N THR C 109 -9.29 -15.15 22.13
CA THR C 109 -9.15 -14.52 20.82
C THR C 109 -9.39 -15.47 19.63
N THR C 110 -10.32 -15.11 18.75
CA THR C 110 -10.59 -15.94 17.60
C THR C 110 -9.93 -15.32 16.38
N GLY C 111 -9.49 -14.06 16.54
CA GLY C 111 -8.80 -13.37 15.47
C GLY C 111 -8.24 -12.01 15.91
N SER C 112 -7.16 -11.60 15.28
CA SER C 112 -6.50 -10.38 15.66
C SER C 112 -6.38 -9.40 14.52
N VAL C 113 -6.87 -8.18 14.73
CA VAL C 113 -6.54 -7.08 13.82
C VAL C 113 -5.07 -6.79 13.87
N ARG C 114 -4.45 -6.67 12.70
CA ARG C 114 -2.99 -6.68 12.61
C ARG C 114 -2.33 -5.30 12.63
N LEU C 115 -2.32 -4.65 13.80
CA LEU C 115 -1.75 -3.30 13.91
C LEU C 115 -0.27 -3.35 14.31
N ASP C 116 0.35 -4.47 13.96
CA ASP C 116 1.74 -4.72 14.29
C ASP C 116 2.59 -4.71 13.01
N GLY C 117 3.88 -4.96 13.16
CA GLY C 117 4.73 -5.08 12.00
C GLY C 117 5.32 -6.47 11.86
N ALA C 118 5.50 -7.16 12.97
CA ALA C 118 6.16 -8.46 12.99
C ALA C 118 5.39 -9.57 12.25
N SER C 119 4.07 -9.48 12.25
CA SER C 119 3.22 -10.44 11.55
C SER C 119 3.57 -10.47 10.08
N LEU C 120 3.90 -9.29 9.53
CA LEU C 120 4.18 -9.15 8.12
C LEU C 120 5.49 -9.83 7.72
N HIS C 121 6.27 -10.24 8.72
CA HIS C 121 7.57 -10.84 8.48
C HIS C 121 7.39 -12.32 8.32
N PHE C 122 6.14 -12.76 8.49
CA PHE C 122 5.76 -14.16 8.41
C PHE C 122 4.73 -14.46 7.32
N ALA C 123 3.83 -13.50 7.11
CA ALA C 123 2.76 -13.67 6.14
C ALA C 123 2.28 -12.29 5.71
N PRO C 124 1.81 -12.15 4.46
CA PRO C 124 1.38 -10.83 4.02
C PRO C 124 0.08 -10.43 4.73
N MET C 125 -0.27 -9.14 4.67
CA MET C 125 -1.39 -8.61 5.45
C MET C 125 -2.72 -9.38 5.22
N GLU C 126 -2.90 -9.90 4.01
CA GLU C 126 -4.11 -10.67 3.66
CA GLU C 126 -4.11 -10.67 3.66
C GLU C 126 -4.33 -11.90 4.53
N PHE C 127 -3.25 -12.47 5.05
CA PHE C 127 -3.32 -13.69 5.87
C PHE C 127 -4.00 -13.37 7.20
N PRO C 128 -4.93 -14.22 7.65
CA PRO C 128 -5.65 -13.90 8.88
C PRO C 128 -4.77 -14.25 10.05
N ALA C 129 -4.85 -13.46 11.12
CA ALA C 129 -4.11 -13.77 12.36
C ALA C 129 -5.03 -14.62 13.24
N VAL C 130 -4.92 -15.93 13.04
CA VAL C 130 -5.93 -16.87 13.52
C VAL C 130 -5.34 -17.88 14.50
N PRO C 131 -6.04 -18.15 15.61
CA PRO C 131 -5.54 -19.16 16.53
C PRO C 131 -5.82 -20.55 16.00
N ASP C 132 -5.14 -21.53 16.56
CA ASP C 132 -5.43 -22.92 16.23
C ASP C 132 -6.80 -23.26 16.82
N PHE C 133 -7.65 -23.94 16.05
CA PHE C 133 -9.01 -24.21 16.50
C PHE C 133 -9.04 -25.04 17.78
N ASP C 134 -8.16 -26.04 17.85
CA ASP C 134 -8.08 -26.85 19.07
C ASP C 134 -7.64 -26.06 20.29
N VAL C 135 -6.67 -25.15 20.13
CA VAL C 135 -6.23 -24.35 21.26
C VAL C 135 -7.33 -23.36 21.71
N ALA C 136 -8.05 -22.79 20.75
CA ALA C 136 -9.09 -21.84 21.11
C ALA C 136 -10.28 -22.60 21.72
N THR C 137 -10.48 -23.84 21.27
CA THR C 137 -11.54 -24.70 21.80
C THR C 137 -11.21 -25.10 23.25
N ALA C 138 -9.92 -25.30 23.49
CA ALA C 138 -9.45 -25.75 24.80
C ALA C 138 -9.51 -24.62 25.82
N MET C 139 -9.21 -23.41 25.36
CA MET C 139 -9.33 -22.22 26.19
C MET C 139 -10.79 -21.87 26.51
N LYS C 140 -11.69 -22.02 25.55
CA LYS C 140 -13.10 -21.72 25.82
C LYS C 140 -13.62 -22.65 26.89
N ALA C 141 -13.27 -23.94 26.79
CA ALA C 141 -13.67 -24.93 27.79
C ALA C 141 -13.08 -24.62 29.16
N ALA C 142 -11.76 -24.41 29.24
CA ALA C 142 -11.12 -24.05 30.50
C ALA C 142 -11.78 -22.80 31.12
N ALA C 143 -11.99 -21.79 30.28
CA ALA C 143 -12.48 -20.52 30.76
C ALA C 143 -13.87 -20.68 31.36
N GLN C 144 -14.77 -21.35 30.65
CA GLN C 144 -16.13 -21.58 31.12
C GLN C 144 -16.21 -22.33 32.45
N GLU C 145 -15.45 -23.43 32.54
CA GLU C 145 -15.38 -24.26 33.74
C GLU C 145 -14.85 -23.49 34.96
N SER C 146 -14.19 -22.36 34.70
CA SER C 146 -13.70 -21.52 35.79
C SER C 146 -14.85 -20.70 36.39
N GLY C 147 -16.03 -20.79 35.78
CA GLY C 147 -17.19 -20.05 36.24
C GLY C 147 -17.29 -18.65 35.67
N ALA C 148 -16.21 -18.15 35.07
CA ALA C 148 -16.21 -16.81 34.53
C ALA C 148 -17.02 -16.70 33.25
N THR C 149 -17.45 -15.48 32.94
CA THR C 149 -18.07 -15.16 31.67
C THR C 149 -16.99 -15.07 30.59
N VAL C 150 -17.22 -15.73 29.45
CA VAL C 150 -16.21 -15.87 28.41
C VAL C 150 -16.69 -15.20 27.14
N HIS C 151 -15.83 -14.41 26.50
CA HIS C 151 -16.15 -13.88 25.18
C HIS C 151 -15.18 -14.41 24.13
N MET C 152 -15.72 -14.91 23.03
CA MET C 152 -14.95 -15.31 21.85
C MET C 152 -15.08 -14.24 20.78
N GLY C 153 -14.02 -13.49 20.53
CA GLY C 153 -14.10 -12.49 19.47
C GLY C 153 -12.76 -11.92 19.07
N VAL C 154 -12.85 -10.76 18.45
CA VAL C 154 -11.72 -10.12 17.81
C VAL C 154 -10.95 -9.23 18.76
N THR C 155 -9.63 -9.44 18.78
CA THR C 155 -8.74 -8.55 19.51
C THR C 155 -7.93 -7.63 18.59
N ALA C 156 -7.95 -6.32 18.85
CA ALA C 156 -7.07 -5.41 18.11
C ALA C 156 -5.65 -5.40 18.70
N SER C 157 -4.67 -5.71 17.85
CA SER C 157 -3.31 -5.95 18.31
C SER C 157 -2.29 -4.93 17.76
N SER C 158 -1.87 -3.99 18.63
CA SER C 158 -1.16 -2.79 18.21
C SER C 158 0.31 -2.83 18.56
N ASP C 159 1.17 -2.30 17.68
CA ASP C 159 2.62 -2.21 17.93
C ASP C 159 2.99 -1.10 18.93
N THR C 160 2.01 -0.28 19.33
CA THR C 160 2.22 0.73 20.37
C THR C 160 1.15 0.67 21.45
N PHE C 161 1.48 1.15 22.65
CA PHE C 161 0.51 1.23 23.73
C PHE C 161 -0.29 2.53 23.71
N TYR C 162 0.25 3.59 23.09
CA TYR C 162 -0.34 4.93 23.13
C TYR C 162 -1.05 5.37 21.84
N PRO C 163 -0.29 5.84 20.81
CA PRO C 163 -1.08 6.38 19.71
C PRO C 163 -1.86 5.32 18.96
N GLY C 164 -1.34 4.10 18.92
CA GLY C 164 -1.93 3.02 18.15
C GLY C 164 -3.11 2.38 18.85
N GLN C 165 -3.33 2.77 20.10
CA GLN C 165 -4.52 2.38 20.82
C GLN C 165 -5.32 3.66 21.01
N GLU C 166 -4.95 4.67 20.22
CA GLU C 166 -5.56 5.99 20.20
C GLU C 166 -5.61 6.60 21.60
N ARG C 167 -4.45 6.68 22.25
CA ARG C 167 -4.34 7.44 23.49
C ARG C 167 -3.89 8.86 23.21
N TYR C 168 -4.58 9.82 23.82
CA TYR C 168 -4.27 11.24 23.62
C TYR C 168 -3.51 11.86 24.79
N ASP C 169 -3.51 11.17 25.93
CA ASP C 169 -2.83 11.65 27.13
C ASP C 169 -1.34 11.32 27.07
N THR C 170 -0.63 12.05 26.21
CA THR C 170 0.73 11.72 25.89
C THR C 170 1.57 12.95 25.83
N PHE C 171 2.85 12.79 25.56
CA PHE C 171 3.76 13.92 25.52
C PHE C 171 3.39 14.94 24.44
N THR C 172 3.12 14.47 23.22
CA THR C 172 2.75 15.37 22.13
C THR C 172 1.24 15.63 22.09
N GLY C 173 0.46 14.69 22.60
CA GLY C 173 -0.99 14.78 22.57
C GLY C 173 -1.52 14.52 21.17
N ARG C 174 -0.66 13.96 20.32
CA ARG C 174 -0.95 13.77 18.90
CA ARG C 174 -0.96 13.77 18.91
C ARG C 174 -1.19 12.31 18.55
N VAL C 175 -2.20 12.04 17.73
CA VAL C 175 -2.31 10.74 17.08
C VAL C 175 -2.23 10.90 15.57
N VAL C 176 -1.41 10.05 14.96
CA VAL C 176 -1.18 10.03 13.53
C VAL C 176 -2.49 9.67 12.83
N ARG C 177 -2.70 10.21 11.64
CA ARG C 177 -4.00 10.18 10.96
C ARG C 177 -4.64 8.77 10.89
N ARG C 178 -3.80 7.76 10.66
CA ARG C 178 -4.24 6.37 10.51
C ARG C 178 -5.00 5.85 11.71
N PHE C 179 -4.64 6.38 12.88
CA PHE C 179 -5.22 5.88 14.10
C PHE C 179 -6.19 6.85 14.78
N GLN C 180 -6.36 8.03 14.18
CA GLN C 180 -7.40 8.99 14.59
C GLN C 180 -8.77 8.39 14.29
N GLY C 181 -9.64 8.32 15.30
CA GLY C 181 -10.95 7.71 15.13
C GLY C 181 -10.94 6.19 15.10
N SER C 182 -9.76 5.59 15.21
CA SER C 182 -9.62 4.13 15.10
C SER C 182 -10.34 3.32 16.20
N MET C 183 -10.34 3.82 17.44
CA MET C 183 -10.95 3.03 18.50
C MET C 183 -12.45 2.85 18.31
N LYS C 184 -13.11 3.91 17.86
CA LYS C 184 -14.54 3.85 17.61
C LYS C 184 -14.78 2.95 16.42
N GLU C 185 -13.88 3.02 15.46
CA GLU C 185 -13.91 2.08 14.35
C GLU C 185 -13.89 0.64 14.84
N TRP C 186 -12.94 0.33 15.71
CA TRP C 186 -12.86 -1.03 16.24
C TRP C 186 -14.07 -1.46 17.09
N GLN C 187 -14.55 -0.54 17.94
CA GLN C 187 -15.78 -0.77 18.71
C GLN C 187 -16.96 -1.04 17.77
N ASP C 188 -17.07 -0.21 16.75
CA ASP C 188 -18.13 -0.42 15.78
C ASP C 188 -18.01 -1.77 15.12
N MET C 189 -16.78 -2.25 14.94
CA MET C 189 -16.54 -3.52 14.30
C MET C 189 -16.55 -4.71 15.24
N GLY C 190 -16.98 -4.49 16.48
CA GLY C 190 -17.17 -5.60 17.40
C GLY C 190 -15.91 -6.04 18.14
N VAL C 191 -14.82 -5.34 17.92
CA VAL C 191 -13.54 -5.73 18.54
C VAL C 191 -13.68 -5.65 20.06
N LEU C 192 -13.08 -6.60 20.75
CA LEU C 192 -13.30 -6.79 22.19
C LEU C 192 -12.30 -6.02 23.04
N ASN C 193 -11.04 -5.96 22.59
CA ASN C 193 -9.99 -5.41 23.42
C ASN C 193 -8.72 -5.11 22.62
N PHE C 194 -7.91 -4.19 23.12
CA PHE C 194 -6.53 -4.02 22.68
C PHE C 194 -5.58 -4.90 23.45
N GLU C 195 -4.57 -5.44 22.75
CA GLU C 195 -3.33 -5.95 23.34
C GLU C 195 -2.17 -5.72 22.35
N MET C 196 -0.98 -6.24 22.65
CA MET C 196 0.17 -5.90 21.80
C MET C 196 1.00 -7.07 21.26
N GLU C 197 0.54 -8.31 21.40
CA GLU C 197 1.39 -9.43 21.00
C GLU C 197 0.66 -10.47 20.14
N SER C 198 -0.67 -10.41 20.10
CA SER C 198 -1.46 -11.49 19.50
C SER C 198 -1.43 -11.52 17.98
N ALA C 199 -1.35 -10.36 17.34
CA ALA C 199 -1.27 -10.40 15.88
C ALA C 199 0.01 -11.13 15.43
N THR C 200 1.14 -10.81 16.05
CA THR C 200 2.40 -11.47 15.72
C THR C 200 2.41 -12.97 16.01
N LEU C 201 2.06 -13.32 17.23
CA LEU C 201 2.05 -14.71 17.65
C LEU C 201 1.11 -15.54 16.77
N LEU C 202 -0.13 -15.09 16.65
CA LEU C 202 -1.09 -15.86 15.86
C LEU C 202 -0.65 -16.06 14.41
N THR C 203 -0.13 -15.00 13.79
CA THR C 203 0.22 -15.03 12.37
C THR C 203 1.44 -15.88 12.18
N MET C 204 2.41 -15.68 13.07
CA MET C 204 3.61 -16.49 13.03
CA MET C 204 3.62 -16.52 13.14
C MET C 204 3.28 -17.99 13.15
N CYS C 205 2.44 -18.35 14.10
CA CYS C 205 2.15 -19.76 14.32
C CYS C 205 1.24 -20.37 13.23
N ALA C 206 0.15 -19.68 12.90
CA ALA C 206 -0.78 -20.11 11.84
C ALA C 206 -0.07 -20.41 10.51
N SER C 207 0.98 -19.66 10.22
CA SER C 207 1.66 -19.78 8.93
C SER C 207 2.94 -20.64 9.00
N SER C 208 3.19 -21.24 10.16
CA SER C 208 4.46 -21.94 10.41
C SER C 208 4.34 -23.36 10.99
N GLY C 209 3.15 -23.96 10.94
CA GLY C 209 2.95 -25.31 11.44
C GLY C 209 2.97 -25.43 12.95
N LEU C 210 2.53 -24.37 13.63
CA LEU C 210 2.50 -24.34 15.08
C LEU C 210 1.09 -23.98 15.58
N LYS C 211 0.75 -24.48 16.76
CA LYS C 211 -0.58 -24.26 17.31
C LYS C 211 -0.49 -23.15 18.36
N ALA C 212 -1.38 -22.19 18.26
CA ALA C 212 -1.41 -21.03 19.17
C ALA C 212 -2.83 -20.56 19.40
N GLY C 213 -3.04 -19.96 20.56
CA GLY C 213 -4.30 -19.32 20.91
C GLY C 213 -4.05 -18.32 22.03
N CYS C 214 -4.99 -17.40 22.23
CA CYS C 214 -4.78 -16.36 23.23
C CYS C 214 -5.95 -16.25 24.18
N VAL C 215 -5.66 -16.25 25.48
CA VAL C 215 -6.68 -15.94 26.48
C VAL C 215 -6.16 -14.90 27.48
N ALA C 216 -7.02 -13.96 27.84
CA ALA C 216 -6.66 -12.86 28.73
C ALA C 216 -7.80 -12.60 29.70
N GLY C 217 -7.47 -12.06 30.87
CA GLY C 217 -8.50 -11.70 31.85
C GLY C 217 -8.81 -10.22 31.81
N VAL C 218 -10.09 -9.87 31.83
CA VAL C 218 -10.46 -8.46 31.72
C VAL C 218 -10.41 -7.77 33.07
N ILE C 219 -9.41 -6.94 33.25
CA ILE C 219 -9.16 -6.26 34.52
C ILE C 219 -9.62 -4.80 34.54
N ILE C 220 -9.82 -4.22 33.35
CA ILE C 220 -10.31 -2.84 33.25
C ILE C 220 -11.05 -2.62 31.92
N ASN C 221 -12.06 -1.77 31.94
CA ASN C 221 -12.87 -1.49 30.78
C ASN C 221 -12.78 0.01 30.48
N ARG C 222 -12.29 0.37 29.30
CA ARG C 222 -12.03 1.77 28.98
CA ARG C 222 -12.03 1.76 28.94
C ARG C 222 -13.30 2.56 28.68
N THR C 223 -14.41 1.86 28.46
CA THR C 223 -15.69 2.53 28.24
C THR C 223 -16.30 2.94 29.57
N GLN C 224 -15.75 2.38 30.65
CA GLN C 224 -16.22 2.65 32.00
C GLN C 224 -15.19 3.45 32.78
N LYS C 225 -15.65 4.53 33.41
CA LYS C 225 -14.79 5.44 34.18
C LYS C 225 -14.02 4.76 35.30
N GLU C 226 -14.68 3.81 35.95
CA GLU C 226 -14.19 3.25 37.21
C GLU C 226 -12.87 2.48 37.13
N ILE C 227 -12.14 2.50 38.24
CA ILE C 227 -11.07 1.54 38.47
C ILE C 227 -11.70 0.44 39.33
N PRO C 228 -11.65 -0.81 38.84
CA PRO C 228 -12.32 -1.95 39.49
C PRO C 228 -11.73 -2.34 40.85
N ASP C 229 -12.47 -3.16 41.61
CA ASP C 229 -12.03 -3.61 42.93
C ASP C 229 -10.67 -4.29 42.84
N HIS C 230 -9.73 -3.86 43.68
CA HIS C 230 -8.37 -4.37 43.57
C HIS C 230 -8.14 -5.73 44.20
N ALA C 231 -9.23 -6.37 44.59
CA ALA C 231 -9.22 -7.78 44.97
C ALA C 231 -9.77 -8.57 43.78
N THR C 232 -10.39 -7.85 42.85
CA THR C 232 -10.83 -8.41 41.57
C THR C 232 -9.61 -8.45 40.65
N LEU C 233 -8.66 -7.54 40.86
CA LEU C 233 -7.40 -7.52 40.13
C LEU C 233 -6.69 -8.86 40.25
N LYS C 234 -6.38 -9.25 41.50
CA LYS C 234 -5.65 -10.48 41.77
C LYS C 234 -6.50 -11.71 41.50
N GLU C 235 -7.79 -11.62 41.76
CA GLU C 235 -8.68 -12.74 41.47
C GLU C 235 -8.70 -13.03 39.98
N THR C 236 -8.84 -11.99 39.17
CA THR C 236 -8.88 -12.13 37.72
C THR C 236 -7.54 -12.65 37.24
N GLU C 237 -6.48 -12.11 37.84
CA GLU C 237 -5.12 -12.53 37.56
C GLU C 237 -4.90 -14.00 37.91
N ALA C 238 -5.30 -14.39 39.12
CA ALA C 238 -5.15 -15.76 39.58
C ALA C 238 -5.94 -16.68 38.66
N ARG C 239 -7.14 -16.26 38.31
CA ARG C 239 -8.03 -17.04 37.46
CA ARG C 239 -8.03 -17.05 37.46
C ARG C 239 -7.45 -17.18 36.05
N SER C 240 -6.84 -16.12 35.56
CA SER C 240 -6.30 -16.09 34.20
C SER C 240 -5.30 -17.20 33.95
N ILE C 241 -4.41 -17.44 34.92
CA ILE C 241 -3.42 -18.51 34.78
C ILE C 241 -4.00 -19.88 35.16
N LYS C 242 -5.08 -19.90 35.95
CA LYS C 242 -5.77 -21.16 36.26
C LYS C 242 -6.47 -21.68 35.01
N VAL C 243 -6.84 -20.76 34.12
CA VAL C 243 -7.51 -21.15 32.88
C VAL C 243 -6.52 -21.74 31.84
N VAL C 244 -5.39 -21.07 31.64
CA VAL C 244 -4.39 -21.49 30.66
C VAL C 244 -3.67 -22.76 31.08
N VAL C 245 -3.59 -23.00 32.39
CA VAL C 245 -3.05 -24.27 32.84
C VAL C 245 -4.05 -25.39 32.61
N GLU C 246 -5.32 -25.17 32.91
CA GLU C 246 -6.30 -26.20 32.59
CA GLU C 246 -6.32 -26.19 32.59
C GLU C 246 -6.46 -26.38 31.08
N ALA C 247 -6.40 -25.28 30.34
CA ALA C 247 -6.52 -25.33 28.90
C ALA C 247 -5.36 -26.18 28.37
N ALA C 248 -4.19 -25.98 28.94
CA ALA C 248 -3.00 -26.70 28.52
C ALA C 248 -3.13 -28.20 28.74
N ARG C 249 -3.65 -28.56 29.91
CA ARG C 249 -3.93 -29.95 30.23
C ARG C 249 -4.90 -30.58 29.21
N LYS C 250 -5.87 -29.81 28.75
CA LYS C 250 -6.79 -30.27 27.72
C LYS C 250 -6.05 -30.53 26.43
N MET C 251 -5.12 -29.63 26.10
CA MET C 251 -4.35 -29.72 24.85
C MET C 251 -3.45 -30.95 24.84
N LEU C 252 -3.00 -31.37 26.02
CA LEU C 252 -2.34 -32.65 26.17
C LEU C 252 -3.47 -33.69 26.18
N LYS C 253 -3.14 -34.98 26.21
CA LYS C 253 -4.14 -36.07 26.13
C LYS C 253 -4.61 -36.37 24.70
N LYS D 3 1.18 11.71 37.68
CA LYS D 3 2.46 12.12 38.25
C LYS D 3 3.50 11.01 38.04
N THR D 4 3.06 9.76 38.20
CA THR D 4 3.94 8.61 37.99
C THR D 4 3.52 7.78 36.77
N VAL D 5 4.44 7.62 35.82
CA VAL D 5 4.08 6.96 34.54
C VAL D 5 3.60 5.52 34.68
N PHE D 6 2.81 5.07 33.72
CA PHE D 6 2.15 3.77 33.80
C PHE D 6 3.08 2.54 33.81
N HIS D 7 4.10 2.50 32.95
CA HIS D 7 4.93 1.30 32.85
C HIS D 7 6.24 1.39 33.61
N LEU D 8 6.89 2.54 33.53
CA LEU D 8 8.18 2.73 34.17
C LEU D 8 8.08 2.87 35.68
N GLY D 9 6.90 3.25 36.17
CA GLY D 9 6.66 3.37 37.60
C GLY D 9 7.57 4.36 38.30
N VAL D 10 7.82 5.48 37.63
CA VAL D 10 8.66 6.53 38.22
C VAL D 10 7.96 7.86 38.11
N THR D 11 8.53 8.90 38.72
CA THR D 11 7.96 10.23 38.63
C THR D 11 8.97 11.23 38.07
N GLU D 12 8.52 12.45 37.78
CA GLU D 12 9.41 13.48 37.21
C GLU D 12 10.46 13.94 38.22
N ALA D 13 10.04 14.08 39.49
CA ALA D 13 10.98 14.42 40.55
C ALA D 13 12.10 13.38 40.63
N ASP D 14 11.76 12.11 40.40
CA ASP D 14 12.73 11.01 40.39
C ASP D 14 13.89 11.26 39.45
N LEU D 15 13.63 11.96 38.34
CA LEU D 15 14.67 12.17 37.33
C LEU D 15 15.53 13.39 37.66
N ASN D 16 15.27 14.03 38.80
CA ASN D 16 15.98 15.25 39.22
C ASN D 16 16.27 16.26 38.12
N GLY D 17 15.31 16.43 37.20
CA GLY D 17 15.52 17.32 36.07
C GLY D 17 16.38 16.74 34.94
N ALA D 18 16.53 15.42 34.92
CA ALA D 18 17.19 14.77 33.78
C ALA D 18 16.39 15.05 32.51
N THR D 19 17.08 15.48 31.45
CA THR D 19 16.46 15.65 30.15
C THR D 19 17.18 14.81 29.08
N LEU D 20 18.09 13.93 29.51
CA LEU D 20 18.74 12.98 28.61
C LEU D 20 18.70 11.59 29.21
N ALA D 21 18.44 10.60 28.35
CA ALA D 21 18.44 9.20 28.74
C ALA D 21 19.31 8.39 27.79
N ILE D 22 20.13 7.52 28.36
CA ILE D 22 20.81 6.48 27.56
C ILE D 22 19.93 5.26 27.59
N ILE D 23 19.56 4.76 26.43
CA ILE D 23 18.63 3.64 26.38
C ILE D 23 19.20 2.39 25.74
N PRO D 24 19.78 1.51 26.55
CA PRO D 24 20.16 0.20 26.01
C PRO D 24 18.90 -0.65 25.97
N GLY D 25 18.99 -1.88 25.50
CA GLY D 25 17.81 -2.73 25.48
C GLY D 25 17.83 -3.64 26.68
N ASP D 26 19.04 -4.00 27.09
CA ASP D 26 19.26 -5.02 28.11
C ASP D 26 19.33 -4.33 29.47
N PRO D 27 18.45 -4.75 30.40
CA PRO D 27 18.43 -4.26 31.79
C PRO D 27 19.76 -4.49 32.51
N ALA D 28 20.56 -5.42 32.01
CA ALA D 28 21.85 -5.75 32.62
C ALA D 28 22.93 -4.78 32.13
N ARG D 29 22.70 -4.18 30.97
CA ARG D 29 23.59 -3.13 30.51
CA ARG D 29 23.57 -3.12 30.50
C ARG D 29 23.36 -1.88 31.36
N VAL D 30 22.14 -1.74 31.89
CA VAL D 30 21.75 -0.54 32.66
C VAL D 30 22.66 -0.17 33.84
N GLN D 31 22.85 -1.09 34.78
CA GLN D 31 23.73 -0.81 35.93
C GLN D 31 25.12 -0.42 35.43
N LYS D 32 25.72 -1.29 34.62
CA LYS D 32 27.07 -1.10 34.09
C LYS D 32 27.30 0.24 33.38
N ILE D 33 26.33 0.73 32.62
CA ILE D 33 26.47 2.02 31.96
C ILE D 33 26.50 3.13 33.02
N ALA D 34 25.60 2.99 33.99
CA ALA D 34 25.49 3.98 35.06
C ALA D 34 26.77 4.03 35.88
N GLU D 35 27.51 2.93 35.91
CA GLU D 35 28.72 2.94 36.74
CA GLU D 35 28.76 2.80 36.66
C GLU D 35 29.91 3.57 36.00
N LEU D 36 29.68 4.00 34.76
CA LEU D 36 30.63 4.88 34.09
C LEU D 36 30.19 6.31 34.37
N MET D 37 29.31 6.46 35.35
CA MET D 37 28.83 7.76 35.80
C MET D 37 28.78 7.72 37.33
N ASP D 38 28.07 8.64 37.95
CA ASP D 38 28.17 8.73 39.41
C ASP D 38 26.87 8.52 40.19
N ASN D 39 27.05 8.11 41.45
CA ASN D 39 25.97 7.74 42.35
C ASN D 39 24.70 7.17 41.70
N PRO D 40 24.85 6.03 41.00
CA PRO D 40 23.72 5.39 40.34
C PRO D 40 22.61 5.01 41.31
N VAL D 41 21.43 5.58 41.12
CA VAL D 41 20.29 5.28 41.98
C VAL D 41 19.29 4.40 41.22
N PHE D 42 18.88 3.30 41.85
CA PHE D 42 17.80 2.49 41.31
C PHE D 42 16.50 3.28 41.51
N LEU D 43 15.66 3.37 40.46
CA LEU D 43 14.38 4.06 40.58
C LEU D 43 13.20 3.10 40.49
N ALA D 44 13.23 2.23 39.48
CA ALA D 44 12.16 1.24 39.31
C ALA D 44 12.60 0.11 38.39
N SER D 45 11.98 -1.04 38.56
CA SER D 45 12.25 -2.17 37.68
C SER D 45 10.99 -2.97 37.47
N HIS D 46 10.30 -2.64 36.38
CA HIS D 46 9.09 -3.35 35.99
CA HIS D 46 9.09 -3.35 35.99
C HIS D 46 9.31 -4.00 34.62
N ARG D 47 9.12 -5.31 34.55
CA ARG D 47 9.37 -6.05 33.32
C ARG D 47 10.76 -5.73 32.76
N GLU D 48 10.79 -5.37 31.48
CA GLU D 48 12.05 -5.17 30.76
C GLU D 48 12.63 -3.79 30.98
N TYR D 49 11.88 -2.95 31.69
CA TYR D 49 12.27 -1.59 32.02
C TYR D 49 12.88 -1.53 33.42
N THR D 50 14.16 -1.20 33.47
CA THR D 50 14.85 -1.00 34.72
C THR D 50 15.32 0.43 34.62
N VAL D 51 14.84 1.27 35.52
CA VAL D 51 15.07 2.69 35.39
C VAL D 51 16.07 3.14 36.44
N TYR D 52 17.20 3.65 35.97
CA TYR D 52 18.21 4.13 36.87
C TYR D 52 18.46 5.58 36.65
N ARG D 53 18.70 6.27 37.75
CA ARG D 53 19.24 7.62 37.71
CA ARG D 53 19.24 7.61 37.70
C ARG D 53 20.71 7.50 38.08
N ALA D 54 21.52 8.39 37.53
CA ALA D 54 22.89 8.50 37.91
C ALA D 54 23.22 9.93 37.55
N GLU D 55 24.40 10.39 37.93
CA GLU D 55 24.85 11.72 37.57
CA GLU D 55 24.85 11.72 37.57
C GLU D 55 26.04 11.63 36.62
N LEU D 56 26.07 12.53 35.64
CA LEU D 56 27.12 12.61 34.63
C LEU D 56 27.59 14.05 34.49
N ASP D 57 28.89 14.25 34.74
CA ASP D 57 29.51 15.59 34.77
C ASP D 57 28.70 16.61 35.55
N GLY D 58 28.19 16.19 36.70
CA GLY D 58 27.39 17.06 37.53
C GLY D 58 26.05 17.42 36.94
N GLN D 59 25.51 16.53 36.10
CA GLN D 59 24.15 16.68 35.60
C GLN D 59 23.41 15.36 35.78
N SER D 60 22.11 15.44 36.04
CA SER D 60 21.30 14.23 36.19
C SER D 60 21.04 13.60 34.82
N VAL D 61 21.13 12.29 34.74
CA VAL D 61 20.81 11.59 33.50
C VAL D 61 20.04 10.28 33.78
N VAL D 62 19.26 9.84 32.81
CA VAL D 62 18.57 8.58 32.97
C VAL D 62 19.28 7.47 32.19
N VAL D 63 19.26 6.27 32.74
CA VAL D 63 19.59 5.10 31.97
C VAL D 63 18.36 4.19 32.06
N CYS D 64 17.74 3.90 30.92
CA CYS D 64 16.54 3.08 30.93
C CYS D 64 16.62 2.03 29.85
N SER D 65 16.49 0.77 30.26
CA SER D 65 16.50 -0.33 29.34
C SER D 65 15.18 -0.27 28.57
N THR D 66 15.11 -0.91 27.42
CA THR D 66 13.95 -0.77 26.56
C THR D 66 13.36 -2.13 26.18
N GLY D 67 14.12 -3.18 26.43
CA GLY D 67 13.72 -4.49 25.95
C GLY D 67 13.96 -4.60 24.47
N ILE D 68 13.33 -5.58 23.83
CA ILE D 68 13.58 -5.80 22.42
C ILE D 68 12.37 -5.37 21.64
N GLY D 69 12.59 -4.59 20.60
CA GLY D 69 11.56 -4.27 19.64
C GLY D 69 11.05 -2.85 19.79
N GLY D 70 10.68 -2.24 18.66
CA GLY D 70 10.02 -0.94 18.65
C GLY D 70 8.87 -0.77 19.64
N PRO D 71 7.99 -1.79 19.78
CA PRO D 71 6.87 -1.66 20.73
C PRO D 71 7.28 -1.36 22.17
N SER D 72 8.19 -2.12 22.76
CA SER D 72 8.58 -1.87 24.14
C SER D 72 9.33 -0.55 24.22
N THR D 73 10.16 -0.30 23.22
CA THR D 73 10.88 0.98 23.11
C THR D 73 9.98 2.22 23.06
N SER D 74 8.88 2.15 22.30
CA SER D 74 8.03 3.33 22.12
C SER D 74 7.41 3.68 23.45
N ILE D 75 7.25 2.66 24.30
CA ILE D 75 6.71 2.82 25.62
C ILE D 75 7.66 3.61 26.50
N ALA D 76 8.89 3.15 26.58
CA ALA D 76 9.91 3.79 27.42
C ALA D 76 10.17 5.24 27.04
N VAL D 77 10.12 5.53 25.75
CA VAL D 77 10.47 6.84 25.22
C VAL D 77 9.34 7.82 25.52
N GLU D 78 8.10 7.39 25.30
CA GLU D 78 6.94 8.21 25.54
C GLU D 78 6.85 8.59 27.01
N GLU D 79 6.97 7.60 27.88
CA GLU D 79 6.84 7.83 29.31
C GLU D 79 7.95 8.71 29.87
N LEU D 80 9.16 8.53 29.35
CA LEU D 80 10.26 9.38 29.77
C LEU D 80 10.10 10.82 29.29
N ALA D 81 9.54 10.99 28.10
CA ALA D 81 9.28 12.32 27.53
C ALA D 81 8.22 13.03 28.36
N GLN D 82 7.24 12.29 28.85
CA GLN D 82 6.22 12.85 29.72
C GLN D 82 6.93 13.43 30.94
N LEU D 83 8.06 12.85 31.30
CA LEU D 83 8.78 13.31 32.48
C LEU D 83 9.86 14.35 32.19
N GLY D 84 9.87 14.88 30.98
CA GLY D 84 10.79 15.95 30.65
C GLY D 84 11.98 15.54 29.77
N VAL D 85 12.22 14.24 29.61
CA VAL D 85 13.38 13.80 28.80
C VAL D 85 13.18 14.17 27.33
N ARG D 86 14.22 14.73 26.74
CA ARG D 86 14.14 15.26 25.38
C ARG D 86 15.18 14.63 24.44
N THR D 87 16.22 14.03 25.00
CA THR D 87 17.27 13.42 24.20
C THR D 87 17.41 11.95 24.54
N PHE D 88 17.55 11.09 23.53
CA PHE D 88 17.56 9.67 23.79
C PHE D 88 18.70 9.01 23.02
N LEU D 89 19.60 8.35 23.74
CA LEU D 89 20.82 7.83 23.15
C LEU D 89 20.80 6.33 23.12
N ARG D 90 20.82 5.81 21.90
CA ARG D 90 20.73 4.38 21.68
C ARG D 90 22.09 3.73 21.56
N VAL D 91 22.35 2.78 22.46
CA VAL D 91 23.59 2.03 22.45
C VAL D 91 23.29 0.54 22.40
N GLY D 92 24.10 -0.22 21.67
CA GLY D 92 23.97 -1.68 21.70
C GLY D 92 24.93 -2.36 20.75
N THR D 93 24.60 -3.59 20.36
N THR D 93 24.64 -3.61 20.38
CA THR D 93 25.40 -4.35 19.39
CA THR D 93 25.44 -4.24 19.33
C THR D 93 24.61 -4.52 18.08
C THR D 93 24.62 -4.75 18.15
N THR D 94 25.30 -4.95 17.03
CA THR D 94 24.65 -5.12 15.74
C THR D 94 25.40 -6.14 14.89
N GLY D 95 24.81 -6.53 13.75
CA GLY D 95 25.50 -7.39 12.80
C GLY D 95 25.71 -6.69 11.46
N ALA D 96 26.95 -6.64 11.01
CA ALA D 96 27.29 -5.91 9.78
C ALA D 96 27.05 -6.74 8.52
N ILE D 97 26.66 -6.08 7.44
CA ILE D 97 26.40 -6.80 6.20
C ILE D 97 27.24 -6.27 5.05
N GLN D 98 28.15 -5.36 5.39
CA GLN D 98 29.15 -4.93 4.42
C GLN D 98 30.49 -5.56 4.75
N PRO D 99 31.16 -6.12 3.76
CA PRO D 99 32.43 -6.81 4.01
C PRO D 99 33.51 -5.86 4.56
N HIS D 100 33.46 -4.58 4.20
CA HIS D 100 34.50 -3.66 4.62
C HIS D 100 34.37 -3.29 6.10
N VAL D 101 33.26 -3.68 6.72
CA VAL D 101 33.06 -3.39 8.13
C VAL D 101 33.50 -4.55 9.01
N ASN D 102 34.38 -4.26 9.97
CA ASN D 102 34.96 -5.30 10.82
C ASN D 102 34.36 -5.36 12.22
N VAL D 103 34.40 -6.55 12.81
CA VAL D 103 34.04 -6.73 14.21
C VAL D 103 34.94 -5.83 15.05
N GLY D 104 34.34 -5.02 15.92
CA GLY D 104 35.10 -4.04 16.68
C GLY D 104 34.68 -2.63 16.31
N ASP D 105 34.33 -2.44 15.05
CA ASP D 105 33.90 -1.14 14.54
C ASP D 105 32.61 -0.65 15.18
N MET D 106 32.40 0.66 15.17
CA MET D 106 31.17 1.29 15.64
C MET D 106 30.32 1.74 14.47
N ILE D 107 29.03 1.48 14.54
CA ILE D 107 28.11 2.03 13.55
C ILE D 107 27.22 3.13 14.16
N VAL D 108 27.34 4.33 13.60
CA VAL D 108 26.42 5.41 13.95
C VAL D 108 25.41 5.57 12.79
N THR D 109 24.14 5.40 13.11
CA THR D 109 23.05 5.40 12.12
C THR D 109 22.70 6.80 11.61
N THR D 110 22.80 7.00 10.29
CA THR D 110 22.40 8.28 9.72
C THR D 110 20.97 8.19 9.20
N GLY D 111 20.39 7.00 9.31
CA GLY D 111 19.11 6.73 8.71
C GLY D 111 18.74 5.27 8.83
N SER D 112 17.48 5.02 9.10
CA SER D 112 17.01 3.66 9.29
C SER D 112 16.04 3.24 8.19
N VAL D 113 16.27 2.05 7.63
CA VAL D 113 15.27 1.47 6.77
C VAL D 113 14.19 0.97 7.69
N ARG D 114 12.94 1.26 7.32
CA ARG D 114 11.81 1.05 8.21
C ARG D 114 11.12 -0.29 7.97
N LEU D 115 11.74 -1.35 8.49
CA LEU D 115 11.21 -2.69 8.39
C LEU D 115 10.50 -3.06 9.67
N ASP D 116 9.87 -2.07 10.30
CA ASP D 116 9.17 -2.25 11.57
C ASP D 116 7.70 -1.85 11.44
N GLY D 117 6.95 -2.00 12.52
CA GLY D 117 5.57 -1.58 12.54
C GLY D 117 5.29 -0.35 13.38
N ALA D 118 6.02 -0.16 14.47
CA ALA D 118 5.68 0.93 15.39
C ALA D 118 6.04 2.34 14.89
N SER D 119 7.03 2.47 14.03
CA SER D 119 7.35 3.77 13.40
C SER D 119 6.12 4.32 12.72
N LEU D 120 5.39 3.44 12.03
CA LEU D 120 4.13 3.82 11.37
C LEU D 120 3.07 4.41 12.31
N HIS D 121 3.19 4.15 13.62
CA HIS D 121 2.19 4.66 14.55
C HIS D 121 2.52 6.09 14.97
N PHE D 122 3.56 6.65 14.37
CA PHE D 122 4.00 7.99 14.72
C PHE D 122 4.05 8.94 13.53
N ALA D 123 4.46 8.41 12.39
CA ALA D 123 4.54 9.13 11.15
C ALA D 123 4.35 8.11 10.06
N PRO D 124 3.76 8.53 8.92
CA PRO D 124 3.56 7.57 7.84
C PRO D 124 4.90 7.19 7.21
N MET D 125 4.87 6.17 6.36
CA MET D 125 6.10 5.53 5.88
C MET D 125 7.04 6.48 5.11
N GLU D 126 6.48 7.49 4.44
CA GLU D 126 7.31 8.45 3.67
C GLU D 126 8.22 9.34 4.53
N PHE D 127 7.94 9.40 5.82
CA PHE D 127 8.70 10.22 6.77
C PHE D 127 9.99 9.48 7.08
N PRO D 128 11.12 10.21 7.08
CA PRO D 128 12.40 9.50 7.17
C PRO D 128 12.71 9.08 8.59
N ALA D 129 13.30 7.90 8.78
CA ALA D 129 13.81 7.53 10.10
C ALA D 129 15.24 8.05 10.30
N VAL D 130 15.35 9.27 10.84
CA VAL D 130 16.62 10.00 10.81
C VAL D 130 17.04 10.46 12.22
N PRO D 131 18.35 10.44 12.54
CA PRO D 131 18.72 10.87 13.89
C PRO D 131 18.78 12.37 13.98
N ASP D 132 18.80 12.91 15.19
CA ASP D 132 19.12 14.31 15.40
C ASP D 132 20.61 14.53 15.11
N PHE D 133 20.92 15.54 14.31
CA PHE D 133 22.28 15.75 13.79
C PHE D 133 23.30 15.95 14.90
N ASP D 134 22.92 16.70 15.94
CA ASP D 134 23.79 16.88 17.09
C ASP D 134 24.13 15.54 17.77
N VAL D 135 23.14 14.68 17.97
CA VAL D 135 23.41 13.36 18.59
C VAL D 135 24.32 12.52 17.69
N ALA D 136 24.05 12.49 16.40
CA ALA D 136 24.87 11.67 15.50
C ALA D 136 26.31 12.22 15.48
N THR D 137 26.44 13.54 15.49
CA THR D 137 27.77 14.17 15.55
C THR D 137 28.51 13.76 16.82
N ALA D 138 27.88 13.96 17.98
CA ALA D 138 28.49 13.60 19.26
C ALA D 138 28.90 12.14 19.28
N MET D 139 28.06 11.29 18.70
CA MET D 139 28.34 9.86 18.67
C MET D 139 29.52 9.53 17.79
N LYS D 140 29.57 10.12 16.59
CA LYS D 140 30.68 9.89 15.69
C LYS D 140 31.98 10.31 16.36
N ALA D 141 31.98 11.51 16.96
CA ALA D 141 33.16 12.04 17.66
C ALA D 141 33.60 11.10 18.79
N ALA D 142 32.70 10.83 19.71
CA ALA D 142 32.97 9.93 20.83
C ALA D 142 33.52 8.58 20.36
N ALA D 143 33.06 8.13 19.20
CA ALA D 143 33.48 6.83 18.68
C ALA D 143 34.90 6.89 18.13
N GLN D 144 35.19 7.92 17.35
CA GLN D 144 36.52 8.15 16.80
C GLN D 144 37.57 8.33 17.88
N GLU D 145 37.25 9.14 18.89
CA GLU D 145 38.13 9.38 20.02
C GLU D 145 38.43 8.11 20.81
N SER D 146 37.50 7.17 20.81
CA SER D 146 37.69 5.89 21.50
C SER D 146 38.81 5.05 20.86
N GLY D 147 39.22 5.39 19.65
CA GLY D 147 40.23 4.60 18.94
C GLY D 147 39.67 3.67 17.88
N ALA D 148 38.37 3.43 17.92
CA ALA D 148 37.75 2.49 17.00
C ALA D 148 37.57 3.05 15.59
N THR D 149 37.60 2.16 14.60
CA THR D 149 37.13 2.46 13.26
C THR D 149 35.62 2.66 13.31
N VAL D 150 35.14 3.72 12.64
CA VAL D 150 33.76 4.18 12.76
C VAL D 150 33.05 4.34 11.40
N HIS D 151 31.86 3.75 11.25
CA HIS D 151 31.11 3.94 10.00
C HIS D 151 29.78 4.69 10.16
N MET D 152 29.60 5.76 9.40
CA MET D 152 28.34 6.48 9.38
C MET D 152 27.52 5.91 8.23
N GLY D 153 26.24 5.64 8.44
CA GLY D 153 25.46 5.08 7.37
C GLY D 153 24.09 4.59 7.76
N VAL D 154 23.40 4.05 6.74
CA VAL D 154 22.03 3.54 6.85
C VAL D 154 21.96 2.17 7.50
N THR D 155 20.99 2.05 8.40
CA THR D 155 20.76 0.85 9.20
C THR D 155 19.40 0.23 8.87
N ALA D 156 19.35 -1.04 8.53
CA ALA D 156 18.06 -1.69 8.36
C ALA D 156 17.50 -2.10 9.72
N SER D 157 16.32 -1.58 10.05
CA SER D 157 15.74 -1.86 11.37
C SER D 157 14.50 -2.74 11.22
N SER D 158 14.58 -3.94 11.78
CA SER D 158 13.62 -4.99 11.50
C SER D 158 12.84 -5.41 12.74
N ASP D 159 11.55 -5.66 12.56
CA ASP D 159 10.70 -6.12 13.67
C ASP D 159 11.02 -7.54 14.13
N THR D 160 11.84 -8.24 13.35
CA THR D 160 12.21 -9.61 13.68
C THR D 160 13.71 -9.80 13.59
N PHE D 161 14.16 -10.90 14.18
CA PHE D 161 15.56 -11.21 14.24
C PHE D 161 15.87 -12.20 13.11
N TYR D 162 14.89 -13.02 12.77
CA TYR D 162 15.13 -14.07 11.79
C TYR D 162 14.62 -13.73 10.37
N PRO D 163 13.32 -13.86 10.09
CA PRO D 163 13.00 -13.67 8.65
C PRO D 163 13.21 -12.25 8.14
N GLY D 164 12.89 -11.24 8.95
CA GLY D 164 13.11 -9.86 8.57
C GLY D 164 14.59 -9.49 8.42
N GLN D 165 15.49 -10.30 8.99
CA GLN D 165 16.91 -10.12 8.72
C GLN D 165 17.42 -11.25 7.82
N GLU D 166 16.48 -11.86 7.09
CA GLU D 166 16.74 -12.96 6.14
C GLU D 166 17.59 -14.11 6.66
N ARG D 167 17.32 -14.51 7.90
CA ARG D 167 17.88 -15.75 8.40
C ARG D 167 17.03 -16.96 7.97
N TYR D 168 17.72 -17.97 7.46
CA TYR D 168 17.08 -19.20 6.99
C TYR D 168 17.29 -20.36 7.98
N ASP D 169 18.26 -20.20 8.86
CA ASP D 169 18.60 -21.23 9.86
C ASP D 169 17.60 -21.24 11.00
N THR D 170 16.35 -21.56 10.66
CA THR D 170 15.26 -21.36 11.60
C THR D 170 14.39 -22.60 11.64
N PHE D 171 13.28 -22.55 12.38
CA PHE D 171 12.42 -23.72 12.51
C PHE D 171 11.80 -24.21 11.18
N THR D 172 11.42 -23.31 10.27
CA THR D 172 10.80 -23.74 9.02
C THR D 172 11.74 -23.58 7.85
N GLY D 173 12.83 -22.84 8.03
CA GLY D 173 13.75 -22.55 6.94
C GLY D 173 13.09 -21.75 5.83
N ARG D 174 12.15 -20.89 6.21
CA ARG D 174 11.39 -20.15 5.21
CA ARG D 174 11.35 -20.14 5.24
C ARG D 174 11.36 -18.65 5.52
N VAL D 175 11.49 -17.86 4.47
CA VAL D 175 11.40 -16.41 4.60
C VAL D 175 10.24 -15.95 3.72
N VAL D 176 9.35 -15.10 4.27
CA VAL D 176 8.22 -14.61 3.50
C VAL D 176 8.72 -13.80 2.28
N ARG D 177 7.91 -13.79 1.22
CA ARG D 177 8.29 -13.20 -0.08
C ARG D 177 8.95 -11.81 0.02
N ARG D 178 8.34 -10.91 0.78
CA ARG D 178 8.86 -9.57 1.00
CA ARG D 178 8.87 -9.57 0.97
C ARG D 178 10.34 -9.60 1.38
N PHE D 179 10.73 -10.59 2.15
CA PHE D 179 12.09 -10.61 2.65
C PHE D 179 13.07 -11.53 1.90
N GLN D 180 12.60 -12.20 0.86
CA GLN D 180 13.47 -13.08 0.06
C GLN D 180 14.41 -12.28 -0.83
N GLY D 181 15.72 -12.42 -0.60
CA GLY D 181 16.71 -11.69 -1.36
C GLY D 181 16.91 -10.27 -0.84
N SER D 182 16.25 -9.99 0.28
CA SER D 182 16.29 -8.68 0.93
C SER D 182 17.68 -8.28 1.43
N MET D 183 18.39 -9.18 2.08
CA MET D 183 19.73 -8.81 2.56
C MET D 183 20.64 -8.34 1.43
N LYS D 184 20.50 -8.95 0.27
CA LYS D 184 21.39 -8.62 -0.84
C LYS D 184 21.00 -7.27 -1.42
N GLU D 185 19.70 -6.99 -1.34
CA GLU D 185 19.16 -5.70 -1.76
C GLU D 185 19.71 -4.56 -0.89
N TRP D 186 19.65 -4.72 0.44
CA TRP D 186 20.21 -3.71 1.33
C TRP D 186 21.70 -3.49 1.06
N GLN D 187 22.43 -4.59 0.85
CA GLN D 187 23.86 -4.51 0.59
C GLN D 187 24.18 -3.69 -0.64
N ASP D 188 23.48 -3.94 -1.75
CA ASP D 188 23.76 -3.21 -2.97
C ASP D 188 23.33 -1.76 -2.80
N MET D 189 22.45 -1.51 -1.84
CA MET D 189 22.06 -0.13 -1.49
C MET D 189 22.96 0.49 -0.43
N GLY D 190 23.98 -0.23 0.00
CA GLY D 190 24.96 0.37 0.90
C GLY D 190 24.53 0.43 2.37
N VAL D 191 23.46 -0.27 2.73
CA VAL D 191 23.08 -0.42 4.13
C VAL D 191 24.21 -1.10 4.88
N LEU D 192 24.46 -0.69 6.12
CA LEU D 192 25.64 -1.21 6.85
C LEU D 192 25.32 -2.40 7.74
N ASN D 193 24.17 -2.35 8.39
CA ASN D 193 23.87 -3.34 9.42
C ASN D 193 22.40 -3.62 9.62
N PHE D 194 22.14 -4.69 10.39
CA PHE D 194 20.79 -5.07 10.80
C PHE D 194 20.67 -4.88 12.31
N GLU D 195 19.70 -4.09 12.74
CA GLU D 195 19.27 -4.16 14.14
C GLU D 195 17.76 -4.08 14.26
N MET D 196 17.23 -3.84 15.45
CA MET D 196 15.79 -4.02 15.63
C MET D 196 15.04 -2.89 16.28
N GLU D 197 15.68 -1.76 16.56
CA GLU D 197 14.99 -0.72 17.33
C GLU D 197 15.05 0.68 16.75
N SER D 198 16.01 0.90 15.86
CA SER D 198 16.32 2.29 15.46
C SER D 198 15.24 2.95 14.65
N ALA D 199 14.40 2.18 13.94
CA ALA D 199 13.38 2.78 13.09
C ALA D 199 12.27 3.40 13.90
N THR D 200 11.86 2.70 14.96
CA THR D 200 10.83 3.23 15.83
C THR D 200 11.38 4.36 16.66
N LEU D 201 12.57 4.14 17.21
CA LEU D 201 13.25 5.20 17.93
C LEU D 201 13.36 6.48 17.09
N LEU D 202 13.97 6.38 15.92
CA LEU D 202 14.31 7.61 15.20
C LEU D 202 13.08 8.31 14.63
N THR D 203 12.11 7.52 14.20
CA THR D 203 10.89 8.08 13.63
C THR D 203 10.02 8.72 14.70
N MET D 204 9.82 8.05 15.83
CA MET D 204 8.96 8.60 16.87
C MET D 204 9.58 9.86 17.43
N CYS D 205 10.92 9.91 17.48
CA CYS D 205 11.62 11.08 17.98
C CYS D 205 11.66 12.24 16.96
N ALA D 206 12.12 11.94 15.75
CA ALA D 206 12.12 12.92 14.64
C ALA D 206 10.75 13.56 14.39
N SER D 207 9.67 12.87 14.74
CA SER D 207 8.32 13.38 14.47
C SER D 207 7.59 13.94 15.69
N SER D 208 8.25 13.87 16.84
CA SER D 208 7.65 14.31 18.09
C SER D 208 8.52 15.33 18.80
N GLY D 209 9.40 16.01 18.09
CA GLY D 209 10.24 17.03 18.69
C GLY D 209 11.15 16.50 19.79
N LEU D 210 11.75 15.34 19.58
CA LEU D 210 12.73 14.79 20.52
C LEU D 210 14.05 14.55 19.78
N LYS D 211 15.14 14.49 20.53
CA LYS D 211 16.45 14.24 19.94
C LYS D 211 16.88 12.82 20.24
N ALA D 212 17.39 12.16 19.21
CA ALA D 212 17.71 10.75 19.34
C ALA D 212 18.85 10.44 18.39
N GLY D 213 19.64 9.44 18.75
CA GLY D 213 20.60 8.90 17.81
C GLY D 213 20.91 7.48 18.17
N CYS D 214 21.62 6.77 17.30
CA CYS D 214 21.91 5.36 17.56
C CYS D 214 23.36 5.05 17.32
N VAL D 215 24.00 4.45 18.31
CA VAL D 215 25.35 3.93 18.11
C VAL D 215 25.41 2.45 18.49
N ALA D 216 26.24 1.68 17.78
CA ALA D 216 26.30 0.24 18.03
C ALA D 216 27.65 -0.42 17.64
N GLY D 217 28.03 -1.42 18.41
CA GLY D 217 29.27 -2.14 18.13
C GLY D 217 29.03 -3.35 17.24
N VAL D 218 29.94 -3.59 16.29
CA VAL D 218 29.79 -4.73 15.40
C VAL D 218 30.27 -6.02 16.05
N ILE D 219 29.37 -6.98 16.26
CA ILE D 219 29.72 -8.25 16.90
C ILE D 219 29.80 -9.45 15.95
N ILE D 220 29.01 -9.42 14.88
CA ILE D 220 29.14 -10.42 13.83
C ILE D 220 29.01 -9.74 12.48
N ASN D 221 29.58 -10.37 11.46
CA ASN D 221 29.46 -9.90 10.10
C ASN D 221 29.01 -11.06 9.25
N ARG D 222 27.82 -10.94 8.68
CA ARG D 222 27.20 -12.02 7.96
C ARG D 222 27.97 -12.39 6.69
N THR D 223 28.91 -11.53 6.27
CA THR D 223 29.65 -11.78 5.03
C THR D 223 31.01 -12.43 5.27
N GLN D 224 31.65 -12.08 6.38
CA GLN D 224 33.03 -12.49 6.64
C GLN D 224 33.17 -14.00 6.91
N LYS D 234 32.50 -8.00 26.00
CA LYS D 234 33.84 -8.03 25.45
C LYS D 234 34.38 -6.63 25.23
N GLU D 235 35.49 -6.54 24.50
CA GLU D 235 36.09 -5.25 24.14
C GLU D 235 35.10 -4.32 23.41
N THR D 236 34.30 -4.91 22.53
CA THR D 236 33.33 -4.18 21.69
C THR D 236 32.12 -3.74 22.51
N GLU D 237 31.61 -4.65 23.31
CA GLU D 237 30.50 -4.35 24.20
C GLU D 237 30.90 -3.29 25.22
N ALA D 238 32.09 -3.45 25.79
CA ALA D 238 32.59 -2.49 26.77
C ALA D 238 32.90 -1.14 26.12
N ARG D 239 33.56 -1.16 24.97
CA ARG D 239 33.84 0.11 24.29
C ARG D 239 32.55 0.71 23.72
N SER D 240 31.50 -0.10 23.62
CA SER D 240 30.22 0.39 23.10
C SER D 240 29.55 1.33 24.11
N ILE D 241 29.45 0.88 25.36
CA ILE D 241 28.81 1.71 26.38
C ILE D 241 29.73 2.84 26.82
N LYS D 242 31.04 2.59 26.73
CA LYS D 242 32.03 3.64 26.92
C LYS D 242 31.77 4.74 25.89
N VAL D 243 31.59 4.35 24.63
CA VAL D 243 31.37 5.34 23.58
C VAL D 243 30.09 6.16 23.81
N VAL D 244 29.04 5.54 24.34
CA VAL D 244 27.76 6.23 24.52
C VAL D 244 27.76 7.15 25.72
N VAL D 245 28.47 6.77 26.77
CA VAL D 245 28.56 7.61 27.95
C VAL D 245 29.30 8.88 27.59
N GLU D 246 30.35 8.73 26.76
CA GLU D 246 31.08 9.88 26.23
C GLU D 246 30.26 10.69 25.21
N ALA D 247 29.49 10.01 24.37
CA ALA D 247 28.58 10.71 23.46
C ALA D 247 27.59 11.52 24.28
N ALA D 248 27.13 10.93 25.38
CA ALA D 248 26.19 11.62 26.26
C ALA D 248 26.84 12.86 26.86
N ARG D 249 28.09 12.72 27.29
CA ARG D 249 28.85 13.83 27.85
C ARG D 249 28.90 14.96 26.85
N LYS D 250 29.24 14.64 25.60
CA LYS D 250 29.35 15.65 24.57
C LYS D 250 28.04 16.41 24.39
N MET D 251 26.92 15.72 24.62
CA MET D 251 25.59 16.28 24.39
C MET D 251 25.15 17.28 25.46
N LEU D 252 25.83 17.27 26.60
CA LEU D 252 25.44 18.21 27.63
C LEU D 252 26.18 19.50 27.36
N LYS D 253 26.76 19.58 26.17
CA LYS D 253 27.60 20.70 25.76
C LYS D 253 28.81 20.83 26.68
N LYS E 3 28.06 9.02 -28.21
CA LYS E 3 29.06 9.95 -27.72
C LYS E 3 28.68 10.43 -26.32
N THR E 4 28.14 11.65 -26.26
CA THR E 4 27.75 12.26 -25.00
C THR E 4 26.66 11.47 -24.27
N VAL E 5 26.38 11.84 -23.03
CA VAL E 5 25.22 11.29 -22.33
C VAL E 5 23.96 11.74 -23.07
N PHE E 6 22.87 11.00 -22.91
CA PHE E 6 21.68 11.22 -23.70
C PHE E 6 21.01 12.60 -23.53
N HIS E 7 20.96 13.13 -22.31
CA HIS E 7 20.28 14.41 -22.06
C HIS E 7 21.18 15.64 -21.83
N LEU E 8 22.21 15.47 -21.01
CA LEU E 8 23.02 16.61 -20.59
C LEU E 8 23.87 17.20 -21.71
N GLY E 9 24.19 16.37 -22.72
CA GLY E 9 24.97 16.81 -23.86
C GLY E 9 26.41 17.23 -23.56
N VAL E 10 27.06 16.51 -22.64
CA VAL E 10 28.46 16.73 -22.30
C VAL E 10 29.18 15.38 -22.27
N THR E 11 30.50 15.38 -22.45
CA THR E 11 31.30 14.15 -22.31
C THR E 11 32.09 14.18 -21.02
N GLU E 12 32.84 13.13 -20.75
CA GLU E 12 33.69 13.07 -19.55
C GLU E 12 34.89 14.00 -19.69
N ALA E 13 35.17 14.36 -20.94
CA ALA E 13 36.27 15.28 -21.25
C ALA E 13 35.89 16.68 -20.80
N ASP E 14 34.64 17.05 -21.04
CA ASP E 14 34.16 18.38 -20.67
C ASP E 14 34.30 18.67 -19.18
N LEU E 15 34.15 17.64 -18.35
CA LEU E 15 34.24 17.83 -16.90
C LEU E 15 35.68 17.97 -16.41
N ASN E 16 36.63 17.56 -17.25
CA ASN E 16 38.04 17.63 -16.91
C ASN E 16 38.38 17.03 -15.55
N GLY E 17 37.83 15.85 -15.29
CA GLY E 17 38.17 15.09 -14.11
C GLY E 17 37.41 15.55 -12.88
N ALA E 18 36.28 16.20 -13.06
CA ALA E 18 35.48 16.62 -11.91
C ALA E 18 34.75 15.47 -11.25
N THR E 19 34.86 15.37 -9.93
CA THR E 19 34.12 14.36 -9.18
C THR E 19 33.06 14.95 -8.25
N LEU E 20 32.95 16.28 -8.25
CA LEU E 20 31.93 16.96 -7.45
C LEU E 20 31.06 17.81 -8.37
N ALA E 21 29.74 17.70 -8.18
CA ALA E 21 28.81 18.53 -8.93
C ALA E 21 28.06 19.41 -7.97
N ILE E 22 27.79 20.63 -8.38
CA ILE E 22 26.83 21.48 -7.67
C ILE E 22 25.59 21.53 -8.56
N ILE E 23 24.44 21.24 -7.96
CA ILE E 23 23.22 21.10 -8.77
C ILE E 23 22.09 22.00 -8.34
N PRO E 24 22.14 23.26 -8.78
CA PRO E 24 21.01 24.16 -8.51
C PRO E 24 19.84 23.72 -9.38
N GLY E 25 18.65 24.20 -9.08
CA GLY E 25 17.48 23.76 -9.82
C GLY E 25 17.34 24.49 -11.13
N ASP E 26 17.37 25.82 -11.03
CA ASP E 26 17.13 26.71 -12.16
C ASP E 26 18.43 26.98 -12.89
N PRO E 27 18.43 26.76 -14.22
CA PRO E 27 19.59 27.00 -15.10
C PRO E 27 20.17 28.39 -14.98
N ALA E 28 19.34 29.37 -14.67
CA ALA E 28 19.77 30.76 -14.63
C ALA E 28 20.79 31.03 -13.54
N ARG E 29 20.82 30.17 -12.52
CA ARG E 29 21.74 30.33 -11.40
CA ARG E 29 21.75 30.36 -11.42
C ARG E 29 23.07 29.61 -11.62
N VAL E 30 23.13 28.77 -12.64
CA VAL E 30 24.36 27.99 -12.89
C VAL E 30 25.58 28.88 -13.12
N GLN E 31 25.43 29.88 -13.99
CA GLN E 31 26.52 30.81 -14.26
C GLN E 31 26.96 31.57 -13.01
N LYS E 32 26.01 31.92 -12.14
CA LYS E 32 26.32 32.68 -10.95
C LYS E 32 27.21 31.87 -10.03
N ILE E 33 26.91 30.58 -9.91
CA ILE E 33 27.66 29.72 -9.01
C ILE E 33 29.04 29.45 -9.58
N ALA E 34 29.11 29.18 -10.89
CA ALA E 34 30.39 28.83 -11.49
C ALA E 34 31.34 30.03 -11.35
N GLU E 35 30.77 31.23 -11.37
CA GLU E 35 31.57 32.46 -11.33
C GLU E 35 32.16 32.74 -9.94
N LEU E 36 31.72 32.00 -8.92
CA LEU E 36 32.29 32.12 -7.59
C LEU E 36 33.55 31.27 -7.47
N MET E 37 33.85 30.50 -8.51
CA MET E 37 34.98 29.58 -8.50
C MET E 37 36.03 30.00 -9.53
N ASP E 38 37.07 29.21 -9.69
CA ASP E 38 38.15 29.54 -10.62
C ASP E 38 37.88 29.04 -12.02
N ASN E 39 38.25 29.87 -13.00
CA ASN E 39 38.14 29.56 -14.43
C ASN E 39 36.82 28.98 -14.92
N PRO E 40 35.71 29.72 -14.75
CA PRO E 40 34.40 29.33 -15.28
C PRO E 40 34.46 29.03 -16.76
N VAL E 41 33.76 27.97 -17.20
CA VAL E 41 33.60 27.65 -18.60
C VAL E 41 32.18 27.12 -18.83
N PHE E 42 31.47 27.69 -19.80
CA PHE E 42 30.19 27.15 -20.24
C PHE E 42 30.42 25.85 -21.00
N LEU E 43 29.72 24.79 -20.62
CA LEU E 43 29.84 23.51 -21.33
C LEU E 43 28.71 23.28 -22.32
N ALA E 44 27.46 23.35 -21.84
CA ALA E 44 26.30 23.16 -22.71
C ALA E 44 24.97 23.63 -22.13
N SER E 45 23.96 23.69 -23.01
CA SER E 45 22.60 24.00 -22.63
C SER E 45 21.63 23.16 -23.45
N HIS E 46 20.93 22.26 -22.77
CA HIS E 46 19.94 21.39 -23.42
C HIS E 46 18.78 21.26 -22.44
N ARG E 47 17.59 21.63 -22.90
CA ARG E 47 16.39 21.66 -22.06
C ARG E 47 16.65 22.47 -20.80
N GLU E 48 16.50 21.84 -19.64
CA GLU E 48 16.71 22.54 -18.37
C GLU E 48 18.07 22.19 -17.82
N TYR E 49 18.89 21.60 -18.66
CA TYR E 49 20.25 21.26 -18.27
C TYR E 49 21.27 22.26 -18.84
N THR E 50 21.61 23.26 -18.03
CA THR E 50 22.69 24.18 -18.37
C THR E 50 23.90 23.72 -17.57
N VAL E 51 25.02 23.55 -18.25
CA VAL E 51 26.20 22.96 -17.60
C VAL E 51 27.44 23.84 -17.71
N TYR E 52 28.17 23.97 -16.60
CA TYR E 52 29.42 24.72 -16.54
C TYR E 52 30.48 23.93 -15.81
N ARG E 53 31.74 24.24 -16.10
CA ARG E 53 32.85 23.63 -15.39
C ARG E 53 33.64 24.78 -14.80
N ALA E 54 34.11 24.61 -13.57
CA ALA E 54 34.96 25.61 -12.96
C ALA E 54 36.04 24.90 -12.18
N GLU E 55 36.82 25.65 -11.40
CA GLU E 55 37.84 25.05 -10.57
C GLU E 55 37.77 25.60 -9.15
N LEU E 56 37.98 24.71 -8.20
CA LEU E 56 37.99 25.07 -6.79
C LEU E 56 39.26 24.47 -6.21
N ASP E 57 40.16 25.33 -5.75
CA ASP E 57 41.42 24.89 -5.15
C ASP E 57 42.22 23.93 -6.05
N GLY E 58 42.13 24.14 -7.36
CA GLY E 58 42.89 23.36 -8.31
C GLY E 58 42.16 22.13 -8.83
N GLN E 59 40.94 21.91 -8.38
CA GLN E 59 40.18 20.74 -8.79
C GLN E 59 38.94 21.15 -9.58
N SER E 60 38.63 20.36 -10.62
CA SER E 60 37.46 20.59 -11.47
C SER E 60 36.15 20.32 -10.72
N VAL E 61 35.16 21.15 -11.00
CA VAL E 61 33.85 21.07 -10.36
C VAL E 61 32.81 21.30 -11.44
N VAL E 62 31.78 20.46 -11.49
CA VAL E 62 30.70 20.62 -12.46
C VAL E 62 29.57 21.37 -11.78
N VAL E 63 28.92 22.26 -12.51
CA VAL E 63 27.71 22.91 -12.01
C VAL E 63 26.60 22.63 -13.00
N CYS E 64 25.48 22.08 -12.52
CA CYS E 64 24.50 21.55 -13.44
C CYS E 64 23.07 21.72 -12.93
N SER E 65 22.26 22.44 -13.70
CA SER E 65 20.84 22.58 -13.36
C SER E 65 20.12 21.24 -13.53
N THR E 66 18.96 21.13 -12.90
CA THR E 66 18.25 19.87 -12.74
C THR E 66 16.83 20.00 -13.25
N GLY E 67 16.41 21.24 -13.48
CA GLY E 67 15.01 21.52 -13.69
C GLY E 67 14.24 21.20 -12.42
N ILE E 68 12.91 21.23 -12.53
CA ILE E 68 12.00 21.02 -11.40
C ILE E 68 11.58 19.56 -11.26
N GLY E 69 11.46 19.09 -10.02
CA GLY E 69 10.93 17.76 -9.74
C GLY E 69 11.93 16.61 -9.82
N GLY E 70 11.58 15.47 -9.23
CA GLY E 70 12.44 14.29 -9.21
C GLY E 70 12.85 13.66 -10.53
N PRO E 71 11.94 13.62 -11.51
CA PRO E 71 12.35 13.01 -12.79
C PRO E 71 13.52 13.68 -13.50
N SER E 72 13.49 14.98 -13.70
CA SER E 72 14.60 15.62 -14.43
C SER E 72 15.88 15.66 -13.59
N THR E 73 15.72 15.70 -12.28
CA THR E 73 16.83 15.59 -11.34
C THR E 73 17.47 14.20 -11.46
N SER E 74 16.64 13.16 -11.52
CA SER E 74 17.13 11.77 -11.60
C SER E 74 17.93 11.54 -12.88
N ILE E 75 17.51 12.19 -13.95
CA ILE E 75 18.25 12.18 -15.19
C ILE E 75 19.63 12.87 -15.06
N ALA E 76 19.65 14.07 -14.50
CA ALA E 76 20.92 14.81 -14.39
C ALA E 76 21.92 14.06 -13.54
N VAL E 77 21.46 13.62 -12.38
CA VAL E 77 22.31 12.90 -11.43
C VAL E 77 22.82 11.57 -12.00
N GLU E 78 21.99 10.91 -12.81
CA GLU E 78 22.41 9.63 -13.38
C GLU E 78 23.51 9.83 -14.43
N GLU E 79 23.30 10.77 -15.33
CA GLU E 79 24.22 11.02 -16.43
C GLU E 79 25.51 11.65 -15.91
N LEU E 80 25.38 12.55 -14.94
CA LEU E 80 26.54 13.09 -14.23
C LEU E 80 27.39 11.96 -13.68
N ALA E 81 26.75 11.01 -13.00
CA ALA E 81 27.44 9.88 -12.35
C ALA E 81 28.16 9.00 -13.38
N GLN E 82 27.53 8.83 -14.54
CA GLN E 82 28.14 8.13 -15.67
C GLN E 82 29.41 8.82 -16.15
N LEU E 83 29.50 10.12 -15.92
CA LEU E 83 30.69 10.86 -16.35
C LEU E 83 31.69 11.01 -15.19
N GLY E 84 31.43 10.31 -14.09
CA GLY E 84 32.36 10.27 -12.97
C GLY E 84 32.08 11.12 -11.74
N VAL E 85 30.93 11.80 -11.68
CA VAL E 85 30.63 12.54 -10.46
C VAL E 85 30.21 11.60 -9.33
N ARG E 86 30.74 11.83 -8.14
CA ARG E 86 30.41 10.97 -7.03
C ARG E 86 29.74 11.76 -5.92
N THR E 87 29.85 13.09 -5.96
CA THR E 87 29.30 13.97 -4.91
C THR E 87 28.37 15.05 -5.43
N PHE E 88 27.22 15.21 -4.77
CA PHE E 88 26.20 16.16 -5.22
C PHE E 88 25.73 17.11 -4.10
N LEU E 89 25.95 18.40 -4.32
CA LEU E 89 25.51 19.42 -3.37
C LEU E 89 24.42 20.20 -4.03
N ARG E 90 23.22 20.01 -3.51
CA ARG E 90 22.03 20.67 -4.03
C ARG E 90 21.97 22.01 -3.31
N VAL E 91 21.53 23.05 -4.02
CA VAL E 91 21.44 24.39 -3.47
C VAL E 91 20.24 25.12 -4.04
N GLY E 92 19.62 25.95 -3.21
CA GLY E 92 18.48 26.73 -3.64
C GLY E 92 17.95 27.62 -2.55
N THR E 93 16.82 28.24 -2.82
CA THR E 93 16.10 29.02 -1.83
C THR E 93 14.75 28.36 -1.57
N THR E 94 14.31 28.38 -0.31
CA THR E 94 13.08 27.68 0.08
C THR E 94 12.17 28.49 1.02
N GLY E 95 10.92 28.02 1.15
CA GLY E 95 10.00 28.57 2.13
C GLY E 95 9.82 27.66 3.33
N ALA E 96 10.04 28.20 4.52
CA ALA E 96 9.88 27.42 5.73
C ALA E 96 8.40 27.29 6.10
N ILE E 97 8.12 26.44 7.07
CA ILE E 97 6.75 26.19 7.52
C ILE E 97 6.74 26.09 9.04
N GLN E 98 7.87 26.48 9.65
CA GLN E 98 8.01 26.53 11.10
C GLN E 98 8.30 27.96 11.53
N PRO E 99 7.39 28.54 12.34
CA PRO E 99 7.42 29.97 12.68
C PRO E 99 8.76 30.42 13.25
N HIS E 100 9.49 29.53 13.91
CA HIS E 100 10.75 29.89 14.52
C HIS E 100 11.87 30.05 13.51
N VAL E 101 11.60 29.71 12.25
CA VAL E 101 12.61 29.82 11.21
C VAL E 101 12.50 31.13 10.45
N ASN E 102 13.48 32.00 10.67
CA ASN E 102 13.53 33.32 10.06
C ASN E 102 13.98 33.28 8.61
N VAL E 103 13.48 34.23 7.82
CA VAL E 103 14.02 34.44 6.48
C VAL E 103 15.48 34.84 6.65
N GLY E 104 16.36 34.28 5.84
CA GLY E 104 17.78 34.55 5.95
C GLY E 104 18.56 33.36 6.47
N ASP E 105 17.91 32.54 7.30
CA ASP E 105 18.54 31.35 7.84
C ASP E 105 18.80 30.29 6.76
N MET E 106 19.65 29.31 7.07
CA MET E 106 19.96 28.19 6.17
C MET E 106 19.35 26.87 6.68
N ILE E 107 18.64 26.16 5.80
CA ILE E 107 18.14 24.84 6.16
C ILE E 107 19.02 23.78 5.49
N VAL E 108 19.70 22.98 6.29
CA VAL E 108 20.46 21.82 5.78
C VAL E 108 19.64 20.56 6.07
N THR E 109 19.14 19.94 5.02
CA THR E 109 18.25 18.79 5.15
C THR E 109 18.94 17.56 5.75
N THR E 110 18.40 17.04 6.84
CA THR E 110 18.92 15.81 7.43
C THR E 110 18.15 14.58 6.96
N GLY E 111 16.98 14.81 6.36
CA GLY E 111 16.17 13.72 5.88
C GLY E 111 14.94 14.26 5.20
N SER E 112 14.42 13.54 4.22
CA SER E 112 13.25 14.05 3.48
C SER E 112 12.02 13.15 3.56
N VAL E 113 10.85 13.78 3.68
CA VAL E 113 9.59 13.08 3.56
C VAL E 113 9.36 12.79 2.09
N ARG E 114 9.15 11.52 1.75
CA ARG E 114 9.10 11.12 0.36
C ARG E 114 7.71 11.27 -0.23
N LEU E 115 7.39 12.49 -0.66
CA LEU E 115 6.10 12.74 -1.28
C LEU E 115 6.27 12.83 -2.78
N ASP E 116 7.24 12.07 -3.29
CA ASP E 116 7.55 12.00 -4.72
C ASP E 116 7.29 10.60 -5.26
N GLY E 117 7.60 10.44 -6.54
CA GLY E 117 7.50 9.13 -7.17
C GLY E 117 8.84 8.54 -7.55
N ALA E 118 9.81 9.39 -7.85
CA ALA E 118 11.08 8.95 -8.43
C ALA E 118 11.96 8.20 -7.44
N SER E 119 11.84 8.54 -6.16
CA SER E 119 12.61 7.86 -5.12
C SER E 119 12.30 6.36 -5.10
N LEU E 120 11.05 6.00 -5.41
CA LEU E 120 10.59 4.59 -5.36
C LEU E 120 11.18 3.80 -6.50
N HIS E 121 11.74 4.52 -7.45
CA HIS E 121 12.42 3.90 -8.57
C HIS E 121 13.85 3.52 -8.19
N PHE E 122 14.29 3.94 -7.01
CA PHE E 122 15.62 3.56 -6.54
C PHE E 122 15.58 2.71 -5.28
N ALA E 123 14.64 3.02 -4.38
CA ALA E 123 14.50 2.25 -3.14
C ALA E 123 13.06 2.24 -2.68
N PRO E 124 12.60 1.14 -2.04
CA PRO E 124 11.22 1.02 -1.57
C PRO E 124 10.89 2.10 -0.54
N MET E 125 9.63 2.30 -0.21
CA MET E 125 9.29 3.44 0.66
C MET E 125 9.98 3.40 2.06
N GLU E 126 10.43 2.22 2.50
CA GLU E 126 11.04 2.09 3.85
C GLU E 126 12.47 2.60 3.96
N PHE E 127 13.10 2.91 2.83
CA PHE E 127 14.49 3.36 2.84
C PHE E 127 14.42 4.82 3.18
N PRO E 128 15.33 5.27 4.06
CA PRO E 128 15.36 6.65 4.52
C PRO E 128 15.90 7.55 3.43
N ALA E 129 15.28 8.71 3.19
CA ALA E 129 15.90 9.64 2.24
C ALA E 129 16.85 10.58 3.00
N VAL E 130 18.09 10.14 3.15
CA VAL E 130 19.02 10.88 4.01
C VAL E 130 20.24 11.30 3.21
N PRO E 131 20.91 12.37 3.66
CA PRO E 131 22.07 12.81 2.90
C PRO E 131 23.28 12.07 3.43
N ASP E 132 24.38 12.20 2.72
CA ASP E 132 25.66 11.75 3.24
C ASP E 132 26.06 12.61 4.44
N PHE E 133 26.56 11.98 5.50
CA PHE E 133 26.92 12.67 6.72
C PHE E 133 28.03 13.71 6.49
N ASP E 134 29.04 13.34 5.72
CA ASP E 134 30.12 14.28 5.40
C ASP E 134 29.57 15.51 4.69
N VAL E 135 28.68 15.34 3.71
CA VAL E 135 28.10 16.47 2.98
C VAL E 135 27.25 17.37 3.87
N ALA E 136 26.38 16.78 4.69
CA ALA E 136 25.53 17.59 5.57
C ALA E 136 26.40 18.31 6.59
N THR E 137 27.55 17.72 6.89
CA THR E 137 28.47 18.25 7.89
C THR E 137 29.23 19.44 7.33
N ALA E 138 29.59 19.34 6.05
CA ALA E 138 30.31 20.43 5.41
C ALA E 138 29.37 21.60 5.22
N MET E 139 28.16 21.27 4.77
CA MET E 139 27.14 22.25 4.52
C MET E 139 26.81 23.06 5.77
N LYS E 140 26.66 22.39 6.90
CA LYS E 140 26.40 23.05 8.18
C LYS E 140 27.59 23.92 8.58
N ALA E 141 28.80 23.37 8.40
CA ALA E 141 30.04 24.12 8.63
C ALA E 141 30.05 25.40 7.77
N ALA E 142 29.96 25.23 6.46
CA ALA E 142 29.88 26.35 5.53
C ALA E 142 28.77 27.35 5.89
N ALA E 143 27.55 26.86 6.08
CA ALA E 143 26.43 27.74 6.41
C ALA E 143 26.68 28.60 7.65
N GLN E 144 27.24 28.00 8.70
CA GLN E 144 27.50 28.77 9.92
C GLN E 144 28.59 29.80 9.68
N GLU E 145 29.61 29.39 8.92
CA GLU E 145 30.71 30.28 8.58
C GLU E 145 30.22 31.57 7.95
N SER E 146 29.16 31.49 7.15
CA SER E 146 28.61 32.66 6.47
C SER E 146 27.89 33.59 7.45
N GLY E 147 27.83 33.19 8.72
CA GLY E 147 27.26 34.03 9.76
C GLY E 147 25.77 33.87 9.98
N ALA E 148 25.13 33.04 9.16
CA ALA E 148 23.68 32.89 9.28
C ALA E 148 23.35 31.84 10.33
N THR E 149 22.10 31.84 10.81
CA THR E 149 21.61 30.82 11.73
C THR E 149 21.23 29.55 10.93
N VAL E 150 21.57 28.38 11.45
CA VAL E 150 21.39 27.14 10.69
C VAL E 150 20.41 26.18 11.35
N HIS E 151 19.54 25.57 10.55
CA HIS E 151 18.64 24.54 11.05
C HIS E 151 18.88 23.21 10.34
N MET E 152 19.23 22.18 11.10
CA MET E 152 19.32 20.84 10.56
C MET E 152 17.98 20.19 10.85
N GLY E 153 17.30 19.71 9.82
CA GLY E 153 16.05 19.00 10.04
C GLY E 153 15.42 18.45 8.78
N VAL E 154 14.19 17.94 8.96
CA VAL E 154 13.43 17.27 7.90
C VAL E 154 12.79 18.22 6.92
N THR E 155 12.88 17.86 5.65
CA THR E 155 12.26 18.62 4.56
C THR E 155 11.20 17.76 3.85
N ALA E 156 10.02 18.32 3.60
CA ALA E 156 9.00 17.58 2.86
C ALA E 156 9.09 17.81 1.34
N SER E 157 9.44 16.75 0.62
CA SER E 157 9.73 16.81 -0.80
C SER E 157 8.55 16.30 -1.62
N SER E 158 7.80 17.22 -2.21
CA SER E 158 6.57 16.90 -2.91
C SER E 158 6.79 16.83 -4.42
N ASP E 159 6.03 15.99 -5.10
CA ASP E 159 6.06 15.94 -6.57
C ASP E 159 5.18 16.99 -7.23
N THR E 160 4.46 17.78 -6.42
CA THR E 160 3.69 18.91 -6.94
C THR E 160 3.87 20.18 -6.09
N PHE E 161 3.69 21.34 -6.72
CA PHE E 161 3.81 22.62 -6.06
C PHE E 161 2.52 23.00 -5.32
N TYR E 162 1.39 22.55 -5.87
CA TYR E 162 0.06 22.94 -5.40
C TYR E 162 -0.59 21.95 -4.41
N PRO E 163 -1.27 20.89 -4.90
CA PRO E 163 -2.00 20.09 -3.87
C PRO E 163 -1.10 19.35 -2.88
N GLY E 164 0.06 18.88 -3.34
CA GLY E 164 0.99 18.20 -2.44
C GLY E 164 1.62 19.13 -1.41
N GLN E 165 1.39 20.42 -1.56
CA GLN E 165 1.87 21.37 -0.57
C GLN E 165 0.63 22.04 0.00
N GLU E 166 -0.48 21.30 -0.11
CA GLU E 166 -1.82 21.69 0.34
C GLU E 166 -2.12 23.16 0.11
N ARG E 167 -2.07 23.58 -1.15
CA ARG E 167 -2.52 24.90 -1.56
C ARG E 167 -3.90 24.79 -2.18
N TYR E 168 -4.81 25.67 -1.74
CA TYR E 168 -6.18 25.66 -2.19
C TYR E 168 -6.50 26.71 -3.26
N ASP E 169 -5.63 27.72 -3.38
CA ASP E 169 -5.82 28.76 -4.39
C ASP E 169 -5.41 28.25 -5.78
N THR E 170 -6.24 27.39 -6.33
CA THR E 170 -5.95 26.71 -7.57
C THR E 170 -7.19 26.71 -8.42
N PHE E 171 -7.05 26.24 -9.66
CA PHE E 171 -8.17 26.09 -10.57
C PHE E 171 -9.36 25.31 -9.98
N THR E 172 -9.10 24.19 -9.33
CA THR E 172 -10.19 23.37 -8.77
C THR E 172 -10.55 23.77 -7.33
N GLY E 173 -9.58 24.28 -6.58
CA GLY E 173 -9.78 24.65 -5.19
C GLY E 173 -9.70 23.40 -4.35
N ARG E 174 -9.20 22.33 -4.96
CA ARG E 174 -9.41 21.00 -4.42
C ARG E 174 -8.09 20.29 -4.14
N VAL E 175 -8.05 19.60 -3.01
CA VAL E 175 -6.90 18.83 -2.61
C VAL E 175 -7.39 17.43 -2.31
N VAL E 176 -6.69 16.45 -2.87
CA VAL E 176 -7.02 15.05 -2.75
C VAL E 176 -6.83 14.60 -1.29
N ARG E 177 -7.68 13.69 -0.83
CA ARG E 177 -7.76 13.27 0.58
C ARG E 177 -6.42 13.11 1.29
N ARG E 178 -5.47 12.52 0.56
CA ARG E 178 -4.13 12.25 1.06
C ARG E 178 -3.43 13.48 1.62
N PHE E 179 -3.76 14.65 1.05
CA PHE E 179 -3.02 15.86 1.38
C PHE E 179 -3.85 16.90 2.15
N GLN E 180 -5.14 16.64 2.36
CA GLN E 180 -5.98 17.49 3.21
C GLN E 180 -5.46 17.38 4.65
N GLY E 181 -5.20 18.52 5.28
CA GLY E 181 -4.60 18.54 6.61
C GLY E 181 -3.10 18.24 6.66
N SER E 182 -2.49 17.98 5.50
CA SER E 182 -1.10 17.49 5.47
C SER E 182 -0.10 18.52 5.97
N MET E 183 -0.24 19.75 5.51
CA MET E 183 0.56 20.87 6.02
C MET E 183 0.65 20.91 7.56
N LYS E 184 -0.50 20.90 8.24
CA LYS E 184 -0.51 20.89 9.70
C LYS E 184 0.10 19.59 10.24
N GLU E 185 -0.10 18.48 9.54
CA GLU E 185 0.55 17.24 9.96
C GLU E 185 2.08 17.37 9.90
N TRP E 186 2.61 17.89 8.81
CA TRP E 186 4.05 18.04 8.70
C TRP E 186 4.62 19.02 9.74
N GLN E 187 3.90 20.13 9.97
CA GLN E 187 4.38 21.16 10.90
C GLN E 187 4.48 20.60 12.30
N ASP E 188 3.46 19.83 12.68
CA ASP E 188 3.46 19.21 13.99
C ASP E 188 4.57 18.18 14.13
N MET E 189 4.95 17.55 13.03
CA MET E 189 6.04 16.59 13.04
C MET E 189 7.44 17.23 12.97
N GLY E 190 7.49 18.56 12.94
CA GLY E 190 8.75 19.25 13.01
C GLY E 190 9.40 19.49 11.66
N VAL E 191 8.68 19.15 10.59
CA VAL E 191 9.18 19.37 9.25
C VAL E 191 9.52 20.84 9.01
N LEU E 192 10.68 21.12 8.42
CA LEU E 192 11.14 22.50 8.32
C LEU E 192 10.59 23.29 7.13
N ASN E 193 10.45 22.62 5.99
CA ASN E 193 10.13 23.33 4.75
C ASN E 193 9.65 22.37 3.66
N PHE E 194 9.13 22.92 2.57
CA PHE E 194 8.80 22.14 1.38
C PHE E 194 9.77 22.41 0.26
N GLU E 195 10.08 21.38 -0.51
CA GLU E 195 10.65 21.59 -1.83
C GLU E 195 10.28 20.39 -2.68
N MET E 196 10.99 20.10 -3.77
CA MET E 196 10.48 19.14 -4.76
C MET E 196 11.50 18.20 -5.42
N GLU E 197 12.76 18.21 -4.98
CA GLU E 197 13.73 17.34 -5.60
C GLU E 197 14.55 16.54 -4.59
N SER E 198 14.52 16.95 -3.31
CA SER E 198 15.44 16.38 -2.33
C SER E 198 15.16 14.90 -2.01
N ALA E 199 13.89 14.53 -1.93
CA ALA E 199 13.55 13.12 -1.74
C ALA E 199 14.18 12.23 -2.82
N THR E 200 14.04 12.63 -4.08
CA THR E 200 14.55 11.86 -5.20
C THR E 200 16.07 11.84 -5.23
N LEU E 201 16.66 13.02 -5.06
CA LEU E 201 18.11 13.17 -4.93
C LEU E 201 18.67 12.31 -3.79
N LEU E 202 18.19 12.56 -2.58
CA LEU E 202 18.78 11.89 -1.41
C LEU E 202 18.63 10.37 -1.49
N THR E 203 17.48 9.88 -1.97
CA THR E 203 17.26 8.42 -2.03
C THR E 203 18.10 7.75 -3.13
N MET E 204 18.11 8.31 -4.34
CA MET E 204 18.85 7.77 -5.46
CA MET E 204 18.84 7.72 -5.43
C MET E 204 20.34 7.68 -5.14
N CYS E 205 20.86 8.73 -4.48
CA CYS E 205 22.26 8.76 -4.11
C CYS E 205 22.56 7.85 -2.94
N ALA E 206 21.74 7.88 -1.89
CA ALA E 206 22.03 7.02 -0.73
C ALA E 206 22.06 5.55 -1.09
N SER E 207 21.29 5.16 -2.12
CA SER E 207 21.12 3.75 -2.48
C SER E 207 22.01 3.31 -3.67
N SER E 208 22.93 4.19 -4.06
CA SER E 208 23.70 4.01 -5.28
C SER E 208 25.21 4.31 -5.14
N GLY E 209 25.72 4.44 -3.93
CA GLY E 209 27.15 4.69 -3.70
C GLY E 209 27.57 6.13 -3.96
N LEU E 210 26.61 7.06 -3.84
CA LEU E 210 26.86 8.47 -4.13
C LEU E 210 26.59 9.33 -2.91
N LYS E 211 27.31 10.44 -2.79
CA LYS E 211 27.16 11.33 -1.64
C LYS E 211 26.32 12.55 -2.00
N ALA E 212 25.33 12.85 -1.18
CA ALA E 212 24.41 13.92 -1.52
C ALA E 212 23.99 14.73 -0.32
N GLY E 213 23.61 15.98 -0.58
CA GLY E 213 23.19 16.86 0.47
C GLY E 213 22.48 18.07 -0.10
N CYS E 214 21.64 18.70 0.71
CA CYS E 214 20.84 19.84 0.31
C CYS E 214 21.02 20.95 1.33
N VAL E 215 21.12 22.18 0.83
CA VAL E 215 21.08 23.34 1.70
C VAL E 215 20.37 24.48 1.01
N ALA E 216 19.51 25.17 1.76
CA ALA E 216 18.70 26.24 1.21
C ALA E 216 18.65 27.47 2.11
N GLY E 217 18.57 28.64 1.48
CA GLY E 217 18.30 29.85 2.22
C GLY E 217 16.81 30.06 2.31
N VAL E 218 16.32 30.42 3.47
CA VAL E 218 14.90 30.72 3.61
C VAL E 218 14.62 32.14 3.10
N ILE E 219 13.79 32.26 2.08
CA ILE E 219 13.46 33.56 1.52
C ILE E 219 12.07 34.03 1.94
N ILE E 220 11.27 33.10 2.45
CA ILE E 220 9.93 33.42 2.90
C ILE E 220 9.47 32.41 3.93
N ASN E 221 8.61 32.82 4.84
CA ASN E 221 8.03 31.87 5.77
C ASN E 221 6.56 31.69 5.48
N ARG E 222 6.11 30.45 5.42
CA ARG E 222 4.69 30.21 5.22
CA ARG E 222 4.70 30.17 5.22
C ARG E 222 3.88 30.60 6.45
N THR E 223 4.55 31.05 7.51
CA THR E 223 3.86 31.61 8.67
C THR E 223 3.40 32.99 8.24
N GLN E 224 2.63 33.00 7.16
CA GLN E 224 1.95 34.16 6.62
C GLN E 224 0.69 33.62 5.98
N HIS E 230 9.40 37.53 -0.35
CA HIS E 230 9.77 38.57 0.59
C HIS E 230 10.58 39.67 -0.10
N ALA E 231 11.10 40.61 0.67
CA ALA E 231 11.94 41.68 0.11
C ALA E 231 13.37 41.24 -0.18
N THR E 232 13.94 40.40 0.67
CA THR E 232 15.38 40.10 0.64
C THR E 232 15.80 38.92 -0.25
N LEU E 233 15.02 38.61 -1.29
CA LEU E 233 15.30 37.48 -2.15
C LEU E 233 16.73 37.45 -2.72
N LYS E 234 17.16 38.58 -3.28
CA LYS E 234 18.47 38.69 -3.92
C LYS E 234 19.63 38.29 -2.99
N GLU E 235 19.56 38.76 -1.75
CA GLU E 235 20.64 38.64 -0.79
C GLU E 235 20.80 37.22 -0.26
N THR E 236 19.68 36.60 0.07
CA THR E 236 19.69 35.25 0.64
C THR E 236 20.20 34.26 -0.39
N GLU E 237 19.81 34.48 -1.65
CA GLU E 237 20.31 33.70 -2.77
C GLU E 237 21.83 33.75 -2.86
N ALA E 238 22.37 34.96 -2.85
CA ALA E 238 23.81 35.18 -2.93
C ALA E 238 24.50 34.43 -1.80
N ARG E 239 23.95 34.56 -0.61
CA ARG E 239 24.46 33.87 0.57
C ARG E 239 24.36 32.35 0.43
N SER E 240 23.30 31.90 -0.24
CA SER E 240 23.04 30.47 -0.42
C SER E 240 24.10 29.79 -1.28
N ILE E 241 24.50 30.43 -2.38
CA ILE E 241 25.46 29.82 -3.31
C ILE E 241 26.90 30.00 -2.85
N LYS E 242 27.16 31.05 -2.07
CA LYS E 242 28.43 31.18 -1.40
CA LYS E 242 28.43 31.18 -1.41
C LYS E 242 28.64 30.02 -0.44
N VAL E 243 27.55 29.55 0.15
CA VAL E 243 27.64 28.49 1.16
C VAL E 243 27.90 27.13 0.54
N VAL E 244 27.27 26.86 -0.60
CA VAL E 244 27.40 25.59 -1.29
C VAL E 244 28.75 25.50 -2.01
N VAL E 245 29.37 26.65 -2.24
CA VAL E 245 30.69 26.65 -2.86
C VAL E 245 31.73 26.36 -1.77
N GLU E 246 31.50 26.96 -0.61
CA GLU E 246 32.32 26.69 0.56
C GLU E 246 32.17 25.26 1.04
N ALA E 247 30.98 24.69 0.91
CA ALA E 247 30.77 23.30 1.33
C ALA E 247 31.53 22.40 0.38
N ALA E 248 31.54 22.79 -0.88
CA ALA E 248 32.22 22.04 -1.94
C ALA E 248 33.71 22.01 -1.69
N ARG E 249 34.29 23.17 -1.38
CA ARG E 249 35.69 23.27 -1.03
C ARG E 249 36.02 22.36 0.15
N LYS E 250 35.21 22.39 1.19
CA LYS E 250 35.44 21.51 2.34
C LYS E 250 35.44 20.05 1.92
N MET E 251 34.50 19.69 1.04
CA MET E 251 34.38 18.31 0.58
C MET E 251 35.58 17.88 -0.27
N LEU E 252 36.15 18.83 -1.00
CA LEU E 252 37.31 18.58 -1.85
C LEU E 252 38.61 18.54 -1.06
N LYS E 253 38.60 19.19 0.11
CA LYS E 253 39.74 19.34 1.04
C LYS E 253 39.54 20.51 2.00
N LYS F 3 -3.20 39.28 -13.18
CA LYS F 3 -2.99 37.92 -12.73
C LYS F 3 -1.72 37.26 -13.29
N THR F 4 -0.57 37.60 -12.71
CA THR F 4 0.66 36.91 -13.10
C THR F 4 0.81 35.61 -12.30
N VAL F 5 0.71 34.48 -12.99
CA VAL F 5 0.88 33.19 -12.33
C VAL F 5 2.31 33.06 -11.83
N PHE F 6 2.52 32.23 -10.81
CA PHE F 6 3.78 32.20 -10.08
C PHE F 6 4.98 31.74 -10.90
N HIS F 7 4.80 30.74 -11.76
CA HIS F 7 5.94 30.15 -12.48
C HIS F 7 6.03 30.60 -13.93
N LEU F 8 4.94 30.46 -14.67
CA LEU F 8 4.97 30.81 -16.09
C LEU F 8 5.04 32.33 -16.25
N GLY F 9 4.49 33.06 -15.29
CA GLY F 9 4.62 34.51 -15.25
C GLY F 9 3.96 35.23 -16.42
N VAL F 10 2.82 34.72 -16.86
CA VAL F 10 2.01 35.41 -17.84
C VAL F 10 0.66 35.71 -17.20
N THR F 11 -0.15 36.50 -17.87
CA THR F 11 -1.48 36.84 -17.36
C THR F 11 -2.55 36.29 -18.30
N GLU F 12 -3.81 36.35 -17.86
CA GLU F 12 -4.90 35.86 -18.70
C GLU F 12 -5.01 36.70 -19.97
N ALA F 13 -4.78 38.01 -19.83
CA ALA F 13 -4.73 38.90 -20.98
C ALA F 13 -3.70 38.40 -22.02
N ASP F 14 -2.51 38.05 -21.55
CA ASP F 14 -1.43 37.56 -22.41
C ASP F 14 -1.86 36.46 -23.36
N LEU F 15 -2.95 35.76 -23.02
CA LEU F 15 -3.44 34.59 -23.75
C LEU F 15 -4.50 34.88 -24.80
N ASN F 16 -5.15 36.05 -24.69
CA ASN F 16 -6.18 36.48 -25.64
C ASN F 16 -7.35 35.53 -25.83
N GLY F 17 -7.84 34.93 -24.75
CA GLY F 17 -8.99 34.04 -24.85
C GLY F 17 -8.62 32.63 -25.29
N ALA F 18 -7.33 32.34 -25.35
CA ALA F 18 -6.88 30.99 -25.69
C ALA F 18 -7.39 29.93 -24.69
N THR F 19 -8.06 28.90 -25.21
CA THR F 19 -8.55 27.79 -24.41
C THR F 19 -7.79 26.47 -24.62
N LEU F 20 -6.94 26.42 -25.63
CA LEU F 20 -6.21 25.20 -25.96
C LEU F 20 -4.73 25.50 -25.86
N ALA F 21 -3.99 24.59 -25.23
CA ALA F 21 -2.54 24.71 -25.21
C ALA F 21 -1.91 23.47 -25.82
N ILE F 22 -0.79 23.64 -26.53
CA ILE F 22 0.03 22.50 -26.91
C ILE F 22 1.25 22.54 -26.02
N ILE F 23 1.56 21.40 -25.40
CA ILE F 23 2.60 21.37 -24.39
C ILE F 23 3.69 20.34 -24.70
N PRO F 24 4.75 20.77 -25.41
CA PRO F 24 5.89 19.86 -25.61
C PRO F 24 6.71 19.88 -24.33
N GLY F 25 7.74 19.04 -24.26
CA GLY F 25 8.58 19.01 -23.08
C GLY F 25 9.73 19.98 -23.22
N ASP F 26 10.30 20.03 -24.42
CA ASP F 26 11.48 20.83 -24.71
C ASP F 26 11.08 22.23 -25.18
N PRO F 27 11.57 23.26 -24.47
CA PRO F 27 11.47 24.68 -24.85
C PRO F 27 11.84 24.93 -26.29
N ALA F 28 12.84 24.23 -26.80
CA ALA F 28 13.32 24.43 -28.16
C ALA F 28 12.25 24.04 -29.17
N ARG F 29 11.42 23.06 -28.81
CA ARG F 29 10.33 22.62 -29.66
CA ARG F 29 10.35 22.64 -29.69
C ARG F 29 9.16 23.59 -29.66
N VAL F 30 9.09 24.47 -28.67
CA VAL F 30 7.96 25.40 -28.55
C VAL F 30 7.98 26.38 -29.73
N GLN F 31 9.18 26.88 -30.05
CA GLN F 31 9.40 27.75 -31.21
C GLN F 31 8.90 27.11 -32.50
N LYS F 32 9.24 25.84 -32.72
CA LYS F 32 8.91 25.17 -33.97
C LYS F 32 7.43 24.81 -34.11
N ILE F 33 6.78 24.50 -33.00
CA ILE F 33 5.33 24.28 -32.99
C ILE F 33 4.64 25.59 -33.31
N ALA F 34 5.20 26.67 -32.77
CA ALA F 34 4.67 28.01 -33.02
C ALA F 34 4.78 28.35 -34.51
N GLU F 35 5.95 28.12 -35.08
CA GLU F 35 6.18 28.46 -36.50
CA GLU F 35 6.19 28.45 -36.50
C GLU F 35 5.34 27.62 -37.47
N LEU F 36 4.53 26.71 -36.94
CA LEU F 36 3.57 25.96 -37.76
C LEU F 36 2.22 26.65 -37.68
N MET F 37 2.17 27.69 -36.85
CA MET F 37 0.98 28.51 -36.66
C MET F 37 1.36 29.94 -36.99
N ASP F 38 0.49 30.89 -36.68
CA ASP F 38 0.76 32.25 -37.13
C ASP F 38 1.17 33.22 -36.02
N ASN F 39 1.91 34.25 -36.44
CA ASN F 39 2.45 35.32 -35.58
C ASN F 39 2.74 34.98 -34.11
N PRO F 40 3.81 34.21 -33.88
CA PRO F 40 4.25 33.76 -32.55
C PRO F 40 4.59 34.92 -31.63
N VAL F 41 4.05 34.89 -30.41
CA VAL F 41 4.29 35.93 -29.44
C VAL F 41 4.94 35.37 -28.17
N PHE F 42 6.24 35.59 -28.02
CA PHE F 42 6.93 35.30 -26.77
C PHE F 42 6.21 36.02 -25.64
N LEU F 43 5.73 35.24 -24.68
CA LEU F 43 5.01 35.79 -23.55
C LEU F 43 5.94 35.85 -22.36
N ALA F 44 6.61 34.73 -22.09
CA ALA F 44 7.55 34.65 -20.97
C ALA F 44 8.48 33.44 -21.06
N SER F 45 9.53 33.47 -20.26
CA SER F 45 10.45 32.36 -20.13
C SER F 45 11.06 32.40 -18.76
N HIS F 46 10.71 31.41 -17.95
CA HIS F 46 11.30 31.26 -16.64
C HIS F 46 11.50 29.76 -16.41
N ARG F 47 12.70 29.38 -16.01
CA ARG F 47 13.08 27.98 -15.90
C ARG F 47 12.79 27.25 -17.22
N GLU F 48 12.37 26.00 -17.12
CA GLU F 48 12.09 25.19 -18.30
C GLU F 48 10.78 25.57 -18.97
N TYR F 49 10.09 26.57 -18.41
CA TYR F 49 8.81 27.02 -18.91
C TYR F 49 8.93 28.16 -19.91
N THR F 50 8.77 27.86 -21.20
CA THR F 50 8.75 28.89 -22.24
C THR F 50 7.37 28.99 -22.87
N VAL F 51 6.72 30.14 -22.69
CA VAL F 51 5.33 30.31 -23.10
C VAL F 51 5.17 31.18 -24.34
N TYR F 52 4.38 30.71 -25.30
CA TYR F 52 4.19 31.37 -26.58
CA TYR F 52 4.16 31.46 -26.52
C TYR F 52 2.70 31.50 -26.90
N ARG F 53 2.27 32.68 -27.32
CA ARG F 53 0.94 32.76 -27.87
C ARG F 53 1.16 32.60 -29.35
N ALA F 54 0.19 31.98 -30.01
CA ALA F 54 0.23 31.91 -31.45
C ALA F 54 -1.21 31.76 -31.92
N GLU F 55 -1.48 32.18 -33.15
CA GLU F 55 -2.80 32.03 -33.70
C GLU F 55 -2.81 30.88 -34.71
N LEU F 56 -3.79 30.01 -34.51
CA LEU F 56 -4.02 28.84 -35.36
CA LEU F 56 -4.00 28.87 -35.38
C LEU F 56 -5.42 29.00 -35.90
N ASP F 57 -5.57 29.05 -37.22
CA ASP F 57 -6.88 29.25 -37.85
C ASP F 57 -7.56 30.49 -37.27
N GLY F 58 -6.79 31.58 -37.18
CA GLY F 58 -7.29 32.83 -36.63
C GLY F 58 -7.64 32.79 -35.14
N GLN F 59 -7.21 31.74 -34.45
CA GLN F 59 -7.62 31.53 -33.06
C GLN F 59 -6.42 31.47 -32.12
N SER F 60 -6.49 32.22 -31.03
CA SER F 60 -5.40 32.25 -30.07
C SER F 60 -5.24 30.91 -29.37
N VAL F 61 -3.99 30.48 -29.25
CA VAL F 61 -3.66 29.17 -28.72
C VAL F 61 -2.33 29.31 -28.01
N VAL F 62 -2.22 28.75 -26.81
CA VAL F 62 -0.95 28.77 -26.10
C VAL F 62 -0.04 27.62 -26.56
N VAL F 63 1.26 27.84 -26.55
CA VAL F 63 2.20 26.75 -26.61
C VAL F 63 3.17 26.96 -25.44
N CYS F 64 3.29 25.93 -24.60
CA CYS F 64 4.01 26.04 -23.35
C CYS F 64 4.90 24.82 -23.15
N SER F 65 6.20 25.04 -22.92
CA SER F 65 7.08 23.94 -22.56
C SER F 65 6.82 23.52 -21.12
N THR F 66 6.94 22.22 -20.85
CA THR F 66 6.62 21.67 -19.54
C THR F 66 7.84 21.13 -18.81
N GLY F 67 8.99 21.08 -19.48
CA GLY F 67 10.15 20.41 -18.92
C GLY F 67 9.89 18.93 -18.71
N ILE F 68 10.86 18.21 -18.16
CA ILE F 68 10.73 16.77 -18.02
C ILE F 68 10.09 16.31 -16.71
N GLY F 69 9.01 15.54 -16.82
CA GLY F 69 8.41 14.92 -15.65
C GLY F 69 7.07 15.49 -15.21
N GLY F 70 6.27 14.64 -14.59
CA GLY F 70 4.99 15.07 -14.03
C GLY F 70 5.02 16.26 -13.07
N PRO F 71 6.06 16.38 -12.21
CA PRO F 71 6.09 17.54 -11.32
C PRO F 71 6.16 18.84 -12.06
N SER F 72 7.04 18.88 -13.05
CA SER F 72 7.19 20.07 -13.87
C SER F 72 5.93 20.29 -14.70
N THR F 73 5.38 19.23 -15.24
CA THR F 73 4.19 19.34 -16.08
C THR F 73 2.95 19.83 -15.30
N SER F 74 2.82 19.40 -14.06
CA SER F 74 1.63 19.73 -13.28
C SER F 74 1.56 21.22 -12.96
N ILE F 75 2.72 21.84 -12.75
CA ILE F 75 2.79 23.26 -12.49
C ILE F 75 2.32 24.02 -13.73
N ALA F 76 2.85 23.64 -14.87
CA ALA F 76 2.49 24.27 -16.16
C ALA F 76 1.01 24.14 -16.52
N VAL F 77 0.45 22.94 -16.34
CA VAL F 77 -0.95 22.71 -16.61
C VAL F 77 -1.82 23.48 -15.61
N GLU F 78 -1.40 23.50 -14.35
CA GLU F 78 -2.18 24.17 -13.32
C GLU F 78 -2.31 25.65 -13.62
N GLU F 79 -1.19 26.28 -13.95
CA GLU F 79 -1.17 27.73 -14.16
C GLU F 79 -1.84 28.14 -15.46
N LEU F 80 -1.67 27.34 -16.51
CA LEU F 80 -2.44 27.53 -17.73
C LEU F 80 -3.94 27.49 -17.43
N ALA F 81 -4.35 26.54 -16.60
CA ALA F 81 -5.77 26.29 -16.34
C ALA F 81 -6.37 27.42 -15.51
N GLN F 82 -5.56 28.03 -14.65
CA GLN F 82 -5.96 29.22 -13.91
C GLN F 82 -6.22 30.39 -14.86
N LEU F 83 -5.66 30.31 -16.06
CA LEU F 83 -5.73 31.42 -17.01
C LEU F 83 -6.66 31.10 -18.17
N GLY F 84 -7.54 30.13 -17.98
CA GLY F 84 -8.58 29.83 -18.95
C GLY F 84 -8.38 28.62 -19.86
N VAL F 85 -7.18 28.03 -19.89
CA VAL F 85 -6.98 26.87 -20.76
C VAL F 85 -7.72 25.64 -20.25
N ARG F 86 -8.58 25.10 -21.10
CA ARG F 86 -9.31 23.91 -20.70
C ARG F 86 -8.84 22.67 -21.49
N THR F 87 -8.12 22.87 -22.58
CA THR F 87 -7.65 21.73 -23.41
C THR F 87 -6.12 21.68 -23.53
N PHE F 88 -5.54 20.48 -23.44
CA PHE F 88 -4.09 20.33 -23.47
C PHE F 88 -3.68 19.17 -24.35
N LEU F 89 -2.72 19.39 -25.23
CA LEU F 89 -2.22 18.32 -26.11
C LEU F 89 -0.74 18.14 -25.87
N ARG F 90 -0.41 16.98 -25.33
CA ARG F 90 0.98 16.62 -25.14
C ARG F 90 1.52 15.99 -26.42
N VAL F 91 2.63 16.52 -26.92
CA VAL F 91 3.34 15.89 -28.02
C VAL F 91 4.77 15.59 -27.59
N GLY F 92 5.38 14.57 -28.18
CA GLY F 92 6.75 14.22 -27.82
C GLY F 92 7.28 13.00 -28.53
N THR F 93 8.38 12.47 -28.00
CA THR F 93 8.97 11.24 -28.50
C THR F 93 8.82 10.13 -27.45
N THR F 94 8.89 8.90 -27.94
CA THR F 94 8.72 7.76 -27.07
C THR F 94 9.51 6.56 -27.59
N GLY F 95 9.78 5.62 -26.72
CA GLY F 95 10.38 4.37 -27.14
C GLY F 95 9.38 3.23 -27.07
N ALA F 96 9.26 2.49 -28.17
CA ALA F 96 8.29 1.40 -28.29
C ALA F 96 8.82 0.10 -27.70
N ILE F 97 7.93 -0.73 -27.18
CA ILE F 97 8.35 -2.00 -26.58
C ILE F 97 7.64 -3.18 -27.19
N GLN F 98 6.99 -2.97 -28.34
CA GLN F 98 6.31 -4.06 -29.05
C GLN F 98 7.04 -4.22 -30.38
N PRO F 99 7.31 -5.47 -30.76
CA PRO F 99 8.16 -5.63 -31.94
C PRO F 99 7.47 -5.13 -33.22
N HIS F 100 6.14 -5.07 -33.22
CA HIS F 100 5.40 -4.67 -34.42
C HIS F 100 5.29 -3.15 -34.54
N VAL F 101 5.83 -2.43 -33.57
CA VAL F 101 5.83 -0.99 -33.67
C VAL F 101 7.19 -0.49 -34.10
N ASN F 102 7.21 0.14 -35.27
CA ASN F 102 8.42 0.63 -35.93
C ASN F 102 8.75 2.08 -35.59
N VAL F 103 10.05 2.38 -35.57
CA VAL F 103 10.50 3.75 -35.42
C VAL F 103 9.88 4.61 -36.53
N GLY F 104 9.16 5.66 -36.14
CA GLY F 104 8.51 6.51 -37.12
C GLY F 104 6.99 6.47 -37.04
N ASP F 105 6.47 5.40 -36.42
CA ASP F 105 5.03 5.28 -36.23
C ASP F 105 4.60 6.33 -35.19
N MET F 106 3.30 6.47 -35.02
CA MET F 106 2.80 7.33 -33.98
CA MET F 106 2.73 7.38 -34.02
C MET F 106 1.89 6.58 -33.04
N ILE F 107 2.07 6.84 -31.76
CA ILE F 107 1.28 6.18 -30.74
C ILE F 107 0.41 7.22 -30.04
N VAL F 108 -0.90 7.00 -30.08
CA VAL F 108 -1.80 7.82 -29.29
C VAL F 108 -2.21 7.00 -28.06
N THR F 109 -1.99 7.59 -26.88
CA THR F 109 -2.19 6.95 -25.57
C THR F 109 -3.67 6.91 -25.19
N THR F 110 -4.17 5.73 -24.83
CA THR F 110 -5.59 5.52 -24.52
C THR F 110 -5.77 5.32 -23.01
N GLY F 111 -4.67 5.04 -22.34
CA GLY F 111 -4.61 5.01 -20.90
C GLY F 111 -3.14 4.87 -20.54
N SER F 112 -2.75 5.44 -19.40
CA SER F 112 -1.39 5.26 -18.95
C SER F 112 -1.27 4.43 -17.67
N VAL F 113 -0.28 3.55 -17.65
CA VAL F 113 0.18 2.88 -16.44
C VAL F 113 0.85 3.96 -15.58
N ARG F 114 0.47 4.05 -14.31
CA ARG F 114 0.92 5.15 -13.47
C ARG F 114 2.19 4.86 -12.67
N LEU F 115 3.34 4.97 -13.33
CA LEU F 115 4.63 4.69 -12.70
C LEU F 115 5.26 6.01 -12.25
N ASP F 116 4.41 6.88 -11.72
CA ASP F 116 4.78 8.24 -11.40
C ASP F 116 4.20 8.59 -10.05
N GLY F 117 4.63 9.73 -9.51
CA GLY F 117 4.15 10.14 -8.20
C GLY F 117 3.13 11.27 -8.19
N ALA F 118 3.19 12.16 -9.18
CA ALA F 118 2.37 13.38 -9.19
C ALA F 118 0.90 13.08 -9.48
N SER F 119 0.66 12.05 -10.27
CA SER F 119 -0.73 11.62 -10.53
C SER F 119 -1.46 11.37 -9.20
N LEU F 120 -0.73 10.89 -8.18
CA LEU F 120 -1.29 10.61 -6.84
C LEU F 120 -1.68 11.88 -6.04
N HIS F 121 -1.24 13.04 -6.53
CA HIS F 121 -1.49 14.26 -5.80
C HIS F 121 -2.82 14.85 -6.28
N PHE F 122 -3.40 14.23 -7.31
CA PHE F 122 -4.68 14.64 -7.86
C PHE F 122 -5.76 13.58 -7.69
N ALA F 123 -5.35 12.31 -7.65
CA ALA F 123 -6.31 11.23 -7.54
C ALA F 123 -5.64 9.96 -7.08
N PRO F 124 -6.38 9.11 -6.33
CA PRO F 124 -5.79 7.85 -5.87
C PRO F 124 -5.54 6.92 -7.05
N MET F 125 -4.65 5.95 -6.83
CA MET F 125 -4.18 5.06 -7.91
C MET F 125 -5.31 4.35 -8.68
N GLU F 126 -6.41 4.02 -7.99
CA GLU F 126 -7.54 3.35 -8.61
C GLU F 126 -8.16 4.16 -9.76
N PHE F 127 -8.00 5.49 -9.72
CA PHE F 127 -8.51 6.36 -10.77
C PHE F 127 -7.70 6.11 -12.08
N PRO F 128 -8.38 6.11 -13.23
CA PRO F 128 -7.65 5.78 -14.47
C PRO F 128 -6.98 7.00 -15.10
N ALA F 129 -5.71 6.87 -15.49
CA ALA F 129 -5.05 7.96 -16.21
C ALA F 129 -5.48 7.88 -17.67
N VAL F 130 -6.60 8.52 -17.96
CA VAL F 130 -7.26 8.34 -19.24
C VAL F 130 -7.37 9.69 -19.96
N PRO F 131 -7.18 9.69 -21.29
CA PRO F 131 -7.32 10.97 -22.01
C PRO F 131 -8.76 11.32 -22.34
N ASP F 132 -8.96 12.56 -22.74
CA ASP F 132 -10.28 12.98 -23.19
C ASP F 132 -10.60 12.30 -24.52
N PHE F 133 -11.80 11.74 -24.64
CA PHE F 133 -12.08 10.93 -25.82
C PHE F 133 -11.98 11.73 -27.10
N ASP F 134 -12.33 13.00 -27.04
CA ASP F 134 -12.26 13.84 -28.23
C ASP F 134 -10.84 14.17 -28.64
N VAL F 135 -9.96 14.45 -27.67
CA VAL F 135 -8.58 14.72 -27.97
C VAL F 135 -7.92 13.46 -28.61
N ALA F 136 -8.22 12.27 -28.09
CA ALA F 136 -7.63 11.03 -28.64
C ALA F 136 -8.09 10.76 -30.08
N THR F 137 -9.33 11.16 -30.36
CA THR F 137 -9.98 10.89 -31.66
C THR F 137 -9.37 11.79 -32.72
N ALA F 138 -9.34 13.08 -32.39
CA ALA F 138 -8.75 14.11 -33.21
C ALA F 138 -7.31 13.75 -33.48
N MET F 139 -6.61 13.30 -32.44
CA MET F 139 -5.21 12.98 -32.56
C MET F 139 -4.96 11.81 -33.50
N LYS F 140 -5.76 10.77 -33.35
CA LYS F 140 -5.61 9.59 -34.18
C LYS F 140 -5.91 9.99 -35.63
N ALA F 141 -6.90 10.84 -35.83
CA ALA F 141 -7.29 11.25 -37.18
C ALA F 141 -6.20 12.06 -37.84
N ALA F 142 -5.63 13.01 -37.08
CA ALA F 142 -4.51 13.81 -37.55
C ALA F 142 -3.32 12.93 -37.91
N ALA F 143 -3.14 11.87 -37.14
CA ALA F 143 -1.97 11.01 -37.30
C ALA F 143 -2.07 10.18 -38.58
N GLN F 144 -3.24 9.61 -38.83
CA GLN F 144 -3.49 8.85 -40.06
C GLN F 144 -3.32 9.76 -41.28
N GLU F 145 -3.97 10.92 -41.23
CA GLU F 145 -4.00 11.87 -42.35
C GLU F 145 -2.61 12.37 -42.78
N SER F 146 -1.62 12.21 -41.91
CA SER F 146 -0.29 12.75 -42.13
C SER F 146 0.62 11.70 -42.76
N GLY F 147 0.08 10.50 -42.96
CA GLY F 147 0.79 9.46 -43.68
C GLY F 147 1.67 8.60 -42.81
N ALA F 148 1.31 8.47 -41.54
CA ALA F 148 2.04 7.55 -40.67
C ALA F 148 1.17 6.38 -40.26
N THR F 149 1.80 5.29 -39.85
CA THR F 149 1.07 4.20 -39.23
C THR F 149 0.75 4.64 -37.82
N VAL F 150 -0.41 4.21 -37.33
CA VAL F 150 -0.90 4.75 -36.08
C VAL F 150 -1.31 3.63 -35.16
N HIS F 151 -0.84 3.69 -33.91
CA HIS F 151 -1.28 2.76 -32.88
C HIS F 151 -2.00 3.46 -31.71
N MET F 152 -3.11 2.87 -31.29
CA MET F 152 -3.82 3.31 -30.10
C MET F 152 -3.59 2.24 -29.03
N GLY F 153 -3.38 2.66 -27.79
CA GLY F 153 -3.15 1.71 -26.72
C GLY F 153 -2.46 2.32 -25.50
N VAL F 154 -2.14 1.45 -24.55
CA VAL F 154 -1.62 1.84 -23.27
C VAL F 154 -0.12 2.14 -23.26
N THR F 155 0.19 3.19 -22.53
CA THR F 155 1.55 3.70 -22.41
C THR F 155 1.98 3.59 -20.95
N ALA F 156 3.18 3.06 -20.70
CA ALA F 156 3.70 3.12 -19.33
C ALA F 156 4.48 4.41 -19.06
N SER F 157 4.00 5.17 -18.09
CA SER F 157 4.51 6.49 -17.80
C SER F 157 5.30 6.55 -16.50
N SER F 158 6.61 6.74 -16.65
CA SER F 158 7.57 6.52 -15.57
C SER F 158 8.17 7.83 -15.08
N ASP F 159 8.38 7.92 -13.77
CA ASP F 159 8.99 9.11 -13.16
C ASP F 159 10.51 9.10 -13.42
N THR F 160 11.03 7.99 -13.89
CA THR F 160 12.45 7.93 -14.32
C THR F 160 12.55 7.46 -15.76
N PHE F 161 13.68 7.78 -16.37
CA PHE F 161 14.01 7.36 -17.74
C PHE F 161 14.81 6.08 -17.66
N TYR F 162 15.42 5.84 -16.50
CA TYR F 162 16.35 4.73 -16.37
C TYR F 162 15.75 3.50 -15.62
N PRO F 163 15.88 3.38 -14.28
CA PRO F 163 15.30 2.12 -13.75
C PRO F 163 13.80 1.86 -13.95
N GLY F 164 12.94 2.88 -13.82
CA GLY F 164 11.52 2.72 -14.08
C GLY F 164 11.13 2.27 -15.48
N GLN F 165 12.09 2.28 -16.41
CA GLN F 165 11.92 1.79 -17.77
C GLN F 165 12.89 0.62 -17.99
N GLU F 166 13.33 0.06 -16.86
CA GLU F 166 14.25 -1.06 -16.79
C GLU F 166 15.42 -0.92 -17.77
N ARG F 167 16.27 0.07 -17.53
CA ARG F 167 17.55 0.21 -18.24
C ARG F 167 18.66 -0.19 -17.28
N TYR F 168 19.55 -1.06 -17.74
CA TYR F 168 20.62 -1.54 -16.89
C TYR F 168 21.94 -0.95 -17.36
N ASP F 169 21.88 -0.25 -18.48
CA ASP F 169 23.02 0.45 -19.06
C ASP F 169 23.25 1.76 -18.31
N THR F 170 23.54 1.66 -17.01
CA THR F 170 23.50 2.82 -16.12
C THR F 170 24.70 2.85 -15.19
N PHE F 171 24.76 3.81 -14.27
CA PHE F 171 25.95 3.89 -13.42
C PHE F 171 26.06 2.69 -12.47
N THR F 172 24.96 2.30 -11.85
CA THR F 172 24.99 1.17 -10.93
C THR F 172 24.76 -0.12 -11.66
N GLY F 173 24.04 -0.05 -12.77
CA GLY F 173 23.75 -1.23 -13.57
C GLY F 173 22.74 -2.16 -12.94
N ARG F 174 21.93 -1.61 -12.02
CA ARG F 174 20.96 -2.40 -11.28
C ARG F 174 19.61 -1.67 -11.16
N VAL F 175 18.55 -2.46 -10.94
CA VAL F 175 17.18 -1.96 -10.91
C VAL F 175 16.50 -2.45 -9.64
N VAL F 176 15.77 -1.56 -8.99
CA VAL F 176 15.05 -1.90 -7.76
C VAL F 176 13.97 -2.97 -8.05
N ARG F 177 13.86 -3.92 -7.12
CA ARG F 177 12.90 -5.00 -7.17
C ARG F 177 11.59 -4.76 -7.94
N ARG F 178 10.83 -3.74 -7.54
CA ARG F 178 9.61 -3.34 -8.22
C ARG F 178 9.70 -3.29 -9.74
N PHE F 179 10.78 -2.72 -10.26
CA PHE F 179 10.95 -2.61 -11.71
C PHE F 179 11.83 -3.70 -12.33
N GLN F 180 12.18 -4.68 -11.51
CA GLN F 180 12.97 -5.79 -12.03
C GLN F 180 12.06 -6.76 -12.76
N GLY F 181 12.24 -6.86 -14.08
CA GLY F 181 11.41 -7.72 -14.92
C GLY F 181 10.15 -7.02 -15.43
N SER F 182 10.05 -5.72 -15.17
CA SER F 182 8.83 -4.98 -15.45
C SER F 182 8.59 -4.72 -16.94
N MET F 183 9.66 -4.62 -17.73
CA MET F 183 9.47 -4.36 -19.16
C MET F 183 8.74 -5.51 -19.83
N LYS F 184 9.14 -6.73 -19.49
CA LYS F 184 8.54 -7.93 -20.05
C LYS F 184 7.09 -8.06 -19.59
N GLU F 185 6.80 -7.55 -18.40
CA GLU F 185 5.43 -7.57 -17.87
C GLU F 185 4.49 -6.63 -18.67
N TRP F 186 4.90 -5.38 -18.87
CA TRP F 186 4.16 -4.45 -19.75
C TRP F 186 4.00 -4.99 -21.17
N GLN F 187 5.04 -5.66 -21.69
CA GLN F 187 4.99 -6.25 -23.02
C GLN F 187 3.91 -7.31 -23.09
N ASP F 188 3.99 -8.24 -22.15
CA ASP F 188 3.00 -9.29 -22.02
C ASP F 188 1.59 -8.73 -21.75
N MET F 189 1.52 -7.48 -21.26
CA MET F 189 0.21 -6.84 -21.10
C MET F 189 -0.27 -5.99 -22.28
N GLY F 190 0.53 -5.86 -23.33
CA GLY F 190 0.09 -5.12 -24.51
C GLY F 190 0.42 -3.63 -24.49
N VAL F 191 1.14 -3.20 -23.46
CA VAL F 191 1.62 -1.82 -23.38
C VAL F 191 2.50 -1.50 -24.60
N LEU F 192 2.29 -0.33 -25.19
CA LEU F 192 2.95 -0.01 -26.46
C LEU F 192 4.35 0.57 -26.28
N ASN F 193 4.51 1.42 -25.27
CA ASN F 193 5.71 2.24 -25.19
C ASN F 193 5.96 2.82 -23.80
N PHE F 194 7.12 3.47 -23.64
CA PHE F 194 7.43 4.19 -22.42
C PHE F 194 7.55 5.69 -22.66
N GLU F 195 7.01 6.50 -21.75
CA GLU F 195 7.40 7.90 -21.66
C GLU F 195 7.27 8.47 -20.23
N MET F 196 7.40 9.78 -20.07
CA MET F 196 7.59 10.25 -18.70
C MET F 196 6.52 11.17 -18.13
N GLU F 197 5.55 11.60 -18.95
CA GLU F 197 4.64 12.65 -18.50
C GLU F 197 3.15 12.36 -18.62
N SER F 198 2.79 11.34 -19.39
CA SER F 198 1.37 11.11 -19.67
C SER F 198 0.53 10.76 -18.43
N ALA F 199 1.11 10.06 -17.44
CA ALA F 199 0.33 9.64 -16.27
C ALA F 199 -0.13 10.82 -15.46
N THR F 200 0.77 11.77 -15.23
CA THR F 200 0.40 12.93 -14.43
C THR F 200 -0.60 13.82 -15.16
N LEU F 201 -0.27 14.19 -16.39
CA LEU F 201 -1.18 14.95 -17.24
C LEU F 201 -2.60 14.36 -17.29
N LEU F 202 -2.69 13.13 -17.77
CA LEU F 202 -4.01 12.52 -17.99
C LEU F 202 -4.82 12.42 -16.71
N THR F 203 -4.17 12.01 -15.62
CA THR F 203 -4.88 11.87 -14.36
C THR F 203 -5.35 13.24 -13.86
N MET F 204 -4.41 14.18 -13.71
CA MET F 204 -4.73 15.50 -13.24
C MET F 204 -5.85 16.12 -14.09
N CYS F 205 -5.73 16.09 -15.42
CA CYS F 205 -6.75 16.65 -16.28
C CYS F 205 -8.07 15.89 -16.18
N ALA F 206 -8.02 14.55 -16.28
CA ALA F 206 -9.24 13.73 -16.15
C ALA F 206 -9.94 13.87 -14.81
N SER F 207 -9.19 14.17 -13.76
CA SER F 207 -9.84 14.35 -12.45
C SER F 207 -10.13 15.81 -12.10
N SER F 208 -9.87 16.72 -13.03
CA SER F 208 -10.01 18.14 -12.75
C SER F 208 -10.83 18.90 -13.81
N GLY F 209 -11.62 18.17 -14.60
CA GLY F 209 -12.49 18.82 -15.58
C GLY F 209 -11.68 19.52 -16.66
N LEU F 210 -10.52 18.97 -16.98
CA LEU F 210 -9.72 19.48 -18.08
C LEU F 210 -9.65 18.37 -19.10
N LYS F 211 -9.58 18.73 -20.37
CA LYS F 211 -9.51 17.69 -21.39
C LYS F 211 -8.10 17.64 -21.94
N ALA F 212 -7.61 16.41 -22.15
CA ALA F 212 -6.20 16.23 -22.51
C ALA F 212 -5.95 14.93 -23.26
N GLY F 213 -4.81 14.90 -23.96
CA GLY F 213 -4.41 13.74 -24.74
C GLY F 213 -2.92 13.76 -25.02
N CYS F 214 -2.35 12.59 -25.35
CA CYS F 214 -0.90 12.49 -25.61
CA CYS F 214 -0.91 12.50 -25.62
C CYS F 214 -0.60 11.75 -26.90
N VAL F 215 0.21 12.37 -27.75
CA VAL F 215 0.66 11.69 -28.95
C VAL F 215 2.18 11.85 -29.03
N ALA F 216 2.87 10.77 -29.39
CA ALA F 216 4.33 10.72 -29.47
C ALA F 216 4.82 9.97 -30.70
N GLY F 217 6.00 10.33 -31.16
CA GLY F 217 6.65 9.65 -32.26
C GLY F 217 7.65 8.66 -31.72
N VAL F 218 7.66 7.47 -32.32
CA VAL F 218 8.58 6.42 -31.92
C VAL F 218 9.98 6.71 -32.44
N ILE F 219 10.95 6.87 -31.54
CA ILE F 219 12.32 7.16 -31.97
C ILE F 219 13.28 6.01 -31.64
N ILE F 220 12.75 4.94 -31.07
CA ILE F 220 13.52 3.77 -30.71
C ILE F 220 12.57 2.62 -30.39
N ASN F 221 13.01 1.41 -30.68
CA ASN F 221 12.29 0.23 -30.25
C ASN F 221 13.27 -0.72 -29.62
N ARG F 222 13.10 -0.91 -28.31
CA ARG F 222 14.03 -1.70 -27.52
C ARG F 222 14.11 -3.15 -27.99
N THR F 223 13.08 -3.58 -28.73
CA THR F 223 12.96 -4.97 -29.16
C THR F 223 13.57 -5.18 -30.55
N GLN F 224 13.67 -4.11 -31.33
CA GLN F 224 14.23 -4.20 -32.67
C GLN F 224 15.75 -3.95 -32.67
N LYS F 225 16.52 -4.94 -33.11
CA LYS F 225 17.98 -4.84 -33.22
C LYS F 225 18.40 -3.71 -34.16
N GLU F 226 17.53 -3.40 -35.11
CA GLU F 226 17.78 -2.33 -36.07
C GLU F 226 18.20 -1.04 -35.39
N ILE F 227 19.01 -0.26 -36.10
CA ILE F 227 19.37 1.09 -35.65
C ILE F 227 18.82 2.07 -36.67
N PRO F 228 17.96 3.00 -36.22
CA PRO F 228 17.36 4.01 -37.11
C PRO F 228 18.37 5.03 -37.64
N ASP F 229 17.86 6.02 -38.36
CA ASP F 229 18.70 7.05 -38.98
C ASP F 229 18.45 8.42 -38.36
N HIS F 230 18.92 9.46 -39.06
CA HIS F 230 18.71 10.84 -38.66
C HIS F 230 17.74 11.52 -39.62
N ALA F 231 17.59 10.94 -40.81
CA ALA F 231 16.63 11.44 -41.77
C ALA F 231 15.22 11.24 -41.26
N THR F 232 14.84 9.98 -41.02
CA THR F 232 13.51 9.67 -40.51
C THR F 232 13.35 10.11 -39.05
N LEU F 233 14.46 10.32 -38.34
CA LEU F 233 14.41 10.90 -37.00
C LEU F 233 13.88 12.33 -37.08
N LYS F 234 14.57 13.17 -37.85
CA LYS F 234 14.17 14.55 -38.08
C LYS F 234 12.80 14.58 -38.75
N GLU F 235 12.54 13.59 -39.60
CA GLU F 235 11.28 13.48 -40.31
C GLU F 235 10.07 13.25 -39.39
N THR F 236 10.23 12.33 -38.44
CA THR F 236 9.08 11.92 -37.63
C THR F 236 8.90 12.79 -36.39
N GLU F 237 9.88 13.62 -36.10
CA GLU F 237 9.70 14.62 -35.07
C GLU F 237 9.02 15.82 -35.71
N ALA F 238 9.39 16.09 -36.96
CA ALA F 238 8.68 17.10 -37.74
C ALA F 238 7.26 16.63 -37.94
N ARG F 239 7.10 15.32 -38.16
CA ARG F 239 5.80 14.73 -38.32
C ARG F 239 4.90 14.89 -37.08
N SER F 240 5.46 14.55 -35.92
CA SER F 240 4.70 14.55 -34.68
CA SER F 240 4.72 14.54 -34.68
C SER F 240 4.10 15.91 -34.36
N ILE F 241 4.93 16.96 -34.40
CA ILE F 241 4.44 18.31 -34.11
C ILE F 241 3.50 18.84 -35.21
N LYS F 242 3.73 18.39 -36.43
CA LYS F 242 2.80 18.69 -37.52
C LYS F 242 1.48 17.98 -37.24
N VAL F 243 1.55 16.79 -36.66
CA VAL F 243 0.35 16.03 -36.32
C VAL F 243 -0.37 16.66 -35.15
N VAL F 244 0.38 17.13 -34.16
CA VAL F 244 -0.24 17.68 -32.98
C VAL F 244 -0.97 18.98 -33.29
N VAL F 245 -0.59 19.63 -34.39
CA VAL F 245 -1.22 20.90 -34.78
C VAL F 245 -2.50 20.67 -35.57
N GLU F 246 -2.54 19.58 -36.33
CA GLU F 246 -3.76 19.19 -37.03
C GLU F 246 -4.78 18.63 -36.05
N ALA F 247 -4.29 18.03 -34.98
CA ALA F 247 -5.17 17.51 -33.94
C ALA F 247 -5.83 18.68 -33.22
N ALA F 248 -5.04 19.71 -32.94
CA ALA F 248 -5.51 20.90 -32.24
C ALA F 248 -6.56 21.60 -33.09
N ARG F 249 -6.29 21.67 -34.40
CA ARG F 249 -7.21 22.29 -35.34
C ARG F 249 -8.55 21.59 -35.32
N LYS F 250 -8.53 20.26 -35.36
CA LYS F 250 -9.77 19.47 -35.26
C LYS F 250 -10.54 19.73 -33.96
N MET F 251 -9.80 20.06 -32.90
CA MET F 251 -10.37 20.28 -31.58
C MET F 251 -11.01 21.67 -31.46
N LEU F 252 -10.61 22.58 -32.34
CA LEU F 252 -11.05 23.97 -32.31
C LEU F 252 -12.41 24.12 -32.96
N LYS F 253 -12.65 23.30 -33.98
CA LYS F 253 -13.96 23.10 -34.63
C LYS F 253 -13.76 22.28 -35.90
#